data_4KNG
#
_entry.id   4KNG
#
_cell.length_a   104.575
_cell.length_b   120.971
_cell.length_c   181.009
_cell.angle_alpha   90.00
_cell.angle_beta   90.00
_cell.angle_gamma   90.00
#
_symmetry.space_group_name_H-M   'P 21 21 21'
#
loop_
_entity.id
_entity.type
_entity.pdbx_description
1 polymer 'Leucine-rich repeat-containing G-protein coupled receptor 5'
2 polymer R-spondin-1
3 polymer 'E3 ubiquitin-protein ligase RNF43'
4 non-polymer 2-acetamido-2-deoxy-beta-D-glucopyranose
5 non-polymer 'NICKEL (II) ION'
6 water water
#
loop_
_entity_poly.entity_id
_entity_poly.type
_entity_poly.pdbx_seq_one_letter_code
_entity_poly.pdbx_strand_id
1 'polypeptide(L)'
;GPRGCPTHCHCEPDGRMLLRVDCSDLGLSELPSNLSVFTSYLDLSMNNISQLLPNPLPSLRFLEELRLAGNALTYIPKGA
FTGLYSLKVLMLQNNQLRHVPTEALQNLRSLQSLRLDANHISYVPPSCFSGLHSLRHLWLDDNALTEIPVQAFRSLSALQ
AMTLALNKIHHIPDYAFGNLSSLVVLHLHNNRIHSLGKKCFDGLHSLETLDLNYNNLDEFPTAIRTLSNLKELGFHSNNI
RSIPEKAFVGNPSLITIHFYDNPIQFVGRSAFQHLPELRTLTLNGASQITEFPDLTGTANLESLTLTGAQISSLPQTVCN
QLPNLQVLDLSYNLLEDLPSFSVCQKLQKIDLRHNEIYEIKVDTFQQLLSLRSLNLAWNKIAIIHPNAFSTLPSLIKLDL
SSNLLSSFPITGLHGLTHLKLTGNHALQSLISSENFPELKVIEMPYAYQCCAFGVCENAYKISNQWNKGDNSSMDDLHKK
DAGMFQAQDERDLEDFLLDFEEDLKALHSVQCSPSPGPFKPCEHLLDGAAA
;
A,B
2 'polypeptide(L)'
;GPEGSQACAKGCELCSEVNGCLKCSPKLFILLERNDIRQVGVCLPSCPPGYFDARNPDMNKCIKCKIEHCEACFSHNFCT
KCKEGLYLHKGRCYPACPEGSSAANGTMECSSAAA
;
M,P
3 'polypeptide(L)'
;GPQKAIIRVIPLKMDPTGKLNLTLEGVFAGVAEITPAEGKLMQSHPLYLCNASDDDNLEPGFISIVKLESPRRAPRPCLS
LASKARMAGERGASAVLFDITEDRAAAEQLQQPLGLTWPVVLIWGNDAEKLMEFVYKNQKAHVRIELKEPPAWPDYDAAA
;
E,F
#
# COMPACT_ATOMS: atom_id res chain seq x y z
N GLY A 1 41.54 -46.45 -2.65
CA GLY A 1 41.64 -47.41 -1.52
C GLY A 1 41.61 -46.70 -0.17
N PRO A 2 42.65 -45.86 0.12
CA PRO A 2 42.76 -45.03 1.34
C PRO A 2 42.15 -43.62 1.16
N ARG A 3 42.56 -42.92 0.08
CA ARG A 3 41.73 -41.91 -0.57
C ARG A 3 40.67 -42.69 -1.31
N GLY A 4 39.42 -42.35 -1.08
CA GLY A 4 38.36 -43.19 -1.58
C GLY A 4 37.05 -42.45 -1.71
N CYS A 5 36.47 -42.53 -2.91
CA CYS A 5 35.13 -42.00 -3.16
C CYS A 5 34.14 -43.12 -2.85
N PRO A 6 33.09 -42.82 -2.08
CA PRO A 6 31.99 -43.77 -1.97
C PRO A 6 31.25 -43.84 -3.29
N THR A 7 30.47 -44.90 -3.43
CA THR A 7 30.12 -45.43 -4.74
C THR A 7 29.66 -44.38 -5.75
N HIS A 8 28.60 -43.63 -5.43
CA HIS A 8 27.97 -42.76 -6.42
C HIS A 8 28.27 -41.25 -6.29
N CYS A 9 29.22 -40.90 -5.41
CA CYS A 9 29.53 -39.51 -5.14
C CYS A 9 30.53 -39.07 -6.18
N HIS A 10 30.71 -37.76 -6.32
CA HIS A 10 31.82 -37.23 -7.09
C HIS A 10 32.88 -36.64 -6.15
N CYS A 11 34.12 -37.07 -6.31
CA CYS A 11 35.25 -36.61 -5.49
C CYS A 11 36.25 -35.77 -6.28
N GLU A 12 37.17 -35.14 -5.56
CA GLU A 12 38.13 -34.22 -6.14
C GLU A 12 39.30 -34.04 -5.17
N PRO A 13 40.51 -33.86 -5.70
CA PRO A 13 41.61 -33.56 -4.80
C PRO A 13 41.50 -32.13 -4.23
N ASP A 14 41.57 -32.00 -2.91
CA ASP A 14 41.77 -30.70 -2.27
C ASP A 14 43.20 -30.65 -1.81
N GLY A 15 43.96 -29.70 -2.36
CA GLY A 15 45.39 -29.70 -2.15
C GLY A 15 45.98 -30.98 -2.70
N ARG A 16 47.08 -31.42 -2.13
CA ARG A 16 47.67 -32.68 -2.56
C ARG A 16 47.60 -33.79 -1.55
N MET A 17 47.02 -33.55 -0.38
CA MET A 17 46.79 -34.62 0.59
C MET A 17 45.29 -34.87 0.89
N LEU A 18 44.42 -33.90 0.58
CA LEU A 18 43.04 -33.91 1.08
C LEU A 18 42.03 -34.10 -0.02
N LEU A 19 40.81 -34.44 0.40
CA LEU A 19 39.79 -34.90 -0.53
C LEU A 19 38.46 -34.18 -0.36
N ARG A 20 37.93 -33.73 -1.48
CA ARG A 20 36.65 -33.00 -1.51
C ARG A 20 35.56 -33.93 -2.06
N VAL A 21 34.66 -34.35 -1.18
CA VAL A 21 33.65 -35.37 -1.44
C VAL A 21 32.21 -34.83 -1.55
N ASP A 22 31.60 -34.97 -2.74
CA ASP A 22 30.24 -34.48 -2.97
C ASP A 22 29.29 -35.65 -3.14
N CYS A 23 28.53 -35.99 -2.12
CA CYS A 23 27.57 -37.02 -2.29
C CYS A 23 26.29 -36.42 -2.81
N SER A 24 25.48 -35.85 -1.95
CA SER A 24 24.49 -34.84 -2.40
C SER A 24 23.53 -35.22 -3.54
N ASP A 25 22.27 -35.41 -3.15
CA ASP A 25 21.15 -35.67 -4.08
C ASP A 25 21.24 -37.04 -4.77
N LEU A 26 21.36 -38.06 -3.94
CA LEU A 26 21.19 -39.45 -4.29
C LEU A 26 20.49 -39.93 -3.04
N GLY A 27 19.17 -40.03 -3.04
CA GLY A 27 18.46 -40.25 -1.78
C GLY A 27 19.20 -41.28 -0.95
N LEU A 28 19.60 -40.94 0.28
CA LEU A 28 20.36 -41.86 1.13
C LEU A 28 19.86 -41.85 2.56
N SER A 29 20.34 -42.80 3.36
CA SER A 29 20.45 -42.63 4.80
C SER A 29 21.95 -42.79 5.29
N GLU A 30 22.18 -43.35 6.47
CA GLU A 30 23.45 -43.10 7.20
C GLU A 30 24.73 -43.10 6.39
N LEU A 31 24.88 -44.17 5.62
CA LEU A 31 25.95 -44.28 4.65
C LEU A 31 26.09 -42.85 4.14
N PRO A 32 27.28 -42.43 3.75
CA PRO A 32 28.36 -43.21 3.19
C PRO A 32 29.17 -44.03 4.17
N SER A 33 29.90 -44.98 3.62
CA SER A 33 30.52 -46.05 4.37
C SER A 33 32.05 -45.93 4.41
N ASN A 34 32.61 -45.66 3.23
CA ASN A 34 34.05 -45.77 2.98
C ASN A 34 34.61 -44.38 2.69
N LEU A 35 34.54 -43.55 3.71
CA LEU A 35 34.93 -42.17 3.58
C LEU A 35 36.38 -42.01 3.99
N SER A 36 37.16 -41.43 3.08
CA SER A 36 38.58 -41.23 3.28
C SER A 36 38.80 -40.38 4.47
N VAL A 37 39.71 -40.84 5.32
CA VAL A 37 40.07 -40.10 6.50
C VAL A 37 40.66 -38.74 6.09
N PHE A 38 40.96 -38.57 4.81
CA PHE A 38 41.50 -37.31 4.29
C PHE A 38 40.46 -36.37 3.68
N THR A 39 39.21 -36.49 4.12
CA THR A 39 38.15 -35.75 3.47
C THR A 39 38.04 -34.42 4.19
N SER A 40 38.13 -33.35 3.41
CA SER A 40 38.10 -31.99 3.95
C SER A 40 36.76 -31.28 3.75
N TYR A 41 36.00 -31.70 2.74
CA TYR A 41 34.71 -31.11 2.36
C TYR A 41 33.76 -32.23 2.09
N LEU A 42 32.62 -32.25 2.77
CA LEU A 42 31.64 -33.34 2.55
C LEU A 42 30.25 -32.79 2.40
N ASP A 43 29.72 -32.86 1.18
CA ASP A 43 28.37 -32.44 0.89
C ASP A 43 27.37 -33.63 0.96
N LEU A 44 26.56 -33.65 2.00
CA LEU A 44 25.50 -34.64 2.09
C LEU A 44 24.13 -33.97 1.97
N SER A 45 24.10 -32.81 1.33
CA SER A 45 22.83 -32.12 1.08
C SER A 45 21.81 -32.98 0.35
N MET A 46 20.54 -32.62 0.54
CA MET A 46 19.45 -33.06 -0.33
C MET A 46 19.34 -34.59 -0.46
N ASN A 47 19.50 -35.28 0.66
CA ASN A 47 19.30 -36.69 0.70
C ASN A 47 18.07 -36.98 1.57
N ASN A 48 18.01 -38.13 2.22
CA ASN A 48 16.84 -38.52 3.01
C ASN A 48 17.25 -38.96 4.42
N ILE A 49 18.32 -38.34 4.89
CA ILE A 49 18.93 -38.73 6.15
C ILE A 49 18.05 -38.14 7.25
N SER A 50 17.46 -39.02 8.03
CA SER A 50 16.51 -38.61 9.06
C SER A 50 17.15 -38.82 10.41
N GLN A 51 18.23 -39.58 10.41
CA GLN A 51 18.87 -39.92 11.64
C GLN A 51 20.34 -40.29 11.32
N LEU A 52 21.24 -39.96 12.23
CA LEU A 52 22.66 -39.93 11.91
C LEU A 52 23.36 -41.26 12.26
N LEU A 53 23.34 -41.57 13.55
CA LEU A 53 23.97 -42.79 14.07
C LEU A 53 23.20 -44.02 13.59
N PRO A 54 23.85 -44.98 12.87
CA PRO A 54 25.28 -45.26 12.60
C PRO A 54 26.08 -44.12 12.00
N ASN A 55 26.82 -43.43 12.87
CA ASN A 55 27.59 -42.26 12.47
C ASN A 55 28.89 -42.73 11.85
N PRO A 56 28.93 -42.80 10.52
CA PRO A 56 29.99 -43.56 9.92
C PRO A 56 31.36 -42.95 10.19
N LEU A 57 31.40 -41.67 10.55
CA LEU A 57 32.68 -41.00 10.67
C LEU A 57 32.75 -39.87 11.69
N PRO A 58 33.30 -40.20 12.87
CA PRO A 58 33.99 -39.34 13.82
C PRO A 58 35.51 -39.47 13.69
N SER A 59 35.97 -40.06 12.59
CA SER A 59 37.40 -40.17 12.32
C SER A 59 37.89 -39.08 11.35
N LEU A 60 37.00 -38.21 10.87
CA LEU A 60 37.38 -37.25 9.84
C LEU A 60 38.04 -36.01 10.46
N ARG A 61 39.29 -36.23 10.86
CA ARG A 61 40.17 -35.27 11.53
C ARG A 61 40.32 -34.00 10.70
N PHE A 62 40.26 -34.16 9.38
CA PHE A 62 40.56 -33.05 8.51
C PHE A 62 39.36 -32.34 7.95
N LEU A 63 38.16 -32.74 8.37
CA LEU A 63 36.92 -32.18 7.80
C LEU A 63 36.70 -30.75 8.20
N GLU A 64 36.70 -29.86 7.21
CA GLU A 64 36.53 -28.44 7.47
C GLU A 64 35.10 -27.96 7.30
N GLU A 65 34.41 -28.58 6.33
CA GLU A 65 33.06 -28.18 5.96
C GLU A 65 32.15 -29.41 5.81
N LEU A 66 31.11 -29.46 6.65
CA LEU A 66 30.09 -30.50 6.51
C LEU A 66 28.66 -29.98 6.21
N ARG A 67 28.14 -30.36 5.04
CA ARG A 67 26.82 -29.94 4.53
C ARG A 67 25.74 -31.04 4.70
N LEU A 68 24.78 -30.78 5.57
CA LEU A 68 23.66 -31.71 5.80
C LEU A 68 22.33 -31.01 5.49
N ALA A 69 22.44 -29.95 4.70
CA ALA A 69 21.26 -29.14 4.35
C ALA A 69 20.31 -30.03 3.62
N GLY A 70 19.02 -29.88 3.90
CA GLY A 70 17.99 -30.40 2.99
C GLY A 70 17.77 -31.89 3.16
N ASN A 71 17.75 -32.32 4.41
CA ASN A 71 17.47 -33.71 4.69
C ASN A 71 16.19 -33.74 5.50
N ALA A 72 16.06 -34.73 6.37
CA ALA A 72 14.89 -34.83 7.17
C ALA A 72 15.28 -34.89 8.64
N LEU A 73 16.22 -34.07 9.06
CA LEU A 73 16.71 -34.17 10.41
C LEU A 73 15.73 -33.52 11.34
N THR A 74 15.35 -34.23 12.39
CA THR A 74 14.48 -33.64 13.42
C THR A 74 15.19 -33.55 14.74
N TYR A 75 16.33 -34.21 14.84
CA TYR A 75 17.07 -34.33 16.11
C TYR A 75 18.57 -34.56 15.86
N ILE A 76 19.40 -33.89 16.65
CA ILE A 76 20.84 -34.06 16.54
C ILE A 76 21.41 -34.55 17.87
N PRO A 77 21.93 -35.80 17.85
CA PRO A 77 22.40 -36.39 19.09
C PRO A 77 23.66 -35.71 19.61
N LYS A 78 23.79 -35.72 20.93
CA LYS A 78 24.89 -35.08 21.64
C LYS A 78 26.27 -35.25 20.99
N GLY A 79 26.57 -36.43 20.48
CA GLY A 79 27.90 -36.67 19.98
C GLY A 79 27.96 -36.78 18.48
N ALA A 80 27.02 -36.14 17.80
CA ALA A 80 26.89 -36.36 16.37
C ALA A 80 28.16 -35.92 15.67
N PHE A 81 28.81 -34.94 16.26
CA PHE A 81 30.00 -34.35 15.69
C PHE A 81 31.27 -34.47 16.51
N THR A 82 31.32 -35.37 17.47
CA THR A 82 32.56 -35.49 18.23
C THR A 82 33.59 -36.07 17.25
N GLY A 83 34.84 -35.65 17.42
CA GLY A 83 35.89 -36.07 16.51
C GLY A 83 36.12 -35.13 15.34
N LEU A 84 35.22 -34.20 15.05
CA LEU A 84 35.45 -33.32 13.91
C LEU A 84 36.28 -32.12 14.34
N TYR A 85 37.58 -32.35 14.49
CA TYR A 85 38.45 -31.38 15.14
C TYR A 85 38.73 -30.22 14.25
N SER A 86 38.67 -30.42 12.95
CA SER A 86 38.91 -29.33 12.01
C SER A 86 37.64 -28.63 11.48
N LEU A 87 36.50 -28.81 12.17
CA LEU A 87 35.22 -28.38 11.60
C LEU A 87 34.99 -26.87 11.66
N LYS A 88 35.00 -26.28 10.47
CA LYS A 88 34.92 -24.84 10.33
C LYS A 88 33.49 -24.38 9.93
N VAL A 89 32.86 -25.20 9.08
CA VAL A 89 31.56 -24.86 8.52
C VAL A 89 30.55 -25.98 8.60
N LEU A 90 29.39 -25.71 9.17
CA LEU A 90 28.42 -26.76 9.41
C LEU A 90 27.07 -26.29 8.95
N MET A 91 26.45 -27.05 8.06
CA MET A 91 25.25 -26.60 7.37
C MET A 91 24.11 -27.51 7.70
N LEU A 92 23.09 -26.94 8.28
CA LEU A 92 21.95 -27.72 8.65
C LEU A 92 20.65 -27.09 8.19
N GLN A 93 20.69 -26.15 7.23
CA GLN A 93 19.46 -25.48 6.80
C GLN A 93 18.50 -26.49 6.27
N ASN A 94 17.25 -26.11 6.30
CA ASN A 94 16.22 -26.84 5.60
C ASN A 94 16.18 -28.28 6.06
N ASN A 95 16.06 -28.45 7.37
CA ASN A 95 15.59 -29.69 7.93
C ASN A 95 14.37 -29.32 8.78
N GLN A 96 14.06 -30.14 9.78
CA GLN A 96 12.84 -29.97 10.54
C GLN A 96 13.13 -29.97 12.04
N LEU A 97 14.22 -29.30 12.41
CA LEU A 97 14.55 -29.10 13.79
C LEU A 97 13.59 -28.13 14.41
N ARG A 98 13.18 -28.40 15.65
CA ARG A 98 12.24 -27.54 16.34
C ARG A 98 12.92 -26.75 17.42
N HIS A 99 14.09 -27.18 17.83
CA HIS A 99 14.91 -26.35 18.67
C HIS A 99 16.34 -26.46 18.16
N VAL A 100 17.18 -25.52 18.54
CA VAL A 100 18.61 -25.66 18.29
C VAL A 100 19.04 -26.77 19.21
N PRO A 101 19.75 -27.79 18.68
CA PRO A 101 20.20 -28.93 19.48
C PRO A 101 20.75 -28.51 20.81
N THR A 102 20.36 -29.22 21.87
CA THR A 102 20.72 -28.79 23.22
C THR A 102 22.22 -28.86 23.49
N GLU A 103 22.89 -29.84 22.89
CA GLU A 103 24.29 -30.12 23.16
C GLU A 103 25.15 -30.44 21.98
N ALA A 104 24.59 -31.05 20.93
CA ALA A 104 25.41 -31.50 19.80
C ALA A 104 26.39 -30.47 19.25
N LEU A 105 26.10 -29.20 19.47
CA LEU A 105 26.98 -28.13 18.98
C LEU A 105 27.95 -27.59 20.00
N GLN A 106 27.79 -27.95 21.27
CA GLN A 106 28.68 -27.39 22.27
C GLN A 106 30.11 -27.78 21.96
N ASN A 107 31.02 -26.83 22.22
CA ASN A 107 32.46 -27.12 22.19
C ASN A 107 32.98 -27.58 20.81
N LEU A 108 32.38 -27.08 19.74
CA LEU A 108 32.96 -27.22 18.41
C LEU A 108 33.84 -26.01 18.20
N ARG A 109 35.03 -26.10 18.77
CA ARG A 109 35.91 -24.97 18.98
C ARG A 109 36.53 -24.40 17.70
N SER A 110 36.57 -25.17 16.64
CA SER A 110 36.99 -24.55 15.38
C SER A 110 35.83 -23.94 14.58
N LEU A 111 34.60 -24.02 15.06
CA LEU A 111 33.46 -23.79 14.18
C LEU A 111 33.28 -22.31 13.96
N GLN A 112 33.32 -21.92 12.69
CA GLN A 112 33.13 -20.51 12.34
C GLN A 112 31.82 -20.15 11.61
N SER A 113 31.22 -21.10 10.90
CA SER A 113 30.00 -20.82 10.17
C SER A 113 28.94 -21.84 10.47
N LEU A 114 27.78 -21.41 10.95
CA LEU A 114 26.74 -22.38 11.29
C LEU A 114 25.46 -22.03 10.62
N ARG A 115 24.89 -22.95 9.86
CA ARG A 115 23.59 -22.67 9.26
C ARG A 115 22.46 -23.48 9.86
N LEU A 116 21.50 -22.76 10.43
CA LEU A 116 20.33 -23.40 11.01
C LEU A 116 19.05 -22.82 10.43
N ASP A 117 19.16 -22.17 9.27
CA ASP A 117 18.03 -21.50 8.68
C ASP A 117 17.06 -22.51 8.12
N ALA A 118 15.82 -22.09 7.94
CA ALA A 118 14.78 -22.90 7.34
C ALA A 118 14.63 -24.20 8.09
N ASN A 119 14.50 -24.11 9.40
CA ASN A 119 13.98 -25.24 10.16
C ASN A 119 12.64 -24.85 10.75
N HIS A 120 12.24 -25.52 11.84
CA HIS A 120 11.03 -25.18 12.55
C HIS A 120 11.44 -24.79 13.94
N ILE A 121 12.51 -24.03 14.05
CA ILE A 121 13.09 -23.76 15.36
C ILE A 121 12.25 -22.76 16.11
N SER A 122 11.64 -23.21 17.20
CA SER A 122 10.94 -22.27 18.10
C SER A 122 11.67 -22.00 19.42
N TYR A 123 12.79 -22.68 19.66
CA TYR A 123 13.44 -22.61 20.97
C TYR A 123 14.97 -22.78 20.90
N VAL A 124 15.66 -21.88 21.58
CA VAL A 124 17.13 -21.88 21.66
C VAL A 124 17.58 -22.22 23.09
N PRO A 125 17.97 -23.49 23.33
CA PRO A 125 18.42 -23.84 24.67
C PRO A 125 19.59 -22.93 25.07
N PRO A 126 19.48 -22.29 26.26
CA PRO A 126 20.34 -21.24 26.80
C PRO A 126 21.84 -21.49 26.77
N SER A 127 22.22 -22.77 26.69
CA SER A 127 23.59 -23.22 26.63
C SER A 127 23.94 -23.91 25.32
N CYS A 128 23.04 -23.92 24.33
CA CYS A 128 23.28 -24.73 23.14
C CYS A 128 24.53 -24.32 22.38
N PHE A 129 24.93 -23.06 22.55
CA PHE A 129 26.15 -22.52 21.89
C PHE A 129 27.40 -22.46 22.75
N SER A 130 27.27 -22.89 24.01
CA SER A 130 28.39 -22.97 24.93
C SER A 130 29.58 -23.66 24.27
N GLY A 131 30.71 -22.97 24.32
CA GLY A 131 31.94 -23.52 23.73
C GLY A 131 32.27 -23.09 22.31
N LEU A 132 31.37 -22.36 21.66
CA LEU A 132 31.66 -21.98 20.28
C LEU A 132 32.48 -20.72 20.29
N HIS A 133 33.76 -20.90 20.55
CA HIS A 133 34.66 -19.80 20.85
C HIS A 133 35.12 -19.16 19.56
N SER A 134 35.11 -19.90 18.45
CA SER A 134 35.42 -19.31 17.13
C SER A 134 34.21 -18.87 16.27
N LEU A 135 32.97 -19.01 16.75
CA LEU A 135 31.80 -18.80 15.89
C LEU A 135 31.67 -17.35 15.34
N ARG A 136 31.72 -17.23 14.02
CA ARG A 136 31.72 -15.90 13.40
C ARG A 136 30.43 -15.53 12.68
N HIS A 137 29.82 -16.52 12.03
CA HIS A 137 28.59 -16.32 11.30
C HIS A 137 27.54 -17.29 11.73
N LEU A 138 26.38 -16.78 12.12
CA LEU A 138 25.26 -17.65 12.49
C LEU A 138 23.98 -17.32 11.75
N TRP A 139 23.41 -18.30 11.06
CA TRP A 139 22.15 -18.12 10.35
C TRP A 139 20.97 -18.90 10.99
N LEU A 140 20.03 -18.16 11.58
CA LEU A 140 18.74 -18.66 12.07
C LEU A 140 17.49 -18.08 11.31
N ASP A 141 17.75 -17.29 10.30
CA ASP A 141 16.90 -17.06 9.17
C ASP A 141 15.75 -18.09 8.98
N ASP A 142 14.50 -17.65 8.95
CA ASP A 142 13.38 -18.52 8.53
C ASP A 142 13.14 -19.73 9.44
N ASN A 143 12.74 -19.44 10.67
CA ASN A 143 12.30 -20.44 11.60
C ASN A 143 11.08 -19.90 12.31
N ALA A 144 10.86 -20.31 13.57
CA ALA A 144 9.62 -19.99 14.26
C ALA A 144 9.95 -19.33 15.56
N LEU A 145 11.01 -18.53 15.57
CA LEU A 145 11.38 -17.80 16.75
C LEU A 145 10.36 -16.74 17.09
N THR A 146 10.03 -16.64 18.39
CA THR A 146 9.11 -15.60 18.86
C THR A 146 9.77 -14.59 19.74
N GLU A 147 10.97 -14.91 20.18
CA GLU A 147 11.71 -14.02 21.02
C GLU A 147 13.21 -14.13 20.79
N ILE A 148 13.93 -13.09 21.14
CA ILE A 148 15.37 -13.16 21.07
C ILE A 148 15.87 -14.07 22.21
N PRO A 149 16.68 -15.10 21.91
CA PRO A 149 17.30 -15.94 22.93
C PRO A 149 18.51 -15.24 23.60
N VAL A 150 18.21 -14.38 24.54
CA VAL A 150 19.17 -13.51 25.16
C VAL A 150 20.30 -14.26 25.88
N GLN A 151 19.93 -15.23 26.71
CA GLN A 151 20.94 -15.99 27.43
C GLN A 151 21.86 -16.69 26.46
N ALA A 152 21.28 -17.32 25.44
CA ALA A 152 22.05 -18.23 24.59
C ALA A 152 23.03 -17.52 23.71
N PHE A 153 22.79 -16.24 23.53
CA PHE A 153 23.67 -15.42 22.74
C PHE A 153 24.77 -14.81 23.59
N ARG A 154 24.61 -14.80 24.91
CA ARG A 154 25.60 -14.22 25.85
C ARG A 154 26.99 -14.71 25.54
N SER A 155 27.12 -15.97 25.18
CA SER A 155 28.40 -16.57 24.96
C SER A 155 28.83 -16.60 23.49
N LEU A 156 28.52 -15.55 22.72
CA LEU A 156 28.93 -15.48 21.31
C LEU A 156 29.66 -14.18 21.01
N SER A 157 30.65 -13.89 21.85
CA SER A 157 31.41 -12.63 21.82
C SER A 157 32.27 -12.46 20.57
N ALA A 158 32.49 -13.57 19.87
CA ALA A 158 33.21 -13.51 18.61
C ALA A 158 32.29 -13.37 17.38
N LEU A 159 30.99 -13.38 17.58
CA LEU A 159 30.08 -13.44 16.43
C LEU A 159 30.16 -12.15 15.72
N GLN A 160 30.33 -12.26 14.40
CA GLN A 160 30.44 -11.11 13.54
C GLN A 160 29.22 -10.88 12.66
N ALA A 161 28.54 -11.96 12.22
CA ALA A 161 27.37 -11.86 11.32
C ALA A 161 26.24 -12.71 11.79
N MET A 162 25.03 -12.16 11.80
CA MET A 162 23.86 -12.94 12.24
C MET A 162 22.62 -12.58 11.49
N THR A 163 21.86 -13.58 11.08
CA THR A 163 20.45 -13.30 10.76
C THR A 163 19.46 -13.97 11.67
N LEU A 164 18.49 -13.19 12.13
CA LEU A 164 17.23 -13.73 12.61
C LEU A 164 16.03 -13.39 11.73
N ALA A 165 16.23 -13.10 10.46
CA ALA A 165 15.12 -12.65 9.64
C ALA A 165 14.10 -13.76 9.42
N LEU A 166 12.89 -13.39 9.05
CA LEU A 166 11.82 -14.34 8.76
C LEU A 166 11.57 -15.26 9.95
N ASN A 167 11.17 -14.65 11.04
CA ASN A 167 10.71 -15.34 12.19
C ASN A 167 9.50 -14.53 12.64
N LYS A 168 9.19 -14.56 13.93
CA LYS A 168 8.01 -14.00 14.48
C LYS A 168 8.36 -13.28 15.77
N ILE A 169 9.51 -12.65 15.77
CA ILE A 169 9.95 -11.91 16.93
C ILE A 169 9.07 -10.70 16.99
N HIS A 170 8.47 -10.42 18.13
CA HIS A 170 7.64 -9.24 18.21
C HIS A 170 8.21 -8.18 19.12
N HIS A 171 9.23 -8.50 19.88
CA HIS A 171 9.79 -7.53 20.85
C HIS A 171 11.28 -7.72 21.07
N ILE A 172 12.01 -6.61 21.17
CA ILE A 172 13.41 -6.66 21.55
C ILE A 172 13.61 -5.85 22.79
N PRO A 173 14.00 -6.54 23.88
CA PRO A 173 14.27 -5.90 25.13
C PRO A 173 15.68 -5.32 25.24
N ASP A 174 15.86 -4.46 26.24
CA ASP A 174 17.14 -3.80 26.46
C ASP A 174 18.23 -4.87 26.61
N TYR A 175 19.40 -4.63 26.03
CA TYR A 175 20.55 -5.54 26.24
C TYR A 175 20.40 -6.90 25.63
N ALA A 176 19.56 -7.02 24.62
CA ALA A 176 19.26 -8.34 24.07
C ALA A 176 20.47 -8.96 23.40
N PHE A 177 21.36 -8.12 22.93
CA PHE A 177 22.59 -8.56 22.29
C PHE A 177 23.84 -8.04 23.07
N GLY A 178 23.64 -7.70 24.35
CA GLY A 178 24.61 -6.90 25.16
C GLY A 178 26.07 -7.35 25.15
N ASN A 179 26.31 -8.65 24.94
CA ASN A 179 27.65 -9.21 24.86
C ASN A 179 28.17 -9.54 23.45
N LEU A 180 27.48 -9.13 22.37
CA LEU A 180 27.94 -9.47 21.02
C LEU A 180 28.78 -8.32 20.54
N SER A 181 29.91 -8.12 21.21
CA SER A 181 30.70 -6.91 21.05
C SER A 181 31.48 -6.92 19.74
N SER A 182 31.60 -8.06 19.10
CA SER A 182 32.21 -8.13 17.78
C SER A 182 31.21 -8.00 16.62
N LEU A 183 29.91 -7.85 16.87
CA LEU A 183 28.96 -8.02 15.74
C LEU A 183 29.05 -6.91 14.71
N VAL A 184 29.13 -7.29 13.46
CA VAL A 184 29.24 -6.32 12.39
C VAL A 184 27.91 -6.12 11.62
N VAL A 185 27.29 -7.25 11.27
CA VAL A 185 25.99 -7.30 10.64
C VAL A 185 24.95 -7.99 11.49
N LEU A 186 23.78 -7.36 11.53
CA LEU A 186 22.63 -7.99 12.12
C LEU A 186 21.34 -7.83 11.30
N HIS A 187 20.73 -8.93 10.93
CA HIS A 187 19.47 -8.86 10.16
C HIS A 187 18.30 -9.35 10.97
N LEU A 188 17.31 -8.46 11.13
CA LEU A 188 16.05 -8.80 11.78
C LEU A 188 14.82 -8.58 10.87
N HIS A 189 15.02 -8.57 9.56
CA HIS A 189 13.89 -8.16 8.68
C HIS A 189 12.83 -9.24 8.61
N ASN A 190 11.62 -8.81 8.28
CA ASN A 190 10.49 -9.70 8.10
C ASN A 190 10.22 -10.49 9.38
N ASN A 191 10.13 -9.78 10.48
CA ASN A 191 9.69 -10.40 11.73
C ASN A 191 8.36 -9.77 12.00
N ARG A 192 8.10 -9.46 13.26
CA ARG A 192 6.79 -9.03 13.64
C ARG A 192 6.97 -7.96 14.69
N ILE A 193 8.05 -7.19 14.58
CA ILE A 193 8.52 -6.41 15.68
C ILE A 193 7.74 -5.15 15.81
N HIS A 194 7.07 -4.98 16.95
CA HIS A 194 6.37 -3.72 17.26
C HIS A 194 7.01 -2.92 18.35
N SER A 195 8.03 -3.46 19.01
N SER A 195 8.03 -3.46 19.01
CA SER A 195 8.56 -2.70 20.14
CA SER A 195 8.55 -2.71 20.15
C SER A 195 10.03 -2.94 20.35
C SER A 195 10.03 -2.94 20.35
N LEU A 196 10.77 -1.85 20.51
CA LEU A 196 12.19 -1.89 20.78
C LEU A 196 12.47 -1.27 22.15
N GLY A 197 13.17 -1.99 23.01
CA GLY A 197 13.78 -1.30 24.16
C GLY A 197 14.57 -0.05 23.75
N LYS A 198 14.67 0.93 24.64
CA LYS A 198 15.43 2.12 24.37
C LYS A 198 16.95 1.85 24.32
N LYS A 199 17.36 0.69 24.85
CA LYS A 199 18.72 0.22 24.84
C LYS A 199 18.83 -1.22 24.30
N CYS A 200 17.92 -1.63 23.42
CA CYS A 200 18.00 -3.00 22.90
C CYS A 200 19.27 -3.22 22.12
N PHE A 201 19.86 -2.20 21.52
CA PHE A 201 21.17 -2.43 20.83
C PHE A 201 22.44 -2.10 21.65
N ASP A 202 22.27 -1.79 22.91
CA ASP A 202 23.42 -1.49 23.74
C ASP A 202 24.29 -2.75 23.82
N GLY A 203 25.57 -2.62 23.49
CA GLY A 203 26.46 -3.76 23.48
C GLY A 203 27.14 -3.99 22.16
N LEU A 204 26.52 -3.51 21.09
CA LEU A 204 26.95 -3.85 19.76
C LEU A 204 27.95 -2.81 19.27
N HIS A 205 29.09 -2.81 19.93
CA HIS A 205 30.10 -1.80 19.73
C HIS A 205 30.60 -1.78 18.27
N SER A 206 30.67 -2.95 17.64
CA SER A 206 31.21 -2.96 16.26
C SER A 206 30.16 -2.94 15.16
N LEU A 207 28.87 -2.85 15.47
CA LEU A 207 27.83 -3.01 14.45
C LEU A 207 27.94 -1.99 13.37
N GLU A 208 27.96 -2.45 12.11
CA GLU A 208 27.99 -1.55 10.93
C GLU A 208 26.76 -1.59 10.04
N THR A 209 26.12 -2.76 9.93
CA THR A 209 24.83 -2.90 9.24
C THR A 209 23.71 -3.39 10.16
N LEU A 210 22.57 -2.71 10.11
CA LEU A 210 21.42 -3.09 10.90
C LEU A 210 20.14 -3.10 10.09
N ASP A 211 19.46 -4.22 10.07
CA ASP A 211 18.29 -4.42 9.22
C ASP A 211 17.02 -4.78 9.97
N LEU A 212 16.21 -3.76 10.17
CA LEU A 212 14.86 -3.82 10.74
C LEU A 212 13.74 -3.71 9.63
N ASN A 213 14.11 -3.88 8.37
CA ASN A 213 13.07 -3.78 7.33
C ASN A 213 11.95 -4.80 7.49
N TYR A 214 10.76 -4.39 7.06
CA TYR A 214 9.56 -5.22 7.12
C TYR A 214 9.26 -5.72 8.50
N ASN A 215 8.86 -4.83 9.39
CA ASN A 215 8.37 -5.19 10.70
C ASN A 215 7.23 -4.24 10.99
N ASN A 216 6.76 -4.19 12.23
CA ASN A 216 5.59 -3.36 12.56
C ASN A 216 6.01 -2.26 13.47
N LEU A 217 7.11 -1.61 13.12
CA LEU A 217 7.63 -0.61 14.02
C LEU A 217 6.71 0.57 14.07
N ASP A 218 6.55 1.05 15.29
CA ASP A 218 5.57 2.08 15.69
C ASP A 218 6.24 3.43 15.70
N GLU A 219 7.48 3.44 16.15
CA GLU A 219 8.20 4.65 16.27
C GLU A 219 9.65 4.50 15.92
N PHE A 220 10.29 5.64 15.74
CA PHE A 220 11.66 5.65 15.27
C PHE A 220 12.51 4.92 16.32
N PRO A 221 13.42 4.02 15.88
CA PRO A 221 14.23 3.16 16.77
C PRO A 221 15.37 3.92 17.40
N THR A 222 15.00 4.73 18.36
CA THR A 222 15.92 5.46 19.24
C THR A 222 17.17 4.69 19.72
N ALA A 223 17.06 3.39 19.95
CA ALA A 223 18.19 2.62 20.45
C ALA A 223 19.41 2.69 19.53
N ILE A 224 19.22 3.21 18.32
CA ILE A 224 20.39 3.38 17.45
C ILE A 224 21.38 4.47 17.91
N ARG A 225 21.00 5.38 18.80
CA ARG A 225 21.95 6.47 19.14
C ARG A 225 23.31 5.96 19.66
N THR A 226 23.32 4.73 20.12
CA THR A 226 24.51 4.09 20.67
C THR A 226 25.42 3.39 19.64
N LEU A 227 24.94 3.22 18.41
CA LEU A 227 25.61 2.36 17.46
C LEU A 227 26.56 3.25 16.64
N SER A 228 27.68 3.63 17.25
CA SER A 228 28.57 4.66 16.66
C SER A 228 29.18 4.24 15.36
N ASN A 229 29.39 2.95 15.16
CA ASN A 229 29.99 2.47 13.92
C ASN A 229 29.02 2.26 12.73
N LEU A 230 27.76 2.65 12.86
CA LEU A 230 26.77 2.24 11.90
C LEU A 230 26.98 2.91 10.54
N LYS A 231 26.96 2.09 9.49
CA LYS A 231 27.20 2.51 8.12
C LYS A 231 25.97 2.32 7.28
N GLU A 232 25.24 1.24 7.54
CA GLU A 232 24.00 0.92 6.79
C GLU A 232 22.85 0.64 7.74
N LEU A 233 21.82 1.46 7.69
CA LEU A 233 20.63 1.27 8.50
C LEU A 233 19.39 1.09 7.64
N GLY A 234 18.64 0.02 7.86
CA GLY A 234 17.35 -0.13 7.19
C GLY A 234 16.17 -0.29 8.14
N PHE A 235 15.20 0.60 8.02
CA PHE A 235 13.89 0.33 8.59
C PHE A 235 12.71 0.65 7.68
N HIS A 236 12.85 0.39 6.38
CA HIS A 236 11.76 0.63 5.48
C HIS A 236 10.68 -0.41 5.67
N SER A 237 9.46 -0.02 5.32
CA SER A 237 8.24 -0.82 5.45
C SER A 237 7.96 -1.20 6.90
N ASN A 238 7.75 -0.15 7.67
CA ASN A 238 7.25 -0.26 8.99
C ASN A 238 6.10 0.74 9.04
N ASN A 239 5.71 1.20 10.22
CA ASN A 239 4.58 2.12 10.37
C ASN A 239 5.02 3.29 11.15
N ILE A 240 6.26 3.65 10.96
CA ILE A 240 6.77 4.83 11.60
C ILE A 240 6.23 6.08 10.91
N ARG A 241 5.82 7.01 11.74
CA ARG A 241 5.12 8.23 11.33
C ARG A 241 5.94 9.52 11.48
N SER A 242 7.08 9.47 12.15
CA SER A 242 7.97 10.60 12.19
C SER A 242 9.40 10.22 12.53
N ILE A 243 10.31 11.06 12.08
CA ILE A 243 11.73 10.92 12.36
C ILE A 243 12.14 12.10 13.22
N PRO A 244 12.69 11.85 14.38
CA PRO A 244 12.87 12.92 15.34
C PRO A 244 14.06 13.80 15.08
N GLU A 245 14.18 14.80 15.95
CA GLU A 245 15.08 15.95 15.79
C GLU A 245 16.57 15.67 15.71
N LYS A 246 17.09 14.66 16.40
CA LYS A 246 18.51 14.41 16.25
C LYS A 246 18.69 12.94 16.11
N ALA A 247 18.00 12.45 15.07
CA ALA A 247 17.75 11.05 14.88
C ALA A 247 19.04 10.30 14.76
N PHE A 248 19.98 10.89 14.06
CA PHE A 248 21.21 10.19 13.70
C PHE A 248 22.47 10.80 14.33
N VAL A 249 22.33 11.55 15.41
CA VAL A 249 23.52 12.10 16.08
C VAL A 249 24.54 11.06 16.46
N GLY A 250 24.07 9.88 16.85
CA GLY A 250 24.98 8.82 17.30
C GLY A 250 25.69 8.10 16.16
N ASN A 251 25.29 8.35 14.91
CA ASN A 251 25.73 7.49 13.81
C ASN A 251 26.39 8.26 12.67
N PRO A 252 27.54 8.88 12.93
CA PRO A 252 28.15 9.73 11.95
C PRO A 252 28.73 9.05 10.71
N SER A 253 28.76 7.72 10.66
CA SER A 253 29.36 7.01 9.52
C SER A 253 28.32 6.49 8.55
N LEU A 254 27.08 6.91 8.75
CA LEU A 254 26.03 6.39 7.94
C LEU A 254 26.24 6.77 6.51
N ILE A 255 26.18 5.76 5.66
CA ILE A 255 26.27 5.91 4.25
C ILE A 255 24.88 5.64 3.67
N THR A 256 24.20 4.59 4.11
CA THR A 256 22.87 4.32 3.57
C THR A 256 21.84 4.15 4.68
N ILE A 257 20.73 4.83 4.48
CA ILE A 257 19.57 4.81 5.36
C ILE A 257 18.27 4.59 4.59
N HIS A 258 17.67 3.43 4.75
CA HIS A 258 16.40 3.14 4.14
C HIS A 258 15.22 3.23 5.10
N PHE A 259 14.29 4.12 4.78
CA PHE A 259 13.08 4.29 5.57
C PHE A 259 11.84 4.58 4.70
N TYR A 260 11.92 4.33 3.39
CA TYR A 260 10.73 4.48 2.51
C TYR A 260 9.65 3.49 2.92
N ASP A 261 8.47 3.62 2.33
CA ASP A 261 7.30 2.84 2.72
C ASP A 261 7.11 2.82 4.23
N ASN A 262 7.27 3.99 4.83
CA ASN A 262 6.77 4.28 6.12
C ASN A 262 5.88 5.50 5.97
N PRO A 263 4.74 5.53 6.67
CA PRO A 263 3.91 6.71 6.62
C PRO A 263 4.53 7.88 7.38
N ILE A 264 5.71 8.29 6.95
CA ILE A 264 6.42 9.37 7.64
C ILE A 264 5.79 10.71 7.32
N GLN A 265 5.43 11.45 8.36
CA GLN A 265 4.74 12.71 8.19
C GLN A 265 5.64 13.88 8.53
N PHE A 266 6.43 13.73 9.59
CA PHE A 266 7.35 14.77 9.96
C PHE A 266 8.81 14.28 10.06
N VAL A 267 9.77 15.18 9.81
CA VAL A 267 11.18 14.94 10.13
C VAL A 267 11.72 16.15 10.86
N GLY A 268 12.59 15.92 11.83
CA GLY A 268 13.21 17.03 12.55
C GLY A 268 14.12 17.80 11.59
N ARG A 269 14.14 19.12 11.72
CA ARG A 269 15.06 19.96 10.93
C ARG A 269 16.49 19.45 11.06
N SER A 270 16.87 19.06 12.28
CA SER A 270 18.21 18.57 12.59
C SER A 270 18.44 17.10 12.27
N ALA A 271 17.45 16.42 11.74
CA ALA A 271 17.52 14.99 11.70
C ALA A 271 18.79 14.51 11.03
N PHE A 272 19.14 15.11 9.91
CA PHE A 272 20.22 14.59 9.04
C PHE A 272 21.54 15.37 9.14
N GLN A 273 21.71 16.13 10.22
CA GLN A 273 22.97 16.77 10.44
C GLN A 273 24.04 15.71 10.64
N HIS A 274 25.25 16.04 10.18
CA HIS A 274 26.46 15.36 10.57
C HIS A 274 26.59 13.99 10.03
N LEU A 275 26.25 13.90 8.76
CA LEU A 275 26.26 12.65 8.03
C LEU A 275 27.13 12.82 6.79
N PRO A 276 28.40 13.22 7.01
CA PRO A 276 29.34 13.50 5.94
C PRO A 276 29.44 12.41 4.92
N GLU A 277 29.07 11.20 5.30
CA GLU A 277 29.15 10.08 4.39
C GLU A 277 27.89 9.87 3.59
N LEU A 278 26.77 10.45 4.03
CA LEU A 278 25.56 10.37 3.20
C LEU A 278 25.78 10.93 1.82
N ARG A 279 25.43 10.18 0.79
CA ARG A 279 25.44 10.68 -0.58
C ARG A 279 24.08 11.01 -1.20
N THR A 280 22.97 10.52 -0.66
CA THR A 280 21.62 10.87 -1.18
C THR A 280 20.57 10.95 -0.07
N LEU A 281 19.63 11.87 -0.18
CA LEU A 281 18.57 12.02 0.82
C LEU A 281 17.26 12.13 0.08
N THR A 282 16.32 11.21 0.31
CA THR A 282 15.04 11.37 -0.34
C THR A 282 13.88 11.18 0.63
N LEU A 283 13.05 12.21 0.71
CA LEU A 283 11.88 12.26 1.56
C LEU A 283 10.61 12.54 0.74
N ASN A 284 9.88 11.50 0.30
CA ASN A 284 8.65 11.74 -0.47
C ASN A 284 7.40 11.57 0.40
N GLY A 285 6.62 12.64 0.52
CA GLY A 285 5.35 12.58 1.21
C GLY A 285 5.40 12.95 2.68
N ALA A 286 6.46 13.61 3.12
CA ALA A 286 6.52 13.99 4.50
C ALA A 286 5.75 15.28 4.69
N SER A 287 4.44 15.14 4.46
CA SER A 287 3.53 16.27 4.29
C SER A 287 3.47 17.36 5.33
N GLN A 288 3.92 17.12 6.57
CA GLN A 288 3.89 18.20 7.58
C GLN A 288 5.23 18.89 7.68
N ILE A 289 6.18 18.54 6.80
CA ILE A 289 7.45 19.26 6.78
C ILE A 289 7.23 20.67 6.26
N THR A 290 7.58 21.64 7.09
CA THR A 290 7.42 23.04 6.77
C THR A 290 8.74 23.69 6.37
N GLU A 291 9.78 23.41 7.14
CA GLU A 291 11.06 24.04 6.99
C GLU A 291 11.97 23.19 6.13
N PHE A 292 12.99 23.80 5.54
CA PHE A 292 13.97 23.05 4.78
C PHE A 292 15.02 22.51 5.76
N PRO A 293 15.38 21.23 5.62
CA PRO A 293 16.21 20.64 6.67
C PRO A 293 17.58 21.24 6.72
N ASP A 294 18.13 21.31 7.93
CA ASP A 294 19.49 21.74 8.09
C ASP A 294 20.45 20.61 7.80
N LEU A 295 21.50 20.94 7.07
CA LEU A 295 22.44 19.94 6.59
C LEU A 295 23.87 20.16 7.04
N THR A 296 24.03 20.89 8.14
CA THR A 296 25.36 21.04 8.70
C THR A 296 25.97 19.69 8.99
N GLY A 297 27.23 19.52 8.61
CA GLY A 297 27.90 18.24 8.69
C GLY A 297 27.71 17.41 7.44
N THR A 298 26.72 17.73 6.64
CA THR A 298 26.25 16.81 5.63
C THR A 298 26.45 17.45 4.24
N ALA A 299 27.71 17.63 3.87
CA ALA A 299 28.06 18.42 2.70
C ALA A 299 28.18 17.64 1.41
N ASN A 300 28.12 16.32 1.49
CA ASN A 300 28.44 15.46 0.35
C ASN A 300 27.22 14.81 -0.27
N LEU A 301 26.05 15.33 0.03
CA LEU A 301 24.86 14.97 -0.73
C LEU A 301 25.03 15.30 -2.21
N GLU A 302 24.94 14.29 -3.06
CA GLU A 302 24.88 14.51 -4.49
C GLU A 302 23.46 14.32 -5.05
N SER A 303 22.50 14.13 -4.16
CA SER A 303 21.11 14.03 -4.59
C SER A 303 20.19 14.28 -3.41
N LEU A 304 19.17 15.10 -3.63
CA LEU A 304 18.28 15.48 -2.55
C LEU A 304 16.88 15.66 -3.09
N THR A 305 15.99 14.75 -2.69
CA THR A 305 14.59 14.82 -3.06
C THR A 305 13.80 15.08 -1.80
N LEU A 306 12.98 16.10 -1.85
CA LEU A 306 12.09 16.43 -0.75
C LEU A 306 10.74 16.90 -1.35
N THR A 307 9.89 15.93 -1.65
CA THR A 307 8.65 16.17 -2.38
C THR A 307 7.44 15.99 -1.51
N GLY A 308 6.47 16.87 -1.68
CA GLY A 308 5.13 16.66 -1.18
C GLY A 308 4.96 17.18 0.21
N ALA A 309 5.63 18.28 0.52
CA ALA A 309 5.53 18.82 1.85
C ALA A 309 5.05 20.25 1.72
N GLN A 310 5.33 21.07 2.72
CA GLN A 310 4.83 22.42 2.73
C GLN A 310 5.94 23.43 2.91
N ILE A 311 7.02 23.33 2.14
CA ILE A 311 8.10 24.31 2.23
C ILE A 311 7.78 25.51 1.33
N SER A 312 7.74 26.70 1.93
CA SER A 312 7.36 27.93 1.19
C SER A 312 8.56 28.77 0.74
N SER A 313 9.67 28.67 1.46
CA SER A 313 10.86 29.43 1.18
C SER A 313 12.11 28.62 1.51
N LEU A 314 13.14 28.77 0.68
CA LEU A 314 14.48 28.27 0.96
C LEU A 314 15.31 29.38 1.59
N PRO A 315 16.16 29.04 2.59
CA PRO A 315 17.12 30.02 3.06
C PRO A 315 17.94 30.56 1.87
N GLN A 316 18.31 31.83 1.97
CA GLN A 316 19.07 32.50 0.92
C GLN A 316 20.40 31.76 0.59
N THR A 317 20.99 31.17 1.63
CA THR A 317 22.29 30.50 1.60
C THR A 317 22.25 28.99 1.36
N VAL A 318 21.09 28.45 1.03
CA VAL A 318 20.94 27.00 0.97
C VAL A 318 22.02 26.27 0.21
N CYS A 319 22.55 26.85 -0.86
CA CYS A 319 23.57 26.14 -1.64
C CYS A 319 24.91 26.02 -0.92
N ASN A 320 25.11 26.79 0.15
CA ASN A 320 26.32 26.69 0.95
C ASN A 320 26.48 25.29 1.53
N GLN A 321 25.34 24.68 1.83
CA GLN A 321 25.28 23.33 2.36
C GLN A 321 25.09 22.27 1.25
N LEU A 322 25.23 22.67 -0.02
CA LEU A 322 24.98 21.75 -1.15
C LEU A 322 26.05 21.83 -2.24
N PRO A 323 27.30 21.97 -1.82
CA PRO A 323 28.40 22.07 -2.78
C PRO A 323 28.52 20.95 -3.81
N ASN A 324 28.07 19.76 -3.50
CA ASN A 324 28.21 18.65 -4.44
C ASN A 324 26.90 18.17 -5.01
N LEU A 325 25.82 18.87 -4.65
CA LEU A 325 24.53 18.43 -5.11
C LEU A 325 24.49 18.41 -6.65
N GLN A 326 23.99 17.30 -7.20
CA GLN A 326 23.79 17.11 -8.63
C GLN A 326 22.31 17.08 -9.03
N VAL A 327 21.46 16.52 -8.17
CA VAL A 327 20.01 16.45 -8.44
C VAL A 327 19.30 17.11 -7.30
N LEU A 328 18.44 18.05 -7.60
CA LEU A 328 17.56 18.62 -6.59
C LEU A 328 16.13 18.45 -7.08
N ASP A 329 15.26 18.00 -6.19
CA ASP A 329 13.85 17.82 -6.53
C ASP A 329 13.01 18.25 -5.36
N LEU A 330 12.40 19.42 -5.47
CA LEU A 330 11.48 19.89 -4.45
C LEU A 330 10.05 19.97 -4.98
N SER A 331 9.71 19.01 -5.86
CA SER A 331 8.37 18.83 -6.41
C SER A 331 7.29 18.96 -5.35
N TYR A 332 6.10 19.37 -5.77
CA TYR A 332 4.94 19.42 -4.89
C TYR A 332 5.20 20.04 -3.53
N ASN A 333 5.69 21.27 -3.52
CA ASN A 333 5.77 22.03 -2.30
C ASN A 333 5.06 23.36 -2.51
N LEU A 334 5.41 24.32 -1.65
CA LEU A 334 4.73 25.59 -1.57
C LEU A 334 5.67 26.73 -1.88
N LEU A 335 6.61 26.52 -2.81
CA LEU A 335 7.64 27.54 -3.10
C LEU A 335 7.15 28.69 -3.98
N GLU A 336 7.29 29.95 -3.49
CA GLU A 336 7.03 31.17 -4.29
C GLU A 336 8.36 31.85 -4.71
N ASP A 337 8.93 32.70 -3.85
CA ASP A 337 10.17 33.44 -4.16
C ASP A 337 11.46 32.63 -3.87
N LEU A 338 12.11 32.18 -4.93
CA LEU A 338 13.27 31.28 -4.81
C LEU A 338 14.62 31.99 -5.04
N PRO A 339 15.68 31.54 -4.34
CA PRO A 339 16.90 32.30 -4.28
C PRO A 339 17.82 31.91 -5.45
N SER A 340 19.11 32.24 -5.33
CA SER A 340 20.08 31.91 -6.37
C SER A 340 20.65 30.51 -6.16
N PHE A 341 20.54 29.67 -7.19
CA PHE A 341 21.11 28.33 -7.15
C PHE A 341 22.51 28.27 -7.78
N SER A 342 23.26 29.37 -7.69
CA SER A 342 24.52 29.51 -8.44
C SER A 342 25.66 28.80 -7.71
N VAL A 343 25.71 28.96 -6.38
CA VAL A 343 26.69 28.24 -5.51
C VAL A 343 26.58 26.70 -5.64
N CYS A 344 25.41 26.20 -6.04
CA CYS A 344 25.17 24.79 -6.27
C CYS A 344 25.82 24.33 -7.57
N GLN A 345 27.10 24.61 -7.68
CA GLN A 345 27.78 24.61 -8.96
C GLN A 345 27.69 23.29 -9.72
N LYS A 346 27.56 22.16 -9.03
CA LYS A 346 27.63 20.84 -9.69
C LYS A 346 26.26 20.33 -10.13
N LEU A 347 25.27 21.17 -9.95
CA LEU A 347 23.89 20.80 -10.16
C LEU A 347 23.69 20.46 -11.62
N GLN A 348 23.00 19.37 -11.89
CA GLN A 348 22.78 18.98 -13.27
C GLN A 348 21.37 18.48 -13.57
N LYS A 349 20.43 18.79 -12.69
CA LYS A 349 19.03 18.40 -12.86
C LYS A 349 18.26 19.12 -11.78
N ILE A 350 17.17 19.75 -12.16
CA ILE A 350 16.35 20.44 -11.17
C ILE A 350 14.90 20.20 -11.48
N ASP A 351 14.13 20.01 -10.41
CA ASP A 351 12.71 19.77 -10.51
C ASP A 351 11.99 20.54 -9.44
N LEU A 352 11.21 21.52 -9.87
CA LEU A 352 10.45 22.35 -8.97
C LEU A 352 8.98 22.37 -9.36
N ARG A 353 8.59 21.33 -10.10
CA ARG A 353 7.24 21.23 -10.59
C ARG A 353 6.29 21.24 -9.43
N HIS A 354 5.10 21.77 -9.69
CA HIS A 354 4.03 21.93 -8.70
C HIS A 354 4.43 22.72 -7.45
N ASN A 355 4.97 23.90 -7.68
CA ASN A 355 5.10 24.85 -6.60
C ASN A 355 4.26 26.08 -6.92
N GLU A 356 4.52 27.17 -6.21
CA GLU A 356 3.81 28.41 -6.33
C GLU A 356 4.76 29.50 -6.86
N ILE A 357 5.68 29.08 -7.73
CA ILE A 357 6.69 29.98 -8.28
C ILE A 357 6.00 30.90 -9.29
N TYR A 358 6.28 32.20 -9.23
CA TYR A 358 5.74 33.16 -10.20
C TYR A 358 6.83 33.82 -11.03
N GLU A 359 7.99 34.01 -10.42
CA GLU A 359 9.03 34.90 -10.91
C GLU A 359 10.37 34.20 -11.01
N ILE A 360 10.89 34.05 -12.22
CA ILE A 360 12.27 33.62 -12.39
C ILE A 360 13.10 34.80 -12.84
N LYS A 361 14.20 35.02 -12.12
CA LYS A 361 15.05 36.18 -12.26
C LYS A 361 16.43 35.68 -12.71
N VAL A 362 17.37 36.57 -12.99
CA VAL A 362 18.60 36.20 -13.74
C VAL A 362 19.69 35.51 -12.90
N ASP A 363 19.69 35.74 -11.59
CA ASP A 363 20.53 34.98 -10.64
C ASP A 363 20.15 33.50 -10.60
N THR A 364 18.84 33.25 -10.54
CA THR A 364 18.29 32.01 -10.03
C THR A 364 19.06 30.80 -10.57
N PHE A 365 19.14 30.66 -11.88
CA PHE A 365 19.82 29.49 -12.48
C PHE A 365 21.12 29.87 -13.19
N GLN A 366 21.75 30.95 -12.72
CA GLN A 366 22.93 31.49 -13.39
C GLN A 366 24.22 30.77 -13.05
N GLN A 367 25.02 30.50 -14.09
CA GLN A 367 26.34 29.88 -13.94
C GLN A 367 26.24 28.40 -13.57
N LEU A 368 25.25 27.72 -14.11
CA LEU A 368 25.08 26.30 -13.83
C LEU A 368 25.42 25.57 -15.10
N LEU A 369 26.72 25.45 -15.30
CA LEU A 369 27.30 25.03 -16.55
C LEU A 369 27.06 23.55 -16.83
N SER A 370 26.82 22.78 -15.77
CA SER A 370 26.58 21.34 -15.92
C SER A 370 25.11 20.99 -16.01
N LEU A 371 24.25 21.98 -15.71
CA LEU A 371 22.80 21.79 -15.69
C LEU A 371 22.21 21.31 -17.02
N ARG A 372 21.74 20.06 -17.05
CA ARG A 372 21.10 19.46 -18.24
C ARG A 372 19.57 19.62 -18.29
N SER A 373 18.88 19.31 -17.19
CA SER A 373 17.41 19.41 -17.16
C SER A 373 16.92 20.40 -16.12
N LEU A 374 15.85 21.12 -16.45
CA LEU A 374 15.22 22.03 -15.52
C LEU A 374 13.74 21.90 -15.79
N ASN A 375 12.97 21.49 -14.79
CA ASN A 375 11.51 21.39 -14.88
C ASN A 375 10.82 22.38 -13.96
N LEU A 376 9.96 23.22 -14.54
CA LEU A 376 9.24 24.22 -13.79
C LEU A 376 7.75 24.15 -14.05
N ALA A 377 7.34 22.98 -14.55
CA ALA A 377 5.94 22.71 -14.85
C ALA A 377 5.02 23.08 -13.69
N TRP A 378 3.81 23.48 -14.03
CA TRP A 378 2.75 23.64 -13.05
C TRP A 378 3.06 24.66 -11.95
N ASN A 379 3.67 25.78 -12.34
CA ASN A 379 3.75 26.95 -11.45
C ASN A 379 2.84 28.17 -11.81
N LYS A 380 3.00 29.27 -11.07
CA LYS A 380 2.33 30.57 -11.34
C LYS A 380 3.14 31.52 -12.24
N ILE A 381 4.43 31.23 -12.29
CA ILE A 381 5.30 31.41 -13.42
C ILE A 381 4.81 32.31 -14.61
N ALA A 382 4.76 33.62 -14.36
CA ALA A 382 4.25 34.62 -15.33
C ALA A 382 5.36 35.32 -16.13
N ILE A 383 6.46 35.66 -15.45
CA ILE A 383 7.61 36.42 -16.00
C ILE A 383 8.94 35.63 -16.00
N ILE A 384 9.77 35.83 -17.02
CA ILE A 384 11.16 35.35 -17.00
C ILE A 384 12.14 36.46 -17.39
N HIS A 385 12.95 36.90 -16.43
CA HIS A 385 13.94 37.95 -16.64
C HIS A 385 14.90 37.68 -17.82
N PRO A 386 15.63 38.74 -18.27
CA PRO A 386 16.27 38.80 -19.60
C PRO A 386 16.75 37.47 -20.14
N ASN A 387 17.84 36.94 -19.59
CA ASN A 387 18.25 35.59 -19.83
C ASN A 387 18.74 34.93 -18.55
N ALA A 388 17.77 34.65 -17.69
CA ALA A 388 17.91 33.59 -16.71
C ALA A 388 17.96 32.25 -17.46
N PHE A 389 18.45 32.27 -18.71
CA PHE A 389 18.84 31.05 -19.42
C PHE A 389 20.16 31.21 -20.25
N SER A 390 20.83 32.36 -20.10
CA SER A 390 21.99 32.68 -20.93
C SER A 390 23.19 31.80 -20.61
N THR A 391 23.43 31.62 -19.30
CA THR A 391 24.64 30.96 -18.81
C THR A 391 24.46 29.46 -18.62
N LEU A 392 23.65 28.83 -19.47
CA LEU A 392 23.24 27.44 -19.29
C LEU A 392 23.61 26.52 -20.48
N PRO A 393 24.92 26.39 -20.76
CA PRO A 393 25.46 25.63 -21.89
C PRO A 393 24.99 24.18 -22.05
N SER A 394 25.03 23.41 -20.97
CA SER A 394 24.68 21.96 -21.02
C SER A 394 23.17 21.70 -21.18
N LEU A 395 22.36 22.72 -20.89
CA LEU A 395 20.90 22.62 -20.82
C LEU A 395 20.27 21.95 -22.06
N ILE A 396 19.79 20.71 -21.87
CA ILE A 396 19.23 19.87 -22.93
C ILE A 396 17.70 19.87 -22.92
N LYS A 397 17.09 19.95 -21.73
CA LYS A 397 15.63 19.83 -21.57
C LYS A 397 15.09 20.96 -20.72
N LEU A 398 13.95 21.52 -21.13
CA LEU A 398 13.33 22.62 -20.40
C LEU A 398 11.81 22.53 -20.47
N ASP A 399 11.19 22.34 -19.31
CA ASP A 399 9.76 22.12 -19.18
C ASP A 399 9.14 23.25 -18.39
N LEU A 400 8.44 24.12 -19.10
CA LEU A 400 7.85 25.28 -18.48
C LEU A 400 6.33 25.14 -18.41
N SER A 401 5.83 23.98 -18.86
CA SER A 401 4.37 23.65 -19.00
C SER A 401 3.44 24.18 -17.93
N SER A 402 2.15 24.07 -18.22
CA SER A 402 1.04 24.50 -17.34
C SER A 402 1.40 25.64 -16.41
N ASN A 403 1.91 26.68 -17.06
CA ASN A 403 2.45 27.83 -16.45
C ASN A 403 1.44 28.97 -16.61
N LEU A 404 1.86 30.16 -16.20
CA LEU A 404 1.09 31.41 -16.37
C LEU A 404 1.77 32.36 -17.40
N LEU A 405 2.11 31.82 -18.58
CA LEU A 405 2.78 32.57 -19.67
C LEU A 405 1.83 32.70 -20.88
N SER A 406 2.02 33.66 -21.81
CA SER A 406 3.22 34.48 -21.98
C SER A 406 2.92 35.95 -21.97
N SER A 407 3.71 36.66 -21.16
CA SER A 407 3.96 38.09 -21.34
C SER A 407 5.49 38.20 -21.45
N PHE A 408 6.01 37.72 -22.58
CA PHE A 408 7.44 37.62 -22.90
C PHE A 408 8.13 36.33 -22.36
N PRO A 409 8.25 35.30 -23.22
CA PRO A 409 9.08 34.13 -22.98
C PRO A 409 10.49 34.38 -23.56
N ILE A 410 11.32 33.35 -23.72
CA ILE A 410 12.76 33.59 -24.01
C ILE A 410 13.37 32.64 -25.08
N THR A 411 14.49 33.07 -25.70
CA THR A 411 15.36 32.25 -26.57
C THR A 411 16.87 32.59 -26.45
N GLY A 412 17.26 33.22 -25.36
CA GLY A 412 18.68 33.37 -25.01
C GLY A 412 19.26 32.08 -24.45
N LEU A 413 18.56 30.96 -24.66
CA LEU A 413 19.09 29.62 -24.49
C LEU A 413 18.94 29.07 -25.90
N HIS A 414 19.81 28.18 -26.37
CA HIS A 414 19.76 27.80 -27.81
C HIS A 414 19.96 26.31 -28.06
N GLY A 415 20.93 25.72 -27.39
CA GLY A 415 21.01 24.27 -27.30
C GLY A 415 19.80 23.82 -26.49
N LEU A 416 18.95 23.01 -27.11
CA LEU A 416 17.85 22.28 -26.46
C LEU A 416 17.67 21.03 -27.28
N THR A 417 17.25 19.96 -26.63
CA THR A 417 16.79 18.74 -27.29
C THR A 417 15.29 18.55 -27.03
N HIS A 418 14.78 19.13 -25.94
CA HIS A 418 13.38 18.98 -25.55
C HIS A 418 12.84 20.27 -24.98
N LEU A 419 11.66 20.68 -25.44
CA LEU A 419 10.99 21.83 -24.85
C LEU A 419 9.52 21.53 -24.70
N LYS A 420 8.98 21.77 -23.50
CA LYS A 420 7.54 21.72 -23.26
C LYS A 420 7.03 23.08 -22.84
N LEU A 421 6.06 23.59 -23.59
CA LEU A 421 5.42 24.86 -23.30
C LEU A 421 3.90 24.74 -23.11
N THR A 422 3.35 23.60 -23.53
CA THR A 422 1.93 23.24 -23.37
C THR A 422 1.28 23.80 -22.10
N GLY A 423 0.03 24.22 -22.20
CA GLY A 423 -0.77 24.62 -21.05
C GLY A 423 -0.62 26.06 -20.62
N ASN A 424 -0.02 26.88 -21.48
CA ASN A 424 0.08 28.32 -21.24
C ASN A 424 -0.89 29.12 -22.11
N HIS A 425 -1.74 29.92 -21.46
CA HIS A 425 -2.99 30.37 -22.09
C HIS A 425 -2.90 31.75 -22.76
N ALA A 426 -2.03 32.62 -22.27
CA ALA A 426 -1.80 33.93 -22.88
C ALA A 426 -0.59 33.95 -23.85
N LEU A 427 -0.04 32.77 -24.19
CA LEU A 427 1.07 32.68 -25.17
C LEU A 427 0.55 32.69 -26.58
N GLN A 428 -0.27 33.70 -26.84
CA GLN A 428 -0.69 34.03 -28.19
C GLN A 428 0.54 34.56 -28.95
N SER A 429 1.45 35.24 -28.23
CA SER A 429 2.74 35.66 -28.80
C SER A 429 3.57 34.45 -29.16
N LEU A 430 2.94 33.54 -29.89
CA LEU A 430 3.49 32.22 -30.14
C LEU A 430 4.20 32.27 -31.49
N ILE A 431 5.23 33.10 -31.53
CA ILE A 431 5.90 33.51 -32.76
C ILE A 431 7.23 32.75 -32.96
N SER A 432 7.40 31.61 -32.30
CA SER A 432 8.70 30.97 -32.18
C SER A 432 9.21 30.44 -33.53
N SER A 433 10.37 30.93 -33.97
CA SER A 433 10.88 30.78 -35.34
C SER A 433 12.06 29.81 -35.49
N GLU A 434 12.35 29.10 -34.42
CA GLU A 434 13.38 28.05 -34.38
C GLU A 434 14.82 28.48 -34.70
N ASN A 435 15.44 29.05 -33.67
CA ASN A 435 16.90 29.11 -33.49
C ASN A 435 17.34 27.94 -32.59
N PHE A 436 16.53 26.88 -32.56
CA PHE A 436 16.76 25.64 -31.84
C PHE A 436 16.96 24.45 -32.82
N PRO A 437 18.16 24.36 -33.43
CA PRO A 437 18.49 23.39 -34.47
C PRO A 437 18.63 21.93 -34.00
N GLU A 438 19.31 21.73 -32.87
CA GLU A 438 19.61 20.36 -32.36
C GLU A 438 18.38 19.62 -31.84
N LEU A 439 17.35 20.37 -31.49
CA LEU A 439 16.19 19.86 -30.78
C LEU A 439 15.41 18.71 -31.44
N LYS A 440 15.22 17.59 -30.72
CA LYS A 440 14.65 16.33 -31.24
C LYS A 440 13.18 16.01 -30.84
N VAL A 441 12.59 16.78 -29.92
CA VAL A 441 11.13 16.71 -29.63
C VAL A 441 10.57 17.98 -28.92
N ILE A 442 9.38 18.41 -29.34
CA ILE A 442 8.75 19.64 -28.82
C ILE A 442 7.30 19.45 -28.33
N GLU A 443 6.85 20.37 -27.48
CA GLU A 443 5.44 20.49 -27.11
C GLU A 443 5.07 21.98 -27.10
N MET A 444 4.33 22.36 -28.14
CA MET A 444 3.86 23.73 -28.31
C MET A 444 2.43 23.82 -27.80
N PRO A 445 2.07 24.96 -27.20
CA PRO A 445 0.71 25.07 -26.66
C PRO A 445 -0.36 24.83 -27.72
N TYR A 446 -0.17 25.40 -28.92
CA TYR A 446 -1.10 25.20 -30.03
C TYR A 446 -0.43 24.56 -31.23
N ALA A 447 -1.20 23.69 -31.88
CA ALA A 447 -0.76 22.95 -33.06
C ALA A 447 -0.17 23.85 -34.12
N TYR A 448 -0.52 25.15 -34.07
CA TYR A 448 -0.22 26.06 -35.16
C TYR A 448 1.24 26.47 -35.25
N GLN A 449 1.87 26.80 -34.14
CA GLN A 449 3.32 27.06 -34.16
C GLN A 449 4.06 25.75 -34.12
N CYS A 450 3.33 24.70 -33.77
CA CYS A 450 3.78 23.36 -33.99
C CYS A 450 3.63 23.05 -35.49
N CYS A 451 4.39 22.08 -35.99
CA CYS A 451 4.27 21.58 -37.37
C CYS A 451 4.31 22.65 -38.47
N ALA A 452 4.61 23.90 -38.08
CA ALA A 452 4.79 25.00 -39.02
C ALA A 452 6.03 24.80 -39.89
N PHE A 453 6.88 23.84 -39.53
CA PHE A 453 8.18 23.66 -40.20
C PHE A 453 8.34 22.34 -40.95
N GLY A 454 8.06 22.36 -42.26
CA GLY A 454 8.31 21.23 -43.16
C GLY A 454 7.18 20.24 -43.25
N HIS A 508 17.89 13.41 -38.99
CA HIS A 508 17.80 14.85 -39.23
C HIS A 508 16.50 15.49 -38.73
N SER A 509 15.35 14.87 -39.08
CA SER A 509 14.01 15.41 -38.74
C SER A 509 13.58 15.11 -37.29
N VAL A 510 12.61 15.91 -36.82
CA VAL A 510 12.35 16.11 -35.40
C VAL A 510 10.89 16.48 -35.14
N GLN A 511 10.33 15.97 -34.05
CA GLN A 511 8.90 16.08 -33.73
C GLN A 511 8.47 17.31 -32.94
N CYS A 512 7.14 17.47 -32.88
CA CYS A 512 6.47 18.44 -32.03
C CYS A 512 4.98 18.06 -31.92
N SER A 513 4.29 18.68 -30.97
CA SER A 513 2.87 18.40 -30.70
C SER A 513 2.16 19.66 -30.16
N PRO A 514 0.88 19.87 -30.53
CA PRO A 514 -0.02 19.02 -31.32
C PRO A 514 0.02 19.27 -32.82
N GLY B 1 -38.39 27.07 41.70
CA GLY B 1 -38.20 28.17 42.71
C GLY B 1 -37.06 27.92 43.69
N PRO B 2 -37.27 27.00 44.65
CA PRO B 2 -36.29 26.73 45.71
C PRO B 2 -35.09 25.89 45.25
N ARG B 3 -35.14 25.41 43.99
CA ARG B 3 -34.08 24.63 43.40
C ARG B 3 -32.93 25.56 43.00
N GLY B 4 -33.15 26.44 42.01
CA GLY B 4 -32.22 27.52 41.69
C GLY B 4 -30.89 27.14 41.11
N CYS B 5 -30.32 28.08 40.37
CA CYS B 5 -29.12 27.85 39.56
C CYS B 5 -27.85 28.43 40.17
N PRO B 6 -26.72 27.73 40.01
CA PRO B 6 -25.45 28.35 40.39
C PRO B 6 -25.04 29.42 39.41
N THR B 7 -24.08 30.22 39.86
CA THR B 7 -23.71 31.45 39.20
C THR B 7 -23.05 31.18 37.84
N HIS B 8 -23.75 31.55 36.77
CA HIS B 8 -23.31 31.49 35.36
C HIS B 8 -23.82 30.31 34.55
N CYS B 9 -24.35 29.31 35.23
CA CYS B 9 -24.74 28.09 34.57
C CYS B 9 -26.10 28.32 34.02
N HIS B 10 -26.54 27.45 33.11
CA HIS B 10 -27.91 27.48 32.65
C HIS B 10 -28.63 26.24 33.21
N CYS B 11 -29.76 26.49 33.88
CA CYS B 11 -30.51 25.42 34.52
C CYS B 11 -31.83 25.23 33.83
N GLU B 12 -32.52 24.19 34.24
CA GLU B 12 -33.75 23.82 33.60
C GLU B 12 -34.50 22.89 34.55
N PRO B 13 -35.82 23.01 34.56
CA PRO B 13 -36.55 22.05 35.34
C PRO B 13 -36.51 20.67 34.66
N ASP B 14 -36.14 19.66 35.45
CA ASP B 14 -36.38 18.29 35.08
C ASP B 14 -37.55 17.85 35.95
N GLY B 15 -38.72 17.79 35.36
CA GLY B 15 -39.90 17.37 36.11
C GLY B 15 -40.23 18.34 37.21
N ARG B 16 -41.08 17.92 38.12
CA ARG B 16 -41.66 18.82 39.11
C ARG B 16 -40.74 19.02 40.30
N MET B 17 -39.78 18.12 40.42
CA MET B 17 -38.98 18.02 41.63
C MET B 17 -37.49 18.18 41.37
N LEU B 18 -37.05 18.04 40.11
CA LEU B 18 -35.61 17.94 39.81
C LEU B 18 -35.08 18.97 38.85
N LEU B 19 -33.77 19.07 38.81
CA LEU B 19 -33.09 20.19 38.20
C LEU B 19 -31.93 19.77 37.32
N ARG B 20 -31.94 20.29 36.08
CA ARG B 20 -30.93 19.99 35.09
C ARG B 20 -29.99 21.18 34.98
N VAL B 21 -28.77 20.99 35.48
CA VAL B 21 -27.77 22.01 35.61
C VAL B 21 -26.62 21.91 34.59
N ASP B 22 -26.48 22.89 33.70
CA ASP B 22 -25.39 22.93 32.71
C ASP B 22 -24.35 24.00 33.01
N CYS B 23 -23.20 23.61 33.54
CA CYS B 23 -22.12 24.57 33.78
C CYS B 23 -20.88 24.37 32.91
N SER B 24 -21.03 23.94 31.66
CA SER B 24 -19.87 23.61 30.84
C SER B 24 -19.37 24.87 30.22
N ASP B 25 -18.04 24.99 30.17
CA ASP B 25 -17.34 25.96 29.32
C ASP B 25 -17.45 27.40 29.84
N LEU B 26 -17.08 27.54 31.10
CA LEU B 26 -16.84 28.79 31.76
C LEU B 26 -15.66 28.36 32.60
N GLY B 27 -14.45 28.63 32.15
CA GLY B 27 -13.30 28.07 32.83
C GLY B 27 -13.50 28.14 34.33
N LEU B 28 -13.44 27.00 35.03
CA LEU B 28 -13.66 26.97 36.49
C LEU B 28 -12.66 26.07 37.21
N SER B 29 -12.63 26.17 38.52
CA SER B 29 -12.37 25.04 39.35
C SER B 29 -13.70 24.68 40.10
N GLU B 30 -13.60 23.91 41.19
CA GLU B 30 -14.73 23.07 41.71
C GLU B 30 -16.03 23.83 42.09
N LEU B 31 -17.11 23.55 41.38
CA LEU B 31 -18.15 24.57 41.13
C LEU B 31 -18.75 25.22 42.33
N PRO B 32 -19.32 24.42 43.21
CA PRO B 32 -20.10 25.00 44.29
C PRO B 32 -19.53 25.79 45.46
N SER B 33 -20.49 26.43 46.07
CA SER B 33 -21.24 25.72 47.10
C SER B 33 -22.63 25.75 46.40
N ASN B 34 -23.71 25.50 47.15
CA ASN B 34 -25.02 25.97 46.72
C ASN B 34 -25.42 25.49 45.31
N LEU B 35 -25.18 24.20 45.07
CA LEU B 35 -25.92 23.48 44.03
C LEU B 35 -26.98 22.53 44.64
N SER B 36 -28.14 22.60 43.97
CA SER B 36 -29.35 22.07 44.50
C SER B 36 -29.22 20.59 44.69
N VAL B 37 -29.60 20.15 45.88
CA VAL B 37 -29.64 18.74 46.20
C VAL B 37 -30.60 18.02 45.23
N PHE B 38 -31.40 18.77 44.45
CA PHE B 38 -32.34 18.19 43.49
C PHE B 38 -31.85 18.14 42.07
N THR B 39 -30.53 18.11 41.91
CA THR B 39 -29.95 18.23 40.60
C THR B 39 -29.83 16.81 40.06
N SER B 40 -30.43 16.60 38.89
CA SER B 40 -30.45 15.31 38.22
C SER B 40 -29.43 15.15 37.06
N TYR B 41 -28.96 16.27 36.54
CA TYR B 41 -28.02 16.29 35.42
C TYR B 41 -27.05 17.38 35.71
N LEU B 42 -25.75 17.11 35.67
CA LEU B 42 -24.75 18.16 35.92
C LEU B 42 -23.59 18.09 34.94
N ASP B 43 -23.56 19.05 34.01
CA ASP B 43 -22.51 19.16 33.02
C ASP B 43 -21.41 20.09 33.51
N LEU B 44 -20.28 19.52 33.86
CA LEU B 44 -19.11 20.30 34.21
C LEU B 44 -18.01 20.12 33.13
N SER B 45 -18.42 19.78 31.90
CA SER B 45 -17.46 19.66 30.80
C SER B 45 -16.67 20.92 30.52
N MET B 46 -15.49 20.74 29.93
CA MET B 46 -14.73 21.80 29.25
C MET B 46 -14.40 22.98 30.15
N ASN B 47 -13.96 22.69 31.38
CA ASN B 47 -13.59 23.72 32.33
C ASN B 47 -12.14 23.55 32.62
N ASN B 48 -11.68 23.89 33.83
CA ASN B 48 -10.26 23.77 34.23
C ASN B 48 -10.06 23.02 35.53
N ILE B 49 -10.97 22.09 35.79
CA ILE B 49 -11.03 21.45 37.08
C ILE B 49 -9.93 20.42 37.13
N SER B 50 -8.98 20.62 38.02
CA SER B 50 -7.81 19.77 38.10
C SER B 50 -7.88 18.93 39.34
N GLN B 51 -8.76 19.33 40.23
CA GLN B 51 -8.93 18.62 41.46
C GLN B 51 -10.38 18.81 41.80
N LEU B 52 -11.10 17.71 42.05
CA LEU B 52 -12.30 17.80 42.86
C LEU B 52 -12.08 17.00 44.11
N LEU B 53 -10.83 17.09 44.57
CA LEU B 53 -10.41 16.64 45.87
C LEU B 53 -10.98 17.56 46.99
N PRO B 54 -11.10 18.90 46.75
CA PRO B 54 -11.45 19.80 47.86
C PRO B 54 -12.96 20.12 48.03
N ASN B 55 -13.82 19.31 47.39
CA ASN B 55 -15.27 19.26 47.72
C ASN B 55 -15.64 17.79 48.05
N PRO B 56 -16.37 17.04 47.21
CA PRO B 56 -17.22 17.27 46.03
C PRO B 56 -18.64 17.60 46.53
N LEU B 57 -19.67 16.97 45.96
CA LEU B 57 -21.01 17.01 46.54
C LEU B 57 -21.57 15.62 46.65
N PRO B 58 -21.30 14.98 47.81
CA PRO B 58 -21.87 13.72 48.18
C PRO B 58 -23.32 13.83 48.67
N SER B 59 -23.95 14.96 48.41
CA SER B 59 -25.33 15.14 48.77
C SER B 59 -26.27 14.95 47.58
N LEU B 60 -25.74 14.82 46.36
CA LEU B 60 -26.63 14.85 45.19
C LEU B 60 -27.24 13.51 44.88
N ARG B 61 -28.16 13.10 45.73
CA ARG B 61 -28.65 11.73 45.62
C ARG B 61 -29.64 11.56 44.46
N PHE B 62 -30.04 12.62 43.80
CA PHE B 62 -30.85 12.46 42.60
C PHE B 62 -30.08 12.57 41.32
N LEU B 63 -28.76 12.70 41.40
CA LEU B 63 -27.90 12.93 40.20
C LEU B 63 -27.82 11.69 39.30
N GLU B 64 -28.36 11.76 38.08
CA GLU B 64 -28.33 10.61 37.15
C GLU B 64 -27.13 10.62 36.19
N GLU B 65 -26.72 11.82 35.79
CA GLU B 65 -25.67 12.01 34.81
C GLU B 65 -24.71 13.10 35.23
N LEU B 66 -23.46 12.74 35.37
CA LEU B 66 -22.42 13.67 35.67
C LEU B 66 -21.33 13.70 34.60
N ARG B 67 -21.19 14.87 33.98
CA ARG B 67 -20.19 15.14 32.92
C ARG B 67 -18.95 15.95 33.40
N LEU B 68 -17.79 15.29 33.42
CA LEU B 68 -16.52 15.93 33.80
C LEU B 68 -15.52 15.80 32.65
N ALA B 69 -16.06 15.60 31.45
CA ALA B 69 -15.25 15.49 30.27
C ALA B 69 -14.50 16.79 30.07
N GLY B 70 -13.23 16.68 29.67
CA GLY B 70 -12.53 17.82 29.12
C GLY B 70 -12.05 18.77 30.18
N ASN B 71 -11.48 18.24 31.26
CA ASN B 71 -10.92 19.07 32.27
C ASN B 71 -9.45 18.69 32.39
N ALA B 72 -8.88 18.77 33.57
CA ALA B 72 -7.50 18.48 33.76
C ALA B 72 -7.32 17.49 34.89
N LEU B 73 -8.18 16.49 34.93
CA LEU B 73 -8.15 15.59 36.07
C LEU B 73 -7.00 14.66 35.88
N THR B 74 -6.18 14.50 36.92
CA THR B 74 -5.13 13.49 36.86
C THR B 74 -5.37 12.39 37.86
N TYR B 75 -6.30 12.60 38.77
CA TYR B 75 -6.50 11.68 39.91
C TYR B 75 -7.95 11.77 40.42
N ILE B 76 -8.53 10.62 40.76
CA ILE B 76 -9.89 10.59 41.33
C ILE B 76 -9.87 9.93 42.70
N PRO B 77 -10.18 10.72 43.74
CA PRO B 77 -10.07 10.19 45.10
C PRO B 77 -11.16 9.16 45.42
N LYS B 78 -10.79 8.20 46.27
CA LYS B 78 -11.63 7.10 46.67
C LYS B 78 -13.11 7.48 46.88
N GLY B 79 -13.36 8.64 47.49
CA GLY B 79 -14.72 8.98 47.81
C GLY B 79 -15.29 10.08 46.99
N ALA B 80 -14.78 10.22 45.78
CA ALA B 80 -15.16 11.39 44.95
C ALA B 80 -16.63 11.34 44.67
N PHE B 81 -17.15 10.12 44.55
CA PHE B 81 -18.53 9.91 44.17
C PHE B 81 -19.37 9.22 45.23
N THR B 82 -18.95 9.21 46.49
CA THR B 82 -19.81 8.57 47.50
C THR B 82 -21.02 9.47 47.67
N GLY B 83 -22.18 8.86 47.89
CA GLY B 83 -23.39 9.64 47.93
C GLY B 83 -24.14 9.80 46.62
N LEU B 84 -23.56 9.45 45.49
CA LEU B 84 -24.34 9.59 44.21
C LEU B 84 -25.18 8.34 43.90
N TYR B 85 -26.27 8.20 44.63
CA TYR B 85 -27.04 6.96 44.66
C TYR B 85 -27.83 6.75 43.37
N SER B 86 -28.14 7.82 42.67
CA SER B 86 -28.85 7.68 41.40
C SER B 86 -27.94 7.77 40.16
N LEU B 87 -26.62 7.57 40.31
CA LEU B 87 -25.70 7.86 39.21
C LEU B 87 -25.68 6.80 38.09
N LYS B 88 -26.20 7.21 36.94
CA LYS B 88 -26.38 6.29 35.82
C LYS B 88 -25.23 6.46 34.80
N VAL B 89 -24.80 7.70 34.62
CA VAL B 89 -23.90 8.07 33.57
C VAL B 89 -22.78 8.93 34.04
N LEU B 90 -21.55 8.51 33.80
CA LEU B 90 -20.41 9.24 34.35
C LEU B 90 -19.41 9.44 33.23
N MET B 91 -19.10 10.70 32.94
CA MET B 91 -18.26 11.05 31.81
C MET B 91 -16.93 11.64 32.24
N LEU B 92 -15.87 10.99 31.84
CA LEU B 92 -14.55 11.44 32.25
C LEU B 92 -13.58 11.48 31.08
N GLN B 93 -14.09 11.44 29.85
CA GLN B 93 -13.17 11.49 28.69
C GLN B 93 -12.32 12.71 28.71
N ASN B 94 -11.20 12.61 28.01
CA ASN B 94 -10.36 13.76 27.71
C ASN B 94 -9.96 14.46 28.99
N ASN B 95 -9.38 13.71 29.90
CA ASN B 95 -8.59 14.26 30.99
C ASN B 95 -7.22 13.62 30.87
N GLN B 96 -6.48 13.55 31.97
CA GLN B 96 -5.13 13.07 31.96
C GLN B 96 -4.89 12.02 33.05
N LEU B 97 -5.87 11.14 33.20
CA LEU B 97 -5.71 9.98 34.04
C LEU B 97 -4.71 9.00 33.45
N ARG B 98 -3.90 8.40 34.30
CA ARG B 98 -2.91 7.40 33.83
C ARG B 98 -3.28 6.00 34.23
N HIS B 99 -4.16 5.85 35.21
CA HIS B 99 -4.75 4.55 35.46
C HIS B 99 -6.22 4.78 35.70
N VAL B 100 -7.01 3.71 35.56
CA VAL B 100 -8.40 3.76 35.96
C VAL B 100 -8.34 3.83 37.44
N PRO B 101 -9.03 4.82 38.05
CA PRO B 101 -9.04 4.99 39.50
C PRO B 101 -9.19 3.68 40.26
N THR B 102 -8.37 3.48 41.29
CA THR B 102 -8.30 2.17 41.95
C THR B 102 -9.59 1.83 42.66
N GLU B 103 -10.27 2.85 43.19
CA GLU B 103 -11.45 2.65 44.05
C GLU B 103 -12.60 3.58 43.82
N ALA B 104 -12.35 4.79 43.33
CA ALA B 104 -13.40 5.78 43.21
C ALA B 104 -14.63 5.28 42.49
N LEU B 105 -14.47 4.28 41.64
CA LEU B 105 -15.58 3.75 40.88
C LEU B 105 -16.23 2.52 41.49
N GLN B 106 -15.64 1.92 42.52
CA GLN B 106 -16.21 0.68 43.06
C GLN B 106 -17.59 0.95 43.59
N ASN B 107 -18.50 0.00 43.39
CA ASN B 107 -19.81 0.01 44.04
C ASN B 107 -20.69 1.20 43.66
N LEU B 108 -20.56 1.68 42.44
CA LEU B 108 -21.51 2.64 41.89
C LEU B 108 -22.55 1.79 41.20
N ARG B 109 -23.47 1.27 42.01
CA ARG B 109 -24.37 0.19 41.66
C ARG B 109 -25.42 0.59 40.66
N SER B 110 -25.70 1.87 40.51
CA SER B 110 -26.62 2.24 39.46
C SER B 110 -25.92 2.53 38.13
N LEU B 111 -24.59 2.46 38.06
CA LEU B 111 -23.87 3.11 36.98
C LEU B 111 -23.94 2.26 35.73
N GLN B 112 -24.50 2.83 34.67
CA GLN B 112 -24.68 2.11 33.42
C GLN B 112 -23.79 2.55 32.27
N SER B 113 -23.29 3.79 32.30
CA SER B 113 -22.42 4.32 31.23
C SER B 113 -21.21 4.97 31.79
N LEU B 114 -20.02 4.51 31.41
CA LEU B 114 -18.81 5.11 31.94
C LEU B 114 -17.86 5.50 30.85
N ARG B 115 -17.46 6.75 30.80
CA ARG B 115 -16.53 7.16 29.76
C ARG B 115 -15.18 7.50 30.33
N LEU B 116 -14.18 6.76 29.91
CA LEU B 116 -12.84 6.98 30.27
C LEU B 116 -11.93 7.16 29.06
N ASP B 117 -12.54 7.45 27.90
CA ASP B 117 -11.79 7.57 26.67
C ASP B 117 -10.92 8.83 26.65
N ALA B 118 -9.85 8.82 25.87
CA ALA B 118 -8.96 9.98 25.70
C ALA B 118 -8.34 10.40 26.98
N ASN B 119 -7.83 9.43 27.73
CA ASN B 119 -6.94 9.76 28.83
C ASN B 119 -5.54 9.23 28.53
N HIS B 120 -4.71 9.04 29.52
CA HIS B 120 -3.40 8.49 29.32
C HIS B 120 -3.34 7.17 30.09
N ILE B 121 -4.40 6.40 30.03
CA ILE B 121 -4.53 5.26 30.92
C ILE B 121 -3.66 4.13 30.46
N SER B 122 -2.64 3.79 31.25
CA SER B 122 -1.82 2.61 30.96
C SER B 122 -2.08 1.41 31.85
N TYR B 123 -2.96 1.57 32.82
CA TYR B 123 -3.14 0.51 33.82
C TYR B 123 -4.58 0.44 34.36
N VAL B 124 -5.14 -0.77 34.37
CA VAL B 124 -6.43 -1.06 34.96
C VAL B 124 -6.33 -1.86 36.27
N PRO B 125 -6.39 -1.15 37.42
CA PRO B 125 -6.35 -1.92 38.67
C PRO B 125 -7.44 -3.02 38.72
N PRO B 126 -7.03 -4.27 39.01
CA PRO B 126 -7.82 -5.53 38.92
C PRO B 126 -9.17 -5.54 39.59
N SER B 127 -9.38 -4.65 40.54
CA SER B 127 -10.71 -4.53 41.14
C SER B 127 -11.31 -3.12 40.98
N CYS B 128 -10.78 -2.28 40.09
CA CYS B 128 -11.28 -0.93 39.98
C CYS B 128 -12.77 -0.91 39.62
N PHE B 129 -13.28 -1.97 38.97
CA PHE B 129 -14.70 -2.04 38.57
C PHE B 129 -15.57 -2.88 39.48
N SER B 130 -14.96 -3.41 40.54
CA SER B 130 -15.67 -4.19 41.56
C SER B 130 -16.91 -3.47 42.04
N GLY B 131 -18.04 -4.15 41.97
CA GLY B 131 -19.29 -3.55 42.36
C GLY B 131 -20.14 -2.92 41.28
N LEU B 132 -19.64 -2.81 40.06
CA LEU B 132 -20.44 -2.13 39.03
C LEU B 132 -21.36 -3.16 38.42
N HIS B 133 -22.44 -3.39 39.13
CA HIS B 133 -23.31 -4.53 38.84
C HIS B 133 -24.26 -4.16 37.71
N SER B 134 -24.51 -2.87 37.51
CA SER B 134 -25.34 -2.42 36.37
C SER B 134 -24.57 -1.91 35.15
N LEU B 135 -23.25 -1.97 35.15
CA LEU B 135 -22.51 -1.34 34.05
C LEU B 135 -22.81 -1.92 32.65
N ARG B 136 -23.33 -1.10 31.76
CA ARG B 136 -23.72 -1.58 30.42
C ARG B 136 -22.80 -1.13 29.26
N HIS B 137 -22.29 0.08 29.33
CA HIS B 137 -21.40 0.64 28.32
C HIS B 137 -20.13 1.16 28.95
N LEU B 138 -18.98 0.68 28.46
CA LEU B 138 -17.68 1.15 28.95
C LEU B 138 -16.76 1.62 27.84
N TRP B 139 -16.34 2.87 27.86
CA TRP B 139 -15.47 3.46 26.80
C TRP B 139 -14.04 3.77 27.30
N LEU B 140 -13.07 2.98 26.85
CA LEU B 140 -11.65 3.17 27.13
C LEU B 140 -10.80 3.44 25.83
N ASP B 141 -11.50 3.53 24.73
CA ASP B 141 -11.13 4.25 23.53
C ASP B 141 -10.00 5.29 23.70
N ASP B 142 -8.90 5.16 22.96
CA ASP B 142 -7.85 6.22 22.96
C ASP B 142 -7.16 6.48 24.32
N ASN B 143 -6.39 5.51 24.76
CA ASN B 143 -5.54 5.61 25.94
C ASN B 143 -4.23 4.91 25.64
N ALA B 144 -3.56 4.34 26.65
CA ALA B 144 -2.25 3.82 26.46
C ALA B 144 -2.23 2.43 26.92
N LEU B 145 -3.32 1.72 26.71
CA LEU B 145 -3.36 0.32 27.13
C LEU B 145 -2.43 -0.52 26.31
N THR B 146 -1.70 -1.40 26.98
CA THR B 146 -0.85 -2.35 26.27
C THR B 146 -1.32 -3.77 26.39
N GLU B 147 -2.25 -4.04 27.32
CA GLU B 147 -2.76 -5.40 27.52
C GLU B 147 -4.24 -5.40 27.95
N ILE B 148 -4.94 -6.47 27.67
CA ILE B 148 -6.30 -6.58 28.09
C ILE B 148 -6.29 -6.81 29.59
N PRO B 149 -7.06 -6.02 30.34
CA PRO B 149 -7.17 -6.21 31.78
C PRO B 149 -8.16 -7.30 32.11
N VAL B 150 -7.69 -8.52 32.05
CA VAL B 150 -8.52 -9.69 32.19
C VAL B 150 -9.22 -9.78 33.55
N GLN B 151 -8.48 -9.65 34.64
CA GLN B 151 -9.10 -9.77 35.97
C GLN B 151 -10.16 -8.72 36.12
N ALA B 152 -9.86 -7.51 35.68
CA ALA B 152 -10.69 -6.39 36.01
C ALA B 152 -12.00 -6.44 35.29
N PHE B 153 -12.01 -7.17 34.19
CA PHE B 153 -13.20 -7.32 33.38
C PHE B 153 -14.07 -8.50 33.84
N ARG B 154 -13.49 -9.41 34.64
CA ARG B 154 -14.22 -10.56 35.15
C ARG B 154 -15.56 -10.17 35.71
N SER B 155 -15.60 -9.06 36.41
CA SER B 155 -16.77 -8.67 37.14
C SER B 155 -17.62 -7.68 36.38
N LEU B 156 -17.74 -7.84 35.06
CA LEU B 156 -18.59 -6.94 34.27
C LEU B 156 -19.58 -7.74 33.42
N SER B 157 -20.25 -8.68 34.07
CA SER B 157 -21.13 -9.66 33.40
C SER B 157 -22.35 -9.04 32.70
N ALA B 158 -22.65 -7.81 33.09
CA ALA B 158 -23.75 -7.10 32.51
C ALA B 158 -23.31 -6.17 31.36
N LEU B 159 -22.01 -6.11 31.07
CA LEU B 159 -21.54 -5.16 30.07
C LEU B 159 -22.02 -5.57 28.71
N GLN B 160 -22.59 -4.60 28.00
CA GLN B 160 -23.19 -4.79 26.68
C GLN B 160 -22.41 -4.12 25.53
N ALA B 161 -21.75 -2.98 25.77
CA ALA B 161 -20.88 -2.33 24.77
C ALA B 161 -19.53 -1.99 25.36
N MET B 162 -18.46 -2.21 24.60
CA MET B 162 -17.14 -1.79 25.03
C MET B 162 -16.27 -1.35 23.86
N THR B 163 -15.54 -0.25 24.03
CA THR B 163 -14.37 -0.03 23.18
C THR B 163 -13.09 -0.06 23.93
N LEU B 164 -12.13 -0.78 23.33
CA LEU B 164 -10.73 -0.55 23.60
C LEU B 164 -9.96 -0.04 22.41
N ALA B 165 -10.61 0.56 21.44
CA ALA B 165 -9.89 1.02 20.24
C ALA B 165 -8.85 2.12 20.54
N LEU B 166 -7.91 2.30 19.62
CA LEU B 166 -6.80 3.29 19.73
C LEU B 166 -6.11 3.13 21.10
N ASN B 167 -5.49 1.98 21.25
CA ASN B 167 -4.58 1.77 22.34
C ASN B 167 -3.43 1.04 21.66
N LYS B 168 -2.69 0.25 22.40
CA LYS B 168 -1.50 -0.39 21.97
C LYS B 168 -1.49 -1.85 22.44
N ILE B 169 -2.64 -2.47 22.36
CA ILE B 169 -2.76 -3.84 22.78
C ILE B 169 -2.10 -4.66 21.72
N HIS B 170 -1.22 -5.56 22.07
CA HIS B 170 -0.60 -6.36 21.03
C HIS B 170 -0.99 -7.81 21.06
N HIS B 171 -1.68 -8.25 22.10
CA HIS B 171 -2.01 -9.68 22.24
C HIS B 171 -3.30 -9.91 23.00
N ILE B 172 -4.11 -10.86 22.55
CA ILE B 172 -5.32 -11.27 23.29
C ILE B 172 -5.25 -12.73 23.61
N PRO B 173 -5.18 -13.03 24.89
CA PRO B 173 -5.06 -14.41 25.36
C PRO B 173 -6.41 -15.08 25.47
N ASP B 174 -6.36 -16.41 25.53
CA ASP B 174 -7.56 -17.21 25.65
C ASP B 174 -8.41 -16.71 26.84
N TYR B 175 -9.72 -16.63 26.68
CA TYR B 175 -10.59 -16.26 27.81
C TYR B 175 -10.43 -14.86 28.33
N ALA B 176 -9.93 -13.96 27.51
CA ALA B 176 -9.66 -12.62 27.96
C ALA B 176 -10.92 -11.89 28.35
N PHE B 177 -12.03 -12.27 27.74
CA PHE B 177 -13.35 -11.67 28.03
C PHE B 177 -14.35 -12.71 28.57
N GLY B 178 -13.81 -13.80 29.10
CA GLY B 178 -14.58 -15.06 29.34
C GLY B 178 -15.89 -14.93 30.09
N ASN B 179 -15.96 -13.93 30.94
CA ASN B 179 -17.15 -13.65 31.70
C ASN B 179 -18.07 -12.52 31.19
N LEU B 180 -17.84 -11.96 30.00
CA LEU B 180 -18.66 -10.83 29.54
C LEU B 180 -19.77 -11.40 28.71
N SER B 181 -20.64 -12.17 29.36
CA SER B 181 -21.60 -13.01 28.65
C SER B 181 -22.71 -12.19 28.04
N SER B 182 -22.84 -10.95 28.45
CA SER B 182 -23.85 -10.10 27.88
C SER B 182 -23.33 -9.21 26.75
N LEU B 183 -22.04 -9.30 26.38
CA LEU B 183 -21.48 -8.26 25.51
C LEU B 183 -22.07 -8.32 24.06
N VAL B 184 -22.51 -7.20 23.54
CA VAL B 184 -23.11 -7.18 22.22
C VAL B 184 -22.15 -6.61 21.14
N VAL B 185 -21.50 -5.51 21.50
CA VAL B 185 -20.44 -4.89 20.73
C VAL B 185 -19.10 -4.86 21.42
N LEU B 186 -18.08 -5.22 20.68
CA LEU B 186 -16.73 -5.03 21.12
C LEU B 186 -15.80 -4.38 20.07
N HIS B 187 -15.19 -3.25 20.39
CA HIS B 187 -14.29 -2.58 19.42
C HIS B 187 -12.85 -2.67 19.88
N LEU B 188 -12.00 -3.30 19.07
CA LEU B 188 -10.55 -3.32 19.29
C LEU B 188 -9.73 -2.70 18.14
N HIS B 189 -10.34 -1.82 17.33
CA HIS B 189 -9.65 -1.34 16.14
C HIS B 189 -8.57 -0.36 16.49
N ASN B 190 -7.59 -0.27 15.57
CA ASN B 190 -6.46 0.62 15.72
C ASN B 190 -5.69 0.29 17.01
N ASN B 191 -5.34 -0.96 17.20
CA ASN B 191 -4.43 -1.32 18.27
C ASN B 191 -3.20 -1.78 17.59
N ARG B 192 -2.59 -2.83 18.10
CA ARG B 192 -1.28 -3.24 17.63
C ARG B 192 -1.22 -4.76 17.62
N ILE B 193 -2.37 -5.37 17.36
CA ILE B 193 -2.58 -6.74 17.73
C ILE B 193 -1.97 -7.62 16.70
N HIS B 194 -0.98 -8.43 17.11
CA HIS B 194 -0.41 -9.46 16.24
C HIS B 194 -0.80 -10.83 16.62
N SER B 195 -1.50 -11.02 17.74
CA SER B 195 -1.74 -12.42 18.13
C SER B 195 -3.03 -12.57 18.85
N LEU B 196 -3.80 -13.58 18.44
CA LEU B 196 -5.01 -13.94 19.12
C LEU B 196 -4.91 -15.36 19.64
N GLY B 197 -5.23 -15.56 20.90
CA GLY B 197 -5.54 -16.93 21.36
C GLY B 197 -6.59 -17.63 20.49
N LYS B 198 -6.52 -18.95 20.41
CA LYS B 198 -7.55 -19.72 19.68
C LYS B 198 -8.93 -19.67 20.37
N LYS B 199 -8.96 -19.24 21.63
CA LYS B 199 -10.18 -19.03 22.41
C LYS B 199 -10.31 -17.62 22.99
N CYS B 200 -9.53 -16.68 22.51
CA CYS B 200 -9.63 -15.38 23.12
C CYS B 200 -11.06 -14.83 23.15
N PHE B 201 -11.97 -15.21 22.24
CA PHE B 201 -13.39 -14.77 22.40
C PHE B 201 -14.34 -15.78 23.12
N ASP B 202 -13.81 -16.84 23.71
CA ASP B 202 -14.68 -17.81 24.40
C ASP B 202 -15.30 -17.13 25.65
N GLY B 203 -16.61 -17.18 25.76
CA GLY B 203 -17.31 -16.44 26.77
C GLY B 203 -18.35 -15.43 26.25
N LEU B 204 -18.19 -14.94 25.02
CA LEU B 204 -18.96 -13.81 24.55
C LEU B 204 -20.19 -14.32 23.82
N HIS B 205 -21.05 -14.95 24.60
CA HIS B 205 -22.20 -15.63 24.07
C HIS B 205 -23.11 -14.69 23.32
N SER B 206 -23.19 -13.41 23.72
CA SER B 206 -24.12 -12.49 23.03
C SER B 206 -23.52 -11.58 21.97
N LEU B 207 -22.23 -11.72 21.67
CA LEU B 207 -21.55 -10.76 20.79
C LEU B 207 -22.15 -10.75 19.40
N GLU B 208 -22.52 -9.56 18.92
CA GLU B 208 -23.05 -9.39 17.57
C GLU B 208 -22.16 -8.61 16.64
N THR B 209 -21.44 -7.62 17.16
CA THR B 209 -20.41 -6.87 16.41
C THR B 209 -18.98 -7.02 16.99
N LEU B 210 -18.02 -7.32 16.13
CA LEU B 210 -16.65 -7.47 16.55
C LEU B 210 -15.69 -6.76 15.63
N ASP B 211 -14.91 -5.83 16.17
CA ASP B 211 -14.08 -4.97 15.39
C ASP B 211 -12.61 -5.08 15.71
N LEU B 212 -11.92 -5.86 14.85
CA LEU B 212 -10.46 -5.99 14.78
C LEU B 212 -9.78 -5.18 13.64
N ASN B 213 -10.48 -4.23 13.06
CA ASN B 213 -9.88 -3.44 11.95
C ASN B 213 -8.65 -2.67 12.38
N TYR B 214 -7.73 -2.48 11.41
CA TYR B 214 -6.46 -1.79 11.65
C TYR B 214 -5.71 -2.39 12.86
N ASN B 215 -5.16 -3.59 12.67
CA ASN B 215 -4.18 -4.17 13.62
C ASN B 215 -3.12 -4.85 12.76
N ASN B 216 -2.30 -5.69 13.37
CA ASN B 216 -1.22 -6.35 12.63
C ASN B 216 -1.50 -7.82 12.58
N LEU B 217 -2.71 -8.17 12.26
CA LEU B 217 -3.07 -9.56 12.37
C LEU B 217 -2.34 -10.32 11.32
N ASP B 218 -1.86 -11.47 11.75
CA ASP B 218 -1.02 -12.39 10.97
C ASP B 218 -1.83 -13.45 10.30
N GLU B 219 -2.87 -13.90 10.98
CA GLU B 219 -3.67 -14.95 10.47
C GLU B 219 -5.12 -14.80 10.78
N PHE B 220 -5.91 -15.58 10.08
CA PHE B 220 -7.33 -15.45 10.25
C PHE B 220 -7.66 -15.73 11.73
N PRO B 221 -8.52 -14.90 12.36
CA PRO B 221 -8.96 -15.04 13.78
C PRO B 221 -9.94 -16.19 14.05
N THR B 222 -9.40 -17.39 14.03
CA THR B 222 -10.12 -18.61 14.29
C THR B 222 -11.06 -18.61 15.52
N ALA B 223 -10.72 -17.84 16.54
CA ALA B 223 -11.51 -17.75 17.74
C ALA B 223 -12.93 -17.34 17.47
N ILE B 224 -13.20 -16.84 16.27
CA ILE B 224 -14.58 -16.48 15.95
C ILE B 224 -15.52 -17.67 15.81
N ARG B 225 -15.01 -18.89 15.68
CA ARG B 225 -15.95 -20.04 15.45
C ARG B 225 -16.99 -20.19 16.56
N THR B 226 -16.68 -19.61 17.70
CA THR B 226 -17.54 -19.67 18.88
C THR B 226 -18.59 -18.56 18.99
N LEU B 227 -18.51 -17.53 18.15
CA LEU B 227 -19.32 -16.37 18.32
C LEU B 227 -20.60 -16.55 17.47
N SER B 228 -21.51 -17.39 17.94
CA SER B 228 -22.67 -17.79 17.13
C SER B 228 -23.58 -16.65 16.76
N ASN B 229 -23.63 -15.61 17.58
CA ASN B 229 -24.52 -14.49 17.33
C ASN B 229 -23.93 -13.38 16.45
N LEU B 230 -22.77 -13.60 15.90
CA LEU B 230 -22.12 -12.54 15.18
C LEU B 230 -22.84 -12.11 13.90
N LYS B 231 -23.05 -10.79 13.78
CA LYS B 231 -23.78 -10.18 12.67
C LYS B 231 -22.86 -9.29 11.86
N GLU B 232 -21.93 -8.63 12.55
CA GLU B 232 -20.94 -7.74 11.90
C GLU B 232 -19.50 -8.06 12.35
N LEU B 233 -18.66 -8.46 11.40
CA LEU B 233 -17.25 -8.76 11.68
C LEU B 233 -16.33 -7.93 10.84
N GLY B 234 -15.42 -7.22 11.46
CA GLY B 234 -14.40 -6.50 10.76
C GLY B 234 -12.98 -6.90 11.12
N PHE B 235 -12.22 -7.29 10.10
CA PHE B 235 -10.78 -7.33 10.24
C PHE B 235 -9.99 -6.78 9.05
N HIS B 236 -10.49 -5.70 8.45
CA HIS B 236 -9.80 -5.13 7.33
C HIS B 236 -8.59 -4.38 7.80
N SER B 237 -7.63 -4.26 6.88
CA SER B 237 -6.33 -3.65 7.12
C SER B 237 -5.60 -4.35 8.27
N ASN B 238 -5.25 -5.58 7.97
CA ASN B 238 -4.35 -6.36 8.77
C ASN B 238 -3.38 -6.97 7.73
N ASN B 239 -2.68 -8.02 8.08
CA ASN B 239 -1.72 -8.63 7.19
C ASN B 239 -2.06 -10.08 7.07
N ILE B 240 -3.35 -10.36 7.08
CA ILE B 240 -3.83 -11.71 6.87
C ILE B 240 -3.71 -12.10 5.41
N ARG B 241 -3.21 -13.32 5.17
CA ARG B 241 -2.83 -13.81 3.86
C ARG B 241 -3.74 -14.91 3.32
N SER B 242 -4.62 -15.44 4.17
CA SER B 242 -5.56 -16.44 3.72
C SER B 242 -6.72 -16.57 4.66
N ILE B 243 -7.84 -16.99 4.08
CA ILE B 243 -9.03 -17.23 4.79
C ILE B 243 -9.28 -18.71 4.67
N PRO B 244 -9.35 -19.39 5.80
CA PRO B 244 -9.40 -20.82 5.70
C PRO B 244 -10.71 -21.41 5.21
N GLU B 245 -10.58 -22.68 4.91
CA GLU B 245 -11.71 -23.58 4.72
C GLU B 245 -12.59 -23.43 5.98
N LYS B 246 -13.90 -23.23 5.82
CA LYS B 246 -14.86 -23.19 6.96
C LYS B 246 -14.68 -22.08 7.99
N ALA B 247 -14.27 -20.94 7.47
CA ALA B 247 -13.93 -19.79 8.24
C ALA B 247 -15.08 -19.34 9.09
N PHE B 248 -16.27 -19.37 8.49
CA PHE B 248 -17.45 -18.79 9.11
C PHE B 248 -18.50 -19.82 9.50
N VAL B 249 -18.12 -21.09 9.68
CA VAL B 249 -19.10 -22.10 10.06
C VAL B 249 -19.83 -21.75 11.34
N GLY B 250 -19.14 -21.12 12.27
CA GLY B 250 -19.72 -20.80 13.57
C GLY B 250 -20.62 -19.58 13.53
N ASN B 251 -20.63 -18.84 12.43
CA ASN B 251 -21.28 -17.50 12.46
C ASN B 251 -22.37 -17.30 11.41
N PRO B 252 -23.48 -18.01 11.54
CA PRO B 252 -24.49 -18.03 10.46
C PRO B 252 -25.31 -16.76 10.31
N SER B 253 -25.17 -15.81 11.23
CA SER B 253 -25.97 -14.59 11.16
C SER B 253 -25.19 -13.43 10.53
N LEU B 254 -24.01 -13.71 10.01
CA LEU B 254 -23.22 -12.64 9.50
C LEU B 254 -23.96 -11.94 8.36
N ILE B 255 -24.07 -10.65 8.50
CA ILE B 255 -24.59 -9.75 7.52
C ILE B 255 -23.44 -8.96 6.87
N THR B 256 -22.50 -8.45 7.66
CA THR B 256 -21.37 -7.81 7.10
C THR B 256 -20.05 -8.39 7.60
N ILE B 257 -19.17 -8.64 6.64
CA ILE B 257 -17.80 -9.04 6.87
C ILE B 257 -16.80 -8.16 6.09
N HIS B 258 -16.00 -7.38 6.80
CA HIS B 258 -14.95 -6.61 6.18
C HIS B 258 -13.59 -7.20 6.38
N PHE B 259 -12.94 -7.52 5.27
CA PHE B 259 -11.55 -7.97 5.27
C PHE B 259 -10.71 -7.42 4.06
N TYR B 260 -11.19 -6.37 3.39
CA TYR B 260 -10.40 -5.71 2.37
C TYR B 260 -9.14 -5.13 2.98
N ASP B 261 -8.23 -4.67 2.12
CA ASP B 261 -6.89 -4.25 2.52
C ASP B 261 -6.22 -5.27 3.44
N ASN B 262 -6.35 -6.55 3.11
CA ASN B 262 -5.48 -7.59 3.61
C ASN B 262 -4.86 -8.27 2.41
N PRO B 263 -3.60 -8.66 2.48
CA PRO B 263 -3.00 -9.38 1.36
C PRO B 263 -3.47 -10.79 1.25
N ILE B 264 -4.75 -10.92 1.09
CA ILE B 264 -5.35 -12.26 1.07
C ILE B 264 -5.01 -12.95 -0.25
N GLN B 265 -4.45 -14.16 -0.16
CA GLN B 265 -4.02 -14.89 -1.34
C GLN B 265 -4.87 -16.09 -1.62
N PHE B 266 -5.26 -16.78 -0.58
CA PHE B 266 -6.18 -17.90 -0.73
C PHE B 266 -7.47 -17.76 0.12
N VAL B 267 -8.57 -18.35 -0.36
CA VAL B 267 -9.79 -18.54 0.43
C VAL B 267 -10.26 -19.96 0.29
N GLY B 268 -10.77 -20.57 1.37
CA GLY B 268 -11.26 -21.94 1.27
C GLY B 268 -12.49 -21.96 0.36
N ARG B 269 -12.65 -23.01 -0.44
CA ARG B 269 -13.88 -23.21 -1.20
C ARG B 269 -15.12 -23.09 -0.31
N SER B 270 -15.06 -23.67 0.90
CA SER B 270 -16.18 -23.67 1.84
C SER B 270 -16.30 -22.39 2.64
N ALA B 271 -15.43 -21.44 2.43
CA ALA B 271 -15.28 -20.42 3.43
C ALA B 271 -16.61 -19.78 3.71
N PHE B 272 -17.39 -19.52 2.67
CA PHE B 272 -18.60 -18.68 2.82
C PHE B 272 -19.91 -19.48 2.77
N GLN B 273 -19.85 -20.79 3.04
CA GLN B 273 -21.07 -21.55 3.15
C GLN B 273 -21.86 -21.08 4.31
N HIS B 274 -23.19 -21.11 4.14
CA HIS B 274 -24.13 -20.99 5.25
C HIS B 274 -24.23 -19.62 5.86
N LEU B 275 -24.29 -18.65 4.96
CA LEU B 275 -24.33 -17.24 5.33
C LEU B 275 -25.56 -16.60 4.65
N PRO B 276 -26.72 -17.14 5.00
CA PRO B 276 -27.98 -16.75 4.38
C PRO B 276 -28.26 -15.28 4.49
N GLU B 277 -27.61 -14.62 5.41
CA GLU B 277 -27.80 -13.21 5.59
C GLU B 277 -26.84 -12.40 4.78
N LEU B 278 -25.75 -12.99 4.30
CA LEU B 278 -24.83 -12.25 3.43
C LEU B 278 -25.49 -11.76 2.14
N ARG B 279 -25.42 -10.46 1.87
CA ARG B 279 -25.93 -9.93 0.62
C ARG B 279 -24.89 -9.53 -0.44
N THR B 280 -23.61 -9.39 -0.09
CA THR B 280 -22.53 -9.18 -1.08
C THR B 280 -21.23 -9.88 -0.68
N LEU B 281 -20.51 -10.39 -1.67
CA LEU B 281 -19.23 -11.04 -1.42
C LEU B 281 -18.21 -10.47 -2.40
N THR B 282 -17.15 -9.84 -1.93
CA THR B 282 -16.16 -9.32 -2.88
C THR B 282 -14.74 -9.70 -2.48
N LEU B 283 -14.06 -10.36 -3.40
CA LEU B 283 -12.71 -10.86 -3.21
C LEU B 283 -11.76 -10.38 -4.29
N ASN B 284 -11.03 -9.31 -4.06
CA ASN B 284 -10.05 -8.83 -5.07
C ASN B 284 -8.64 -9.28 -4.81
N GLY B 285 -8.04 -9.89 -5.81
CA GLY B 285 -6.64 -10.15 -5.75
C GLY B 285 -6.31 -11.40 -4.99
N ALA B 286 -7.27 -12.27 -4.80
CA ALA B 286 -6.98 -13.52 -4.11
C ALA B 286 -6.37 -14.48 -5.10
N SER B 287 -5.19 -14.09 -5.55
CA SER B 287 -4.52 -14.69 -6.71
C SER B 287 -4.27 -16.14 -6.76
N GLN B 288 -4.28 -16.85 -5.64
CA GLN B 288 -4.12 -18.31 -5.72
C GLN B 288 -5.45 -19.03 -5.71
N ILE B 289 -6.56 -18.30 -5.74
CA ILE B 289 -7.86 -18.96 -5.84
C ILE B 289 -7.97 -19.62 -7.20
N THR B 290 -8.17 -20.92 -7.15
CA THR B 290 -8.31 -21.74 -8.35
C THR B 290 -9.73 -22.15 -8.64
N GLU B 291 -10.44 -22.56 -7.60
CA GLU B 291 -11.79 -23.04 -7.77
C GLU B 291 -12.78 -21.95 -7.49
N PHE B 292 -13.98 -22.11 -7.99
CA PHE B 292 -15.05 -21.16 -7.68
C PHE B 292 -15.70 -21.55 -6.33
N PRO B 293 -15.98 -20.58 -5.46
CA PRO B 293 -16.35 -20.97 -4.09
C PRO B 293 -17.72 -21.59 -4.03
N ASP B 294 -17.88 -22.55 -3.12
CA ASP B 294 -19.18 -23.14 -2.89
C ASP B 294 -20.04 -22.25 -1.99
N LEU B 295 -21.29 -22.09 -2.38
CA LEU B 295 -22.16 -21.13 -1.75
C LEU B 295 -23.43 -21.78 -1.16
N THR B 296 -23.34 -23.08 -0.88
CA THR B 296 -24.45 -23.70 -0.19
C THR B 296 -24.76 -23.00 1.13
N GLY B 297 -26.03 -22.75 1.38
CA GLY B 297 -26.45 -21.95 2.50
C GLY B 297 -26.52 -20.47 2.18
N THR B 298 -25.85 -20.06 1.10
CA THR B 298 -25.59 -18.63 0.92
C THR B 298 -26.28 -18.20 -0.39
N ALA B 299 -27.60 -18.25 -0.38
CA ALA B 299 -28.40 -18.10 -1.60
C ALA B 299 -28.82 -16.66 -1.90
N ASN B 300 -28.55 -15.75 -0.98
CA ASN B 300 -29.09 -14.39 -1.06
C ASN B 300 -28.07 -13.35 -1.44
N LEU B 301 -26.93 -13.79 -1.97
CA LEU B 301 -25.97 -12.88 -2.56
C LEU B 301 -26.63 -12.14 -3.73
N GLU B 302 -26.66 -10.83 -3.66
CA GLU B 302 -27.05 -10.03 -4.78
C GLU B 302 -25.86 -9.33 -5.45
N SER B 303 -24.65 -9.64 -5.01
CA SER B 303 -23.45 -9.11 -5.69
C SER B 303 -22.26 -9.98 -5.33
N LEU B 304 -21.49 -10.33 -6.35
CA LEU B 304 -20.37 -11.24 -6.15
C LEU B 304 -19.23 -10.87 -7.04
N THR B 305 -18.16 -10.37 -6.45
CA THR B 305 -16.97 -9.97 -7.17
C THR B 305 -15.86 -10.87 -6.75
N LEU B 306 -15.23 -11.49 -7.71
CA LEU B 306 -14.12 -12.33 -7.49
C LEU B 306 -13.08 -12.10 -8.65
N THR B 307 -12.23 -11.11 -8.44
CA THR B 307 -11.32 -10.67 -9.47
C THR B 307 -9.90 -10.98 -9.15
N GLY B 308 -9.16 -11.42 -10.15
CA GLY B 308 -7.72 -11.43 -10.10
C GLY B 308 -7.21 -12.73 -9.60
N ALA B 309 -7.88 -13.81 -9.96
CA ALA B 309 -7.47 -15.10 -9.46
C ALA B 309 -7.25 -15.99 -10.64
N GLN B 310 -7.33 -17.29 -10.46
CA GLN B 310 -7.00 -18.22 -11.49
C GLN B 310 -8.12 -19.23 -11.69
N ILE B 311 -9.36 -18.75 -11.78
CA ILE B 311 -10.46 -19.66 -12.03
C ILE B 311 -10.57 -19.90 -13.55
N SER B 312 -10.49 -21.16 -13.95
CA SER B 312 -10.51 -21.53 -15.36
C SER B 312 -11.88 -22.02 -15.86
N SER B 313 -12.69 -22.57 -14.96
CA SER B 313 -14.00 -23.09 -15.28
C SER B 313 -14.98 -22.88 -14.14
N LEU B 314 -16.21 -22.55 -14.49
CA LEU B 314 -17.34 -22.51 -13.57
C LEU B 314 -18.04 -23.85 -13.64
N PRO B 315 -18.52 -24.37 -12.49
CA PRO B 315 -19.43 -25.50 -12.53
C PRO B 315 -20.64 -25.22 -13.42
N GLN B 316 -21.12 -26.24 -14.09
CA GLN B 316 -22.25 -26.09 -15.03
C GLN B 316 -23.51 -25.51 -14.36
N THR B 317 -23.68 -25.86 -13.09
CA THR B 317 -24.84 -25.50 -12.25
C THR B 317 -24.67 -24.22 -11.42
N VAL B 318 -23.60 -23.46 -11.62
CA VAL B 318 -23.27 -22.35 -10.73
C VAL B 318 -24.43 -21.45 -10.41
N CYS B 319 -25.32 -21.23 -11.37
CA CYS B 319 -26.42 -20.30 -11.12
C CYS B 319 -27.48 -20.85 -10.15
N ASN B 320 -27.44 -22.15 -9.88
CA ASN B 320 -28.33 -22.77 -8.90
C ASN B 320 -28.13 -22.13 -7.53
N GLN B 321 -26.90 -21.74 -7.25
CA GLN B 321 -26.51 -21.09 -6.02
C GLN B 321 -26.55 -19.57 -6.10
N LEU B 322 -27.14 -19.02 -7.17
CA LEU B 322 -27.11 -17.58 -7.40
C LEU B 322 -28.44 -17.00 -7.83
N PRO B 323 -29.54 -17.50 -7.21
CA PRO B 323 -30.89 -17.10 -7.60
C PRO B 323 -31.16 -15.63 -7.50
N ASN B 324 -30.45 -14.93 -6.64
CA ASN B 324 -30.73 -13.49 -6.51
C ASN B 324 -29.60 -12.63 -6.96
N LEU B 325 -28.57 -13.24 -7.52
CA LEU B 325 -27.42 -12.46 -7.95
C LEU B 325 -27.85 -11.42 -8.98
N GLN B 326 -27.41 -10.18 -8.76
CA GLN B 326 -27.64 -9.07 -9.67
C GLN B 326 -26.38 -8.59 -10.35
N VAL B 327 -25.24 -8.64 -9.65
CA VAL B 327 -23.95 -8.23 -10.23
C VAL B 327 -22.97 -9.38 -10.13
N LEU B 328 -22.38 -9.77 -11.24
CA LEU B 328 -21.32 -10.75 -11.22
C LEU B 328 -20.09 -10.12 -11.88
N ASP B 329 -18.94 -10.27 -11.24
CA ASP B 329 -17.74 -9.73 -11.77
C ASP B 329 -16.63 -10.71 -11.53
N LEU B 330 -16.23 -11.43 -12.57
CA LEU B 330 -15.10 -12.36 -12.49
C LEU B 330 -13.93 -11.91 -13.35
N SER B 331 -13.79 -10.59 -13.41
CA SER B 331 -12.74 -9.88 -14.08
C SER B 331 -11.35 -10.48 -13.75
N TYR B 332 -10.41 -10.40 -14.69
CA TYR B 332 -9.05 -10.93 -14.50
C TYR B 332 -8.94 -12.34 -13.93
N ASN B 333 -9.53 -13.30 -14.62
CA ASN B 333 -9.35 -14.69 -14.30
C ASN B 333 -8.90 -15.44 -15.54
N LEU B 334 -9.08 -16.74 -15.51
CA LEU B 334 -8.57 -17.64 -16.52
C LEU B 334 -9.70 -18.39 -17.19
N LEU B 335 -10.83 -17.73 -17.38
CA LEU B 335 -12.03 -18.42 -17.94
C LEU B 335 -11.95 -18.61 -19.45
N GLU B 336 -12.06 -19.85 -19.91
CA GLU B 336 -12.20 -20.16 -21.34
C GLU B 336 -13.66 -20.54 -21.66
N ASP B 337 -14.00 -21.81 -21.50
CA ASP B 337 -15.37 -22.25 -21.76
C ASP B 337 -16.29 -21.89 -20.59
N LEU B 338 -17.27 -21.03 -20.86
CA LEU B 338 -18.27 -20.62 -19.87
C LEU B 338 -19.71 -21.16 -20.09
N PRO B 339 -20.43 -21.42 -18.98
CA PRO B 339 -21.66 -22.20 -19.09
C PRO B 339 -22.84 -21.24 -19.37
N SER B 340 -24.06 -21.72 -19.14
CA SER B 340 -25.24 -20.90 -19.33
C SER B 340 -25.56 -20.09 -18.06
N PHE B 341 -25.66 -18.77 -18.19
CA PHE B 341 -26.01 -17.91 -17.07
C PHE B 341 -27.51 -17.62 -17.05
N SER B 342 -28.33 -18.56 -17.49
CA SER B 342 -29.76 -18.34 -17.71
C SER B 342 -30.52 -18.46 -16.40
N VAL B 343 -30.21 -19.49 -15.60
CA VAL B 343 -30.78 -19.66 -14.24
C VAL B 343 -30.55 -18.45 -13.32
N CYS B 344 -29.51 -17.66 -13.60
CA CYS B 344 -29.17 -16.45 -12.85
C CYS B 344 -30.12 -15.33 -13.24
N GLN B 345 -31.39 -15.63 -13.09
CA GLN B 345 -32.42 -14.85 -13.73
C GLN B 345 -32.41 -13.38 -13.40
N LYS B 346 -31.92 -13.00 -12.21
CA LYS B 346 -32.04 -11.58 -11.75
C LYS B 346 -30.82 -10.73 -12.11
N LEU B 347 -29.93 -11.35 -12.87
CA LEU B 347 -28.64 -10.76 -13.17
C LEU B 347 -28.86 -9.53 -14.00
N GLN B 348 -28.18 -8.47 -13.66
CA GLN B 348 -28.37 -7.26 -14.39
C GLN B 348 -27.07 -6.51 -14.69
N LYS B 349 -25.94 -7.18 -14.58
CA LYS B 349 -24.63 -6.58 -14.84
C LYS B 349 -23.66 -7.73 -14.83
N ILE B 350 -22.82 -7.80 -15.85
CA ILE B 350 -21.83 -8.85 -15.89
C ILE B 350 -20.51 -8.28 -16.36
N ASP B 351 -19.43 -8.74 -15.73
CA ASP B 351 -18.10 -8.32 -16.07
C ASP B 351 -17.15 -9.50 -16.11
N LEU B 352 -16.67 -9.83 -17.31
CA LEU B 352 -15.82 -10.97 -17.54
C LEU B 352 -14.57 -10.55 -18.26
N ARG B 353 -14.29 -9.25 -18.18
CA ARG B 353 -13.15 -8.69 -18.83
C ARG B 353 -11.91 -9.39 -18.35
N HIS B 354 -10.94 -9.48 -19.25
CA HIS B 354 -9.68 -10.12 -19.03
C HIS B 354 -9.80 -11.55 -18.58
N ASN B 355 -10.49 -12.34 -19.38
CA ASN B 355 -10.40 -13.77 -19.25
C ASN B 355 -9.86 -14.33 -20.54
N GLU B 356 -10.01 -15.63 -20.73
CA GLU B 356 -9.50 -16.35 -21.88
C GLU B 356 -10.66 -16.92 -22.68
N ILE B 357 -11.75 -16.16 -22.70
CA ILE B 357 -12.97 -16.57 -23.37
C ILE B 357 -12.71 -16.46 -24.86
N TYR B 358 -13.11 -17.46 -25.65
CA TYR B 358 -13.03 -17.36 -27.14
C TYR B 358 -14.40 -17.31 -27.86
N GLU B 359 -15.37 -18.11 -27.39
CA GLU B 359 -16.65 -18.30 -28.05
C GLU B 359 -17.81 -18.06 -27.11
N ILE B 360 -18.66 -17.11 -27.46
CA ILE B 360 -19.94 -17.02 -26.79
C ILE B 360 -21.03 -17.64 -27.67
N LYS B 361 -21.94 -18.39 -27.04
CA LYS B 361 -22.96 -19.20 -27.72
C LYS B 361 -24.41 -18.66 -27.57
N VAL B 362 -25.39 -19.46 -28.00
CA VAL B 362 -26.83 -19.09 -27.83
C VAL B 362 -27.27 -19.08 -26.35
N ASP B 363 -26.80 -20.07 -25.59
CA ASP B 363 -27.17 -20.26 -24.18
C ASP B 363 -26.66 -19.15 -23.24
N THR B 364 -25.38 -18.82 -23.40
CA THR B 364 -24.55 -18.24 -22.32
C THR B 364 -25.30 -17.10 -21.64
N PHE B 365 -25.79 -16.13 -22.40
CA PHE B 365 -26.53 -15.00 -21.81
C PHE B 365 -28.03 -14.99 -22.17
N GLN B 366 -28.58 -16.18 -22.40
CA GLN B 366 -29.96 -16.29 -22.87
C GLN B 366 -31.02 -16.19 -21.76
N GLN B 367 -32.06 -15.42 -22.04
CA GLN B 367 -33.19 -15.23 -21.13
C GLN B 367 -32.82 -14.39 -19.88
N LEU B 368 -31.97 -13.37 -20.08
CA LEU B 368 -31.58 -12.52 -18.99
C LEU B 368 -32.19 -11.18 -19.23
N LEU B 369 -33.48 -11.13 -18.91
CA LEU B 369 -34.34 -10.04 -19.32
C LEU B 369 -34.02 -8.76 -18.59
N SER B 370 -33.39 -8.87 -17.42
CA SER B 370 -33.04 -7.69 -16.62
C SER B 370 -31.62 -7.18 -16.89
N LEU B 371 -30.85 -7.99 -17.61
CA LEU B 371 -29.46 -7.68 -17.92
C LEU B 371 -29.23 -6.37 -18.68
N ARG B 372 -28.66 -5.38 -17.98
CA ARG B 372 -28.35 -4.05 -18.56
C ARG B 372 -26.94 -3.95 -19.18
N SER B 373 -25.91 -4.38 -18.44
CA SER B 373 -24.54 -4.28 -18.94
C SER B 373 -23.89 -5.62 -19.05
N LEU B 374 -23.04 -5.76 -20.05
CA LEU B 374 -22.28 -6.94 -20.24
C LEU B 374 -20.93 -6.47 -20.79
N ASN B 375 -19.85 -6.73 -20.05
CA ASN B 375 -18.51 -6.40 -20.49
C ASN B 375 -17.71 -7.66 -20.75
N LEU B 376 -17.19 -7.78 -21.98
CA LEU B 376 -16.38 -8.93 -22.39
C LEU B 376 -15.02 -8.52 -22.95
N ALA B 377 -14.63 -7.31 -22.62
CA ALA B 377 -13.40 -6.74 -23.08
C ALA B 377 -12.22 -7.67 -22.85
N TRP B 378 -11.24 -7.60 -23.74
CA TRP B 378 -9.97 -8.26 -23.53
C TRP B 378 -10.07 -9.77 -23.36
N ASN B 379 -10.91 -10.38 -24.17
CA ASN B 379 -10.82 -11.81 -24.31
C ASN B 379 -10.19 -12.27 -25.63
N LYS B 380 -10.25 -13.58 -25.85
CA LYS B 380 -9.89 -14.20 -27.11
C LYS B 380 -11.14 -14.36 -28.01
N ILE B 381 -12.21 -13.56 -27.80
CA ILE B 381 -13.47 -13.87 -28.52
C ILE B 381 -13.44 -13.72 -30.06
N ALA B 382 -13.53 -14.86 -30.75
CA ALA B 382 -13.54 -14.94 -32.20
C ALA B 382 -14.97 -15.01 -32.79
N ILE B 383 -15.80 -15.87 -32.18
CA ILE B 383 -17.05 -16.39 -32.73
C ILE B 383 -18.17 -16.13 -31.73
N ILE B 384 -19.05 -15.20 -32.05
CA ILE B 384 -20.25 -14.93 -31.26
C ILE B 384 -21.42 -15.49 -32.05
N HIS B 385 -22.07 -16.53 -31.54
CA HIS B 385 -23.25 -17.10 -32.20
C HIS B 385 -24.24 -15.97 -32.59
N PRO B 386 -24.98 -16.14 -33.70
CA PRO B 386 -25.70 -14.92 -34.17
C PRO B 386 -26.93 -14.55 -33.33
N ASN B 387 -27.61 -15.56 -32.80
CA ASN B 387 -28.73 -15.32 -31.88
C ASN B 387 -28.38 -15.04 -30.40
N ALA B 388 -27.09 -14.98 -30.05
CA ALA B 388 -26.69 -14.98 -28.63
C ALA B 388 -27.16 -13.79 -27.82
N PHE B 389 -27.45 -12.67 -28.50
CA PHE B 389 -27.85 -11.42 -27.84
C PHE B 389 -29.34 -11.16 -28.10
N SER B 390 -30.05 -12.19 -28.59
CA SER B 390 -31.44 -12.04 -29.05
C SER B 390 -32.40 -11.78 -27.90
N THR B 391 -32.23 -12.55 -26.82
CA THR B 391 -33.16 -12.53 -25.69
C THR B 391 -32.74 -11.55 -24.58
N LEU B 392 -32.13 -10.43 -24.96
CA LEU B 392 -31.54 -9.49 -23.99
C LEU B 392 -32.15 -8.07 -24.06
N PRO B 393 -33.46 -7.97 -23.79
CA PRO B 393 -34.22 -6.73 -23.89
C PRO B 393 -33.67 -5.51 -23.16
N SER B 394 -33.30 -5.66 -21.89
CA SER B 394 -32.83 -4.52 -21.06
C SER B 394 -31.43 -3.99 -21.42
N LEU B 395 -30.69 -4.81 -22.18
CA LEU B 395 -29.30 -4.54 -22.54
C LEU B 395 -29.01 -3.14 -23.11
N ILE B 396 -28.37 -2.33 -22.28
CA ILE B 396 -28.06 -0.92 -22.58
C ILE B 396 -26.58 -0.73 -23.02
N LYS B 397 -25.65 -1.51 -22.44
CA LYS B 397 -24.20 -1.33 -22.66
C LYS B 397 -23.57 -2.64 -23.03
N LEU B 398 -22.69 -2.62 -24.01
CA LEU B 398 -22.03 -3.83 -24.47
C LEU B 398 -20.60 -3.55 -24.93
N ASP B 399 -19.64 -4.12 -24.19
CA ASP B 399 -18.21 -3.84 -24.39
C ASP B 399 -17.52 -5.11 -24.82
N LEU B 400 -17.19 -5.17 -26.11
CA LEU B 400 -16.59 -6.35 -26.67
C LEU B 400 -15.12 -6.08 -27.05
N SER B 401 -14.64 -4.88 -26.68
CA SER B 401 -13.29 -4.39 -26.98
C SER B 401 -12.21 -5.43 -26.94
N SER B 402 -11.09 -5.07 -27.55
CA SER B 402 -9.85 -5.88 -27.59
C SER B 402 -10.05 -7.39 -27.55
N ASN B 403 -10.93 -7.89 -28.39
CA ASN B 403 -10.83 -9.32 -28.72
C ASN B 403 -11.13 -9.70 -30.15
N LEU B 404 -10.62 -10.85 -30.54
CA LEU B 404 -10.24 -11.01 -31.92
C LEU B 404 -11.54 -11.22 -32.77
N LEU B 405 -12.36 -10.19 -32.66
CA LEU B 405 -13.59 -10.08 -33.39
C LEU B 405 -13.29 -9.32 -34.66
N SER B 406 -14.30 -9.32 -35.53
CA SER B 406 -14.02 -9.49 -36.94
C SER B 406 -15.26 -9.63 -37.83
N SER B 407 -14.97 -10.09 -39.03
CA SER B 407 -15.87 -11.03 -39.66
C SER B 407 -15.77 -12.24 -38.73
N PHE B 408 -16.82 -12.56 -37.95
CA PHE B 408 -18.17 -11.95 -38.04
C PHE B 408 -18.60 -11.26 -36.71
N PRO B 409 -19.40 -10.17 -36.79
CA PRO B 409 -19.79 -9.39 -35.61
C PRO B 409 -21.30 -9.12 -35.33
N ILE B 410 -21.77 -9.49 -34.15
CA ILE B 410 -22.75 -8.67 -33.40
C ILE B 410 -24.12 -8.15 -33.98
N THR B 411 -25.21 -8.95 -34.07
CA THR B 411 -26.61 -8.33 -34.19
C THR B 411 -27.90 -9.19 -34.06
N GLY B 412 -29.00 -8.47 -33.80
CA GLY B 412 -30.19 -9.00 -33.13
C GLY B 412 -30.30 -8.40 -31.72
N LEU B 413 -29.59 -7.28 -31.48
CA LEU B 413 -29.46 -6.69 -30.12
C LEU B 413 -30.01 -5.27 -29.89
N HIS B 414 -29.40 -4.23 -30.47
CA HIS B 414 -30.12 -2.99 -30.87
C HIS B 414 -30.71 -1.98 -29.85
N GLY B 415 -30.83 -2.34 -28.57
CA GLY B 415 -31.40 -1.43 -27.55
C GLY B 415 -30.34 -0.47 -27.02
N LEU B 416 -29.12 -0.64 -27.55
CA LEU B 416 -27.92 -0.02 -26.99
C LEU B 416 -27.86 1.48 -26.77
N THR B 417 -27.20 1.84 -25.68
CA THR B 417 -26.84 3.22 -25.40
C THR B 417 -25.33 3.37 -25.51
N HIS B 418 -24.59 2.27 -25.31
CA HIS B 418 -23.14 2.29 -25.36
C HIS B 418 -22.61 1.04 -26.05
N LEU B 419 -21.69 1.22 -27.00
CA LEU B 419 -21.04 0.08 -27.61
C LEU B 419 -19.57 0.36 -27.74
N LYS B 420 -18.73 -0.55 -27.25
CA LYS B 420 -17.28 -0.50 -27.49
C LYS B 420 -16.82 -1.71 -28.28
N LEU B 421 -16.18 -1.43 -29.41
CA LEU B 421 -15.72 -2.45 -30.32
C LEU B 421 -14.21 -2.25 -30.62
N THR B 422 -13.68 -1.08 -30.24
CA THR B 422 -12.25 -0.76 -30.33
C THR B 422 -11.38 -1.94 -30.07
N GLY B 423 -10.32 -2.06 -30.85
CA GLY B 423 -9.37 -3.13 -30.65
C GLY B 423 -9.77 -4.42 -31.29
N ASN B 424 -10.82 -4.37 -32.10
CA ASN B 424 -11.18 -5.52 -32.91
C ASN B 424 -10.61 -5.39 -34.34
N HIS B 425 -9.71 -6.33 -34.70
CA HIS B 425 -8.74 -6.13 -35.79
C HIS B 425 -8.98 -6.83 -37.10
N ALA B 426 -9.71 -7.94 -37.08
CA ALA B 426 -10.21 -8.51 -38.33
C ALA B 426 -11.59 -7.90 -38.67
N LEU B 427 -12.00 -6.86 -37.93
CA LEU B 427 -13.25 -6.13 -38.20
C LEU B 427 -13.03 -4.84 -39.01
N GLN B 428 -12.18 -4.90 -40.03
CA GLN B 428 -12.18 -3.87 -41.07
C GLN B 428 -13.51 -3.97 -41.81
N SER B 429 -14.05 -5.20 -41.88
CA SER B 429 -15.42 -5.47 -42.39
C SER B 429 -16.44 -4.77 -41.50
N LEU B 430 -16.14 -3.49 -41.25
CA LEU B 430 -16.73 -2.66 -40.22
C LEU B 430 -17.86 -1.94 -40.94
N ILE B 431 -18.94 -2.68 -41.19
CA ILE B 431 -20.04 -2.17 -41.99
C ILE B 431 -20.89 -1.24 -41.11
N SER B 432 -21.50 -1.77 -40.05
CA SER B 432 -22.03 -0.95 -38.94
C SER B 432 -22.97 0.23 -39.30
N SER B 433 -23.96 -0.02 -40.15
CA SER B 433 -24.95 1.01 -40.50
C SER B 433 -25.87 1.17 -39.28
N GLU B 434 -26.10 2.39 -38.80
CA GLU B 434 -26.91 2.56 -37.57
C GLU B 434 -28.39 2.10 -37.72
N ASN B 435 -28.50 0.78 -37.90
CA ASN B 435 -29.77 0.04 -37.91
C ASN B 435 -30.36 0.26 -36.55
N PHE B 436 -29.57 -0.09 -35.54
CA PHE B 436 -29.98 0.12 -34.17
C PHE B 436 -29.84 1.59 -33.73
N PRO B 437 -30.99 2.25 -33.49
CA PRO B 437 -30.97 3.69 -33.27
C PRO B 437 -30.27 4.13 -32.01
N GLU B 438 -30.58 3.39 -30.95
CA GLU B 438 -30.63 3.92 -29.57
C GLU B 438 -29.31 4.53 -29.13
N LEU B 439 -28.26 3.95 -29.68
CA LEU B 439 -26.89 4.28 -29.38
C LEU B 439 -26.62 5.77 -29.15
N LYS B 440 -25.95 6.10 -28.04
CA LYS B 440 -25.40 7.45 -27.80
C LYS B 440 -23.90 7.49 -27.51
N VAL B 441 -23.25 6.33 -27.42
CA VAL B 441 -21.81 6.25 -27.24
C VAL B 441 -21.29 5.02 -27.98
N ILE B 442 -20.63 5.28 -29.10
CA ILE B 442 -19.97 4.25 -29.85
C ILE B 442 -18.48 4.36 -29.62
N GLU B 443 -17.81 3.23 -29.77
CA GLU B 443 -16.38 3.16 -30.00
C GLU B 443 -16.09 2.12 -31.08
N MET B 444 -15.68 2.60 -32.27
CA MET B 444 -15.45 1.76 -33.44
C MET B 444 -13.97 1.46 -33.57
N PRO B 445 -13.63 0.25 -34.07
CA PRO B 445 -12.21 -0.09 -34.20
C PRO B 445 -11.44 0.87 -35.12
N TYR B 446 -12.02 1.19 -36.30
CA TYR B 446 -11.36 2.06 -37.28
C TYR B 446 -12.01 3.43 -37.27
N ALA B 447 -11.14 4.45 -37.39
CA ALA B 447 -11.52 5.86 -37.31
C ALA B 447 -12.68 6.18 -38.23
N TYR B 448 -12.85 5.35 -39.26
CA TYR B 448 -13.70 5.69 -40.38
C TYR B 448 -15.19 5.54 -40.14
N GLN B 449 -15.62 4.45 -39.49
CA GLN B 449 -17.06 4.28 -39.24
C GLN B 449 -17.66 5.23 -38.20
N CYS B 450 -16.86 6.12 -37.62
CA CYS B 450 -17.41 7.25 -36.84
C CYS B 450 -18.09 8.33 -37.69
N CYS B 451 -17.35 8.90 -38.64
CA CYS B 451 -17.93 9.88 -39.58
C CYS B 451 -18.72 9.22 -40.71
N ALA B 452 -18.36 7.98 -41.09
CA ALA B 452 -19.10 7.23 -42.09
C ALA B 452 -20.53 6.90 -41.62
N PHE B 453 -20.80 7.15 -40.33
CA PHE B 453 -22.14 7.08 -39.74
C PHE B 453 -23.03 5.95 -40.24
N HIS B 508 -30.19 13.58 -30.58
CA HIS B 508 -29.51 12.46 -31.24
C HIS B 508 -27.98 12.61 -31.13
N SER B 509 -27.49 12.76 -29.90
CA SER B 509 -26.09 13.11 -29.65
C SER B 509 -25.17 11.89 -29.76
N VAL B 510 -24.92 11.45 -30.98
CA VAL B 510 -24.04 10.29 -31.20
C VAL B 510 -22.60 10.72 -30.95
N GLN B 511 -22.21 10.67 -29.69
CA GLN B 511 -20.81 10.86 -29.31
C GLN B 511 -20.04 9.70 -29.90
N CYS B 512 -18.96 9.97 -30.62
CA CYS B 512 -18.29 8.92 -31.38
C CYS B 512 -16.76 8.87 -31.14
N SER B 513 -16.16 7.69 -31.33
CA SER B 513 -14.72 7.48 -31.14
C SER B 513 -14.20 6.37 -32.08
N PRO B 514 -12.94 6.49 -32.55
CA PRO B 514 -11.86 7.35 -32.04
C PRO B 514 -11.83 8.81 -32.52
N SER B 515 -11.54 9.04 -33.80
CA SER B 515 -11.32 10.39 -34.31
C SER B 515 -12.17 10.67 -35.56
N PRO B 516 -13.33 11.32 -35.37
CA PRO B 516 -14.16 11.79 -36.49
C PRO B 516 -13.39 12.74 -37.44
N GLY B 517 -13.31 12.38 -38.72
CA GLY B 517 -12.48 13.10 -39.69
C GLY B 517 -13.13 14.34 -40.30
N CYS C 8 7.99 -29.98 -16.04
CA CYS C 8 8.54 -28.91 -15.11
C CYS C 8 9.72 -29.40 -14.27
N ALA C 9 10.73 -28.55 -14.14
CA ALA C 9 12.04 -28.98 -13.65
C ALA C 9 12.05 -29.52 -12.20
N LYS C 10 13.22 -29.97 -11.74
CA LYS C 10 13.35 -30.75 -10.48
C LYS C 10 12.55 -30.24 -9.29
N GLY C 11 12.96 -29.12 -8.70
CA GLY C 11 12.23 -28.50 -7.57
C GLY C 11 11.55 -27.20 -7.99
N CYS C 12 11.06 -27.18 -9.20
CA CYS C 12 10.51 -25.96 -9.72
C CYS C 12 9.03 -26.22 -9.84
N GLU C 13 8.18 -25.29 -9.44
CA GLU C 13 6.75 -25.54 -9.57
C GLU C 13 6.05 -24.61 -10.59
N LEU C 14 6.84 -23.93 -11.41
CA LEU C 14 6.29 -23.17 -12.50
C LEU C 14 7.33 -22.93 -13.59
N CYS C 15 6.92 -23.21 -14.85
CA CYS C 15 7.82 -23.44 -16.00
C CYS C 15 7.55 -22.59 -17.20
N SER C 16 8.54 -22.56 -18.07
CA SER C 16 8.34 -22.12 -19.46
C SER C 16 9.38 -22.87 -20.25
N GLU C 17 9.24 -22.84 -21.56
CA GLU C 17 10.33 -23.28 -22.40
C GLU C 17 11.35 -22.15 -22.43
N VAL C 18 10.85 -20.93 -22.62
CA VAL C 18 11.71 -19.78 -22.85
C VAL C 18 12.43 -19.33 -21.59
N ASN C 19 11.63 -19.12 -20.53
CA ASN C 19 12.13 -18.63 -19.24
C ASN C 19 12.49 -19.70 -18.22
N GLY C 20 12.38 -20.96 -18.56
CA GLY C 20 12.65 -22.03 -17.59
C GLY C 20 11.76 -21.82 -16.38
N CYS C 21 12.37 -21.84 -15.21
CA CYS C 21 11.64 -21.77 -13.97
C CYS C 21 11.15 -20.38 -13.56
N LEU C 22 9.94 -20.33 -13.00
CA LEU C 22 9.33 -19.05 -12.59
C LEU C 22 9.02 -18.96 -11.09
N LYS C 23 8.83 -20.10 -10.42
CA LYS C 23 8.65 -20.15 -9.00
C LYS C 23 9.20 -21.47 -8.48
N CYS C 24 10.02 -21.40 -7.43
CA CYS C 24 10.61 -22.59 -6.85
C CYS C 24 9.78 -23.09 -5.69
N SER C 25 10.04 -24.34 -5.31
CA SER C 25 9.52 -24.87 -4.07
C SER C 25 9.92 -23.95 -2.91
N PRO C 26 9.17 -24.00 -1.80
CA PRO C 26 9.29 -23.08 -0.67
C PRO C 26 10.72 -22.71 -0.19
N LYS C 27 11.50 -23.68 0.19
CA LYS C 27 12.74 -23.36 0.85
C LYS C 27 13.90 -23.25 -0.15
N LEU C 28 13.63 -23.37 -1.43
CA LEU C 28 14.71 -23.35 -2.44
C LEU C 28 14.97 -21.94 -2.98
N PHE C 29 16.12 -21.78 -3.65
CA PHE C 29 16.54 -20.50 -4.21
C PHE C 29 16.48 -20.46 -5.69
N ILE C 30 16.08 -19.34 -6.25
CA ILE C 30 16.04 -19.20 -7.69
C ILE C 30 17.28 -18.50 -8.20
N LEU C 31 17.95 -19.16 -9.14
CA LEU C 31 19.05 -18.57 -9.88
C LEU C 31 18.66 -18.35 -11.33
N LEU C 32 18.90 -17.17 -11.85
CA LEU C 32 18.80 -16.90 -13.27
C LEU C 32 20.12 -17.24 -13.95
N GLU C 33 20.24 -18.45 -14.52
CA GLU C 33 21.45 -18.89 -15.30
C GLU C 33 21.47 -18.38 -16.74
N ARG C 34 22.47 -17.57 -17.07
CA ARG C 34 22.68 -17.13 -18.46
C ARG C 34 23.62 -18.02 -19.24
N ASN C 35 23.25 -18.32 -20.49
CA ASN C 35 24.11 -19.13 -21.35
C ASN C 35 23.64 -19.29 -22.79
N ASP C 36 24.07 -18.58 -23.80
CA ASP C 36 24.76 -17.34 -23.83
C ASP C 36 23.64 -16.32 -24.13
N ILE C 37 22.84 -16.59 -25.16
CA ILE C 37 21.69 -15.72 -25.51
C ILE C 37 20.56 -15.89 -24.48
N ARG C 38 20.62 -17.04 -23.81
CA ARG C 38 19.58 -17.52 -22.94
C ARG C 38 19.75 -17.05 -21.53
N GLN C 39 18.61 -16.80 -20.88
CA GLN C 39 18.56 -16.58 -19.45
C GLN C 39 17.37 -17.35 -18.91
N VAL C 40 17.68 -18.32 -18.07
CA VAL C 40 16.73 -19.31 -17.65
C VAL C 40 16.68 -19.42 -16.11
N GLY C 41 15.49 -19.68 -15.56
CA GLY C 41 15.31 -19.81 -14.14
C GLY C 41 15.65 -21.22 -13.69
N VAL C 42 16.47 -21.32 -12.65
CA VAL C 42 16.85 -22.61 -12.07
C VAL C 42 16.69 -22.57 -10.54
N CYS C 43 16.22 -23.67 -9.97
CA CYS C 43 15.97 -23.75 -8.54
C CYS C 43 16.94 -24.65 -7.86
N LEU C 44 17.72 -24.10 -6.95
CA LEU C 44 18.67 -24.93 -6.25
C LEU C 44 18.55 -24.71 -4.76
N PRO C 45 18.98 -25.71 -3.97
CA PRO C 45 18.80 -25.66 -2.50
C PRO C 45 19.76 -24.76 -1.82
N SER C 46 21.00 -24.75 -2.26
CA SER C 46 21.89 -23.68 -1.85
C SER C 46 22.45 -22.99 -3.09
N CYS C 47 22.87 -21.75 -2.92
CA CYS C 47 23.44 -21.01 -4.02
C CYS C 47 24.86 -21.44 -4.32
N PRO C 48 25.32 -21.17 -5.55
CA PRO C 48 26.65 -21.56 -5.91
C PRO C 48 27.63 -20.46 -5.54
N PRO C 49 28.93 -20.72 -5.71
CA PRO C 49 30.13 -19.91 -5.41
C PRO C 49 30.12 -18.40 -5.64
N GLY C 50 29.77 -17.94 -6.82
CA GLY C 50 29.63 -16.48 -6.93
C GLY C 50 28.66 -15.82 -5.92
N TYR C 51 27.86 -16.61 -5.19
CA TYR C 51 26.62 -16.11 -4.63
C TYR C 51 26.40 -16.40 -3.17
N PHE C 52 25.48 -15.65 -2.59
CA PHE C 52 24.88 -16.03 -1.33
C PHE C 52 23.33 -16.22 -1.36
N ASP C 53 22.85 -17.06 -0.45
CA ASP C 53 21.43 -17.33 -0.29
C ASP C 53 20.80 -16.14 0.38
N ALA C 54 19.63 -15.76 -0.11
CA ALA C 54 18.94 -14.60 0.36
C ALA C 54 17.46 -14.94 0.42
N ARG C 55 17.04 -15.35 1.62
CA ARG C 55 15.70 -15.89 1.88
C ARG C 55 14.76 -14.70 1.95
N ASN C 56 13.58 -14.81 1.35
CA ASN C 56 12.57 -13.76 1.45
C ASN C 56 11.20 -14.38 1.45
N PRO C 57 10.23 -13.71 2.07
CA PRO C 57 8.93 -14.35 2.20
C PRO C 57 8.27 -14.73 0.89
N ASP C 58 8.34 -13.85 -0.10
CA ASP C 58 7.76 -14.14 -1.42
C ASP C 58 8.65 -15.01 -2.29
N MET C 59 9.92 -14.65 -2.43
CA MET C 59 10.82 -15.43 -3.26
C MET C 59 12.25 -15.46 -2.79
N ASN C 60 12.76 -16.65 -2.50
CA ASN C 60 14.18 -16.83 -2.16
C ASN C 60 15.02 -16.72 -3.43
N LYS C 61 16.22 -16.15 -3.31
CA LYS C 61 16.93 -15.63 -4.46
C LYS C 61 18.44 -15.75 -4.24
N CYS C 62 19.16 -16.32 -5.22
CA CYS C 62 20.65 -16.36 -5.18
C CYS C 62 21.15 -14.98 -5.62
N ILE C 63 22.04 -14.38 -4.84
CA ILE C 63 22.50 -13.05 -5.08
C ILE C 63 24.03 -13.02 -5.21
N LYS C 64 24.50 -12.22 -6.15
CA LYS C 64 25.89 -12.29 -6.54
C LYS C 64 26.71 -11.55 -5.51
N CYS C 65 27.72 -12.26 -5.01
CA CYS C 65 28.66 -11.74 -4.04
C CYS C 65 29.61 -10.77 -4.74
N LYS C 66 29.41 -9.47 -4.59
CA LYS C 66 30.11 -8.53 -5.47
C LYS C 66 31.45 -8.07 -4.95
N ILE C 67 31.70 -8.27 -3.66
CA ILE C 67 32.72 -7.51 -2.92
C ILE C 67 34.16 -7.96 -3.14
N GLU C 68 34.99 -6.95 -3.47
CA GLU C 68 36.45 -7.01 -3.73
C GLU C 68 37.25 -8.15 -3.10
N HIS C 69 37.65 -9.10 -3.93
CA HIS C 69 38.53 -10.20 -3.52
C HIS C 69 37.85 -11.22 -2.64
N CYS C 70 36.51 -11.24 -2.61
CA CYS C 70 35.76 -12.19 -1.78
C CYS C 70 35.37 -13.41 -2.57
N GLU C 71 35.50 -14.59 -1.98
CA GLU C 71 35.09 -15.84 -2.58
C GLU C 71 33.77 -16.33 -2.02
N ALA C 72 33.41 -15.90 -0.81
CA ALA C 72 32.17 -16.34 -0.19
C ALA C 72 31.68 -15.33 0.83
N CYS C 73 30.46 -14.85 0.65
CA CYS C 73 29.93 -13.89 1.61
C CYS C 73 28.71 -14.36 2.31
N PHE C 74 28.42 -13.65 3.38
CA PHE C 74 27.27 -13.88 4.19
C PHE C 74 26.13 -13.04 3.64
N SER C 75 26.46 -11.81 3.30
CA SER C 75 25.56 -10.90 2.64
C SER C 75 26.35 -10.05 1.70
N HIS C 76 25.68 -9.10 1.07
CA HIS C 76 26.26 -8.41 -0.07
C HIS C 76 27.48 -7.67 0.41
N ASN C 77 27.38 -7.22 1.64
CA ASN C 77 28.34 -6.39 2.34
C ASN C 77 29.42 -7.13 3.08
N PHE C 78 29.26 -8.41 3.32
CA PHE C 78 30.06 -9.05 4.38
C PHE C 78 30.60 -10.37 3.95
N CYS C 79 31.90 -10.33 3.70
CA CYS C 79 32.66 -11.45 3.21
C CYS C 79 32.98 -12.45 4.33
N THR C 80 33.00 -13.72 3.97
CA THR C 80 33.22 -14.80 4.91
C THR C 80 34.54 -15.53 4.63
N LYS C 81 35.07 -15.40 3.42
CA LYS C 81 36.29 -16.06 3.04
C LYS C 81 36.87 -15.19 1.94
N CYS C 82 38.04 -14.60 2.18
CA CYS C 82 38.71 -13.80 1.15
C CYS C 82 39.57 -14.72 0.32
N LYS C 83 39.89 -14.31 -0.91
CA LYS C 83 40.80 -15.08 -1.78
C LYS C 83 42.13 -15.33 -1.08
N GLU C 84 42.85 -16.38 -1.46
CA GLU C 84 44.21 -16.57 -0.94
C GLU C 84 45.11 -15.50 -1.60
N GLY C 85 45.96 -14.80 -0.84
CA GLY C 85 46.08 -14.93 0.62
C GLY C 85 45.87 -13.57 1.25
N LEU C 86 44.70 -12.98 1.02
CA LEU C 86 44.34 -11.69 1.63
C LEU C 86 43.87 -11.85 3.07
N TYR C 87 43.79 -10.72 3.74
CA TYR C 87 43.51 -10.68 5.15
C TYR C 87 42.06 -10.26 5.37
N LEU C 88 41.37 -11.00 6.26
CA LEU C 88 39.91 -10.84 6.44
C LEU C 88 39.57 -10.15 7.73
N HIS C 89 39.03 -8.95 7.65
CA HIS C 89 38.75 -8.19 8.84
C HIS C 89 37.37 -7.55 8.78
N LYS C 90 36.55 -7.88 9.78
CA LYS C 90 35.17 -7.38 9.82
C LYS C 90 34.46 -7.51 8.45
N GLY C 91 34.54 -8.68 7.84
CA GLY C 91 33.82 -8.94 6.61
C GLY C 91 34.31 -8.29 5.33
N ARG C 92 35.39 -7.52 5.38
CA ARG C 92 35.98 -7.02 4.15
C ARG C 92 37.38 -7.58 3.98
N CYS C 93 37.92 -7.41 2.77
CA CYS C 93 39.21 -7.99 2.37
C CYS C 93 40.32 -6.94 2.15
N TYR C 94 41.44 -7.13 2.85
CA TYR C 94 42.56 -6.23 2.74
C TYR C 94 43.89 -6.94 2.40
N PRO C 95 44.86 -6.20 1.83
CA PRO C 95 46.23 -6.73 1.69
C PRO C 95 46.94 -6.75 3.02
N ALA C 96 46.76 -5.65 3.76
CA ALA C 96 47.42 -5.44 5.03
C ALA C 96 46.41 -5.47 6.16
N CYS C 97 46.65 -6.36 7.10
CA CYS C 97 45.75 -6.59 8.21
C CYS C 97 45.80 -5.54 9.33
N PRO C 98 44.88 -4.55 9.34
CA PRO C 98 44.96 -3.65 10.49
C PRO C 98 44.56 -4.35 11.81
N GLU C 99 45.44 -4.31 12.80
CA GLU C 99 45.19 -4.81 14.18
C GLU C 99 44.85 -6.30 14.34
N GLY C 100 45.76 -7.19 13.94
CA GLY C 100 45.70 -8.60 14.38
C GLY C 100 45.48 -9.65 13.30
N THR C 107 46.92 -19.48 8.90
CA THR C 107 45.72 -18.73 9.31
C THR C 107 45.73 -17.26 8.84
N MET C 108 44.82 -16.92 7.92
CA MET C 108 44.84 -15.64 7.20
C MET C 108 43.69 -14.69 7.52
N GLU C 109 43.11 -14.84 8.71
CA GLU C 109 41.89 -14.13 9.09
C GLU C 109 42.10 -12.96 10.05
N CYS C 110 42.70 -11.90 9.50
CA CYS C 110 42.98 -10.62 10.19
C CYS C 110 42.12 -10.22 11.40
N SER C 111 42.45 -10.73 12.58
CA SER C 111 41.79 -10.29 13.81
C SER C 111 42.52 -10.79 15.06
N CYS D 8 -9.56 32.06 11.70
CA CYS D 8 -9.87 30.59 11.80
C CYS D 8 -10.66 30.23 13.07
N ALA D 9 -11.65 29.35 12.94
CA ALA D 9 -12.67 29.15 13.99
C ALA D 9 -12.14 28.61 15.34
N LYS D 10 -13.03 28.45 16.32
CA LYS D 10 -12.66 28.22 17.74
C LYS D 10 -11.52 27.23 18.00
N GLY D 11 -11.78 25.93 17.85
CA GLY D 11 -10.75 24.87 18.00
C GLY D 11 -10.39 24.27 16.65
N CYS D 12 -10.41 25.10 15.63
CA CYS D 12 -10.23 24.62 14.28
C CYS D 12 -8.88 25.16 13.88
N GLU D 13 -8.03 24.33 13.29
CA GLU D 13 -6.69 24.82 12.90
C GLU D 13 -6.51 24.90 11.39
N LEU D 14 -7.60 24.79 10.65
CA LEU D 14 -7.55 24.97 9.20
C LEU D 14 -8.93 25.33 8.61
N CYS D 15 -8.94 26.37 7.77
CA CYS D 15 -10.16 27.14 7.41
C CYS D 15 -10.44 27.30 5.93
N SER D 16 -11.68 27.67 5.64
CA SER D 16 -12.08 28.20 4.34
C SER D 16 -13.27 29.11 4.56
N GLU D 17 -13.61 29.90 3.56
CA GLU D 17 -14.88 30.58 3.55
C GLU D 17 -15.93 29.57 3.13
N VAL D 18 -15.63 28.83 2.07
CA VAL D 18 -16.61 27.92 1.47
C VAL D 18 -16.85 26.68 2.33
N ASN D 19 -15.76 26.01 2.71
CA ASN D 19 -15.83 24.77 3.47
C ASN D 19 -15.71 24.90 4.99
N GLY D 20 -15.59 26.10 5.51
CA GLY D 20 -15.38 26.28 6.95
C GLY D 20 -14.15 25.51 7.39
N CYS D 21 -14.31 24.68 8.42
CA CYS D 21 -13.18 23.97 9.02
C CYS D 21 -12.72 22.73 8.25
N LEU D 22 -11.40 22.54 8.20
CA LEU D 22 -10.81 21.41 7.48
C LEU D 22 -9.99 20.44 8.37
N LYS D 23 -9.49 20.93 9.51
CA LYS D 23 -8.82 20.08 10.48
C LYS D 23 -9.01 20.65 11.87
N CYS D 24 -9.40 19.80 12.81
CA CYS D 24 -9.62 20.22 14.18
C CYS D 24 -8.42 19.97 15.03
N SER D 25 -8.39 20.58 16.20
CA SER D 25 -7.44 20.22 17.25
C SER D 25 -7.52 18.73 17.61
N PRO D 26 -6.44 18.14 18.16
CA PRO D 26 -6.27 16.70 18.45
C PRO D 26 -7.46 15.90 19.03
N LYS D 27 -7.95 16.29 20.20
CA LYS D 27 -8.96 15.45 20.83
C LYS D 27 -10.38 15.88 20.45
N LEU D 28 -10.52 16.81 19.50
CA LEU D 28 -11.85 17.30 19.11
C LEU D 28 -12.45 16.55 17.93
N PHE D 29 -13.77 16.73 17.72
CA PHE D 29 -14.50 16.05 16.64
C PHE D 29 -14.93 17.02 15.56
N ILE D 30 -14.91 16.57 14.32
CA ILE D 30 -15.38 17.38 13.23
C ILE D 30 -16.79 16.99 12.86
N LEU D 31 -17.65 18.00 12.81
CA LEU D 31 -18.99 17.86 12.26
C LEU D 31 -19.14 18.65 10.97
N LEU D 32 -19.68 18.01 9.95
CA LEU D 32 -20.10 18.67 8.73
C LEU D 32 -21.56 19.16 8.89
N GLU D 33 -21.74 20.42 9.29
CA GLU D 33 -23.08 21.05 9.39
C GLU D 33 -23.65 21.49 8.03
N ARG D 34 -24.80 20.95 7.64
CA ARG D 34 -25.49 21.39 6.40
C ARG D 34 -26.57 22.48 6.68
N ASN D 35 -26.27 23.72 6.29
CA ASN D 35 -27.27 24.82 6.23
C ASN D 35 -27.91 24.76 4.82
N ASP D 36 -28.74 25.76 4.50
CA ASP D 36 -28.69 26.38 3.16
C ASP D 36 -28.40 25.37 1.96
N ILE D 37 -27.59 25.83 1.00
CA ILE D 37 -26.92 25.00 -0.02
C ILE D 37 -25.59 24.54 0.57
N ARG D 38 -25.32 24.97 1.80
CA ARG D 38 -23.99 24.90 2.40
C ARG D 38 -23.74 23.62 3.19
N GLN D 39 -22.48 23.17 3.13
CA GLN D 39 -21.97 22.12 4.00
C GLN D 39 -20.61 22.56 4.55
N VAL D 40 -20.56 22.77 5.85
CA VAL D 40 -19.47 23.46 6.49
C VAL D 40 -18.85 22.59 7.58
N GLY D 41 -17.53 22.67 7.74
CA GLY D 41 -16.86 21.94 8.80
C GLY D 41 -16.88 22.68 10.13
N VAL D 42 -17.26 21.98 11.19
CA VAL D 42 -17.26 22.54 12.55
C VAL D 42 -16.56 21.62 13.55
N CYS D 43 -15.81 22.19 14.49
CA CYS D 43 -15.09 21.40 15.46
C CYS D 43 -15.68 21.55 16.83
N LEU D 44 -16.10 20.44 17.42
CA LEU D 44 -16.64 20.47 18.76
C LEU D 44 -16.03 19.36 19.63
N PRO D 45 -16.03 19.53 20.95
CA PRO D 45 -15.40 18.58 21.87
C PRO D 45 -16.17 17.31 22.06
N SER D 46 -17.48 17.41 22.15
CA SER D 46 -18.31 16.24 22.09
C SER D 46 -19.34 16.43 20.99
N CYS D 47 -19.80 15.31 20.46
CA CYS D 47 -20.77 15.40 19.41
C CYS D 47 -22.12 15.77 19.95
N PRO D 48 -22.99 16.32 19.09
CA PRO D 48 -24.30 16.64 19.56
C PRO D 48 -25.24 15.43 19.46
N PRO D 49 -26.45 15.56 20.02
CA PRO D 49 -27.55 14.60 20.10
C PRO D 49 -27.82 13.63 18.94
N GLY D 50 -27.98 14.11 17.72
CA GLY D 50 -28.11 13.14 16.63
C GLY D 50 -26.97 12.12 16.51
N TYR D 51 -25.88 12.30 17.25
CA TYR D 51 -24.60 11.73 16.87
C TYR D 51 -23.86 11.02 17.98
N PHE D 52 -22.89 10.20 17.58
CA PHE D 52 -21.88 9.73 18.52
C PHE D 52 -20.43 10.10 18.12
N ASP D 53 -19.59 10.16 19.14
CA ASP D 53 -18.18 10.45 18.96
C ASP D 53 -17.54 9.24 18.40
N ALA D 54 -16.63 9.44 17.47
CA ALA D 54 -16.00 8.34 16.77
C ALA D 54 -14.56 8.78 16.55
N ARG D 55 -13.73 8.35 17.50
CA ARG D 55 -12.33 8.69 17.54
C ARG D 55 -11.62 7.89 16.48
N ASN D 56 -10.74 8.53 15.72
CA ASN D 56 -10.01 7.85 14.64
C ASN D 56 -8.61 8.43 14.69
N PRO D 57 -7.59 7.68 14.28
CA PRO D 57 -6.23 8.19 14.54
C PRO D 57 -5.90 9.48 13.78
N ASP D 58 -6.31 9.53 12.53
CA ASP D 58 -6.08 10.72 11.70
C ASP D 58 -7.12 11.80 11.98
N MET D 59 -8.40 11.44 12.04
CA MET D 59 -9.45 12.40 12.25
C MET D 59 -10.66 11.90 13.02
N ASN D 60 -10.90 12.52 14.18
CA ASN D 60 -12.10 12.26 14.97
C ASN D 60 -13.31 12.90 14.27
N LYS D 61 -14.46 12.24 14.37
CA LYS D 61 -15.57 12.51 13.45
C LYS D 61 -16.89 12.25 14.16
N CYS D 62 -17.83 13.20 14.08
CA CYS D 62 -19.18 12.99 14.65
C CYS D 62 -19.98 12.25 13.60
N ILE D 63 -20.62 11.19 14.03
CA ILE D 63 -21.31 10.30 13.11
C ILE D 63 -22.76 10.17 13.54
N LYS D 64 -23.62 10.12 12.54
CA LYS D 64 -25.04 10.23 12.82
C LYS D 64 -25.52 8.91 13.33
N CYS D 65 -26.24 9.01 14.44
CA CYS D 65 -26.91 7.90 15.05
C CYS D 65 -28.15 7.53 14.23
N LYS D 66 -28.04 6.51 13.38
CA LYS D 66 -29.19 5.99 12.61
C LYS D 66 -29.64 4.59 13.09
N ILE D 67 -30.29 4.54 14.26
CA ILE D 67 -30.96 3.33 14.71
C ILE D 67 -32.37 3.74 15.17
N GLU D 68 -33.36 3.36 14.36
CA GLU D 68 -34.80 3.55 14.63
C GLU D 68 -35.20 3.86 16.08
N HIS D 69 -35.67 5.08 16.32
CA HIS D 69 -36.20 5.49 17.62
C HIS D 69 -35.14 5.67 18.69
N CYS D 70 -33.87 5.82 18.30
CA CYS D 70 -32.79 6.01 19.27
C CYS D 70 -32.50 7.48 19.49
N GLU D 71 -32.21 7.88 20.72
CA GLU D 71 -31.81 9.26 21.01
C GLU D 71 -30.40 9.42 21.58
N ALA D 72 -29.73 8.30 21.85
CA ALA D 72 -28.29 8.33 22.09
C ALA D 72 -27.68 6.96 21.81
N CYS D 73 -26.71 6.88 20.89
CA CYS D 73 -26.02 5.61 20.69
C CYS D 73 -24.57 5.63 21.05
N PHE D 74 -24.09 4.41 21.17
CA PHE D 74 -22.71 4.15 21.50
C PHE D 74 -21.96 4.07 20.21
N SER D 75 -22.55 3.38 19.24
CA SER D 75 -22.05 3.29 17.88
C SER D 75 -23.22 3.22 16.91
N HIS D 76 -22.93 3.03 15.64
CA HIS D 76 -23.96 3.26 14.64
C HIS D 76 -25.07 2.23 14.85
N ASN D 77 -24.65 1.06 15.27
CA ASN D 77 -25.43 -0.13 15.46
C ASN D 77 -26.08 -0.27 16.82
N PHE D 78 -25.68 0.53 17.80
CA PHE D 78 -26.01 0.20 19.16
C PHE D 78 -26.45 1.40 19.92
N CYS D 79 -27.74 1.37 20.16
CA CYS D 79 -28.40 2.40 20.91
C CYS D 79 -28.16 2.29 22.44
N THR D 80 -28.12 3.42 23.10
CA THR D 80 -27.92 3.49 24.54
C THR D 80 -29.15 4.00 25.29
N LYS D 81 -30.02 4.73 24.61
CA LYS D 81 -31.20 5.29 25.23
C LYS D 81 -32.22 5.40 24.11
N CYS D 82 -33.33 4.67 24.22
CA CYS D 82 -34.40 4.75 23.23
C CYS D 82 -35.34 5.87 23.62
N LYS D 83 -36.07 6.41 22.64
CA LYS D 83 -37.04 7.48 22.88
C LYS D 83 -38.04 7.01 23.94
N GLU D 84 -38.67 7.96 24.63
CA GLU D 84 -39.78 7.60 25.50
C GLU D 84 -40.98 7.21 24.61
N GLY D 85 -41.65 6.09 24.89
CA GLY D 85 -41.34 5.18 25.99
C GLY D 85 -41.14 3.79 25.41
N LEU D 86 -40.19 3.65 24.49
CA LEU D 86 -39.87 2.34 23.90
C LEU D 86 -38.98 1.51 24.80
N TYR D 87 -38.85 0.24 24.44
CA TYR D 87 -38.11 -0.74 25.23
C TYR D 87 -36.74 -1.02 24.61
N LEU D 88 -35.71 -1.03 25.45
CA LEU D 88 -34.32 -1.13 24.97
C LEU D 88 -33.71 -2.48 25.23
N HIS D 89 -33.40 -3.20 24.17
CA HIS D 89 -32.87 -4.55 24.32
C HIS D 89 -31.69 -4.78 23.38
N LYS D 90 -30.56 -5.13 23.99
CA LYS D 90 -29.32 -5.36 23.23
C LYS D 90 -29.06 -4.26 22.21
N GLY D 91 -29.14 -3.02 22.64
CA GLY D 91 -28.83 -1.88 21.77
C GLY D 91 -29.80 -1.51 20.66
N ARG D 92 -30.92 -2.22 20.51
CA ARG D 92 -31.93 -1.72 19.58
C ARG D 92 -33.24 -1.47 20.29
N CYS D 93 -34.16 -0.81 19.58
CA CYS D 93 -35.40 -0.27 20.17
C CYS D 93 -36.68 -0.98 19.68
N TYR D 94 -37.46 -1.46 20.64
CA TYR D 94 -38.70 -2.18 20.32
C TYR D 94 -39.93 -1.60 21.04
N PRO D 95 -41.15 -1.87 20.50
CA PRO D 95 -42.39 -1.56 21.24
C PRO D 95 -42.58 -2.54 22.38
N ALA D 96 -42.32 -3.81 22.07
CA ALA D 96 -42.53 -4.90 22.99
C ALA D 96 -41.19 -5.52 23.38
N CYS D 97 -40.92 -5.55 24.68
CA CYS D 97 -39.67 -6.06 25.24
C CYS D 97 -39.56 -7.59 25.27
N PRO D 98 -38.91 -8.23 24.26
CA PRO D 98 -38.79 -9.68 24.45
C PRO D 98 -37.86 -10.04 25.64
N GLU D 99 -38.38 -10.85 26.57
CA GLU D 99 -37.63 -11.42 27.71
C GLU D 99 -37.00 -10.44 28.73
N GLY D 100 -37.82 -9.61 29.37
CA GLY D 100 -37.39 -8.93 30.61
C GLY D 100 -37.25 -7.41 30.55
N CYS D 110 -34.52 -5.44 29.11
CA CYS D 110 -34.83 -4.03 28.84
C CYS D 110 -34.63 -3.07 30.04
N GLN E 3 4.48 4.29 -35.54
CA GLN E 3 3.33 3.34 -35.57
C GLN E 3 3.84 1.90 -35.50
N LYS E 4 4.35 1.38 -36.61
CA LYS E 4 4.73 -0.04 -36.70
C LYS E 4 6.24 -0.22 -36.88
N ALA E 5 6.72 -1.46 -36.67
CA ALA E 5 8.16 -1.76 -36.61
C ALA E 5 8.57 -2.97 -37.44
N ILE E 6 9.55 -2.76 -38.30
CA ILE E 6 10.12 -3.86 -39.07
C ILE E 6 11.29 -4.37 -38.24
N ILE E 7 11.59 -5.65 -38.36
CA ILE E 7 12.56 -6.27 -37.49
C ILE E 7 13.36 -7.28 -38.26
N ARG E 8 14.63 -7.01 -38.48
CA ARG E 8 15.47 -7.94 -39.21
C ARG E 8 16.11 -8.86 -38.20
N VAL E 9 16.27 -10.13 -38.58
CA VAL E 9 16.94 -11.10 -37.71
C VAL E 9 17.99 -11.83 -38.54
N ILE E 10 19.24 -11.43 -38.33
CA ILE E 10 20.33 -11.98 -39.08
C ILE E 10 21.18 -12.86 -38.17
N PRO E 11 21.07 -14.19 -38.32
CA PRO E 11 22.02 -15.07 -37.62
C PRO E 11 23.47 -14.86 -38.03
N LEU E 12 24.38 -14.94 -37.07
CA LEU E 12 25.82 -14.95 -37.34
C LEU E 12 26.27 -16.34 -37.76
N LYS E 13 25.76 -16.74 -38.92
CA LYS E 13 26.15 -17.94 -39.64
C LYS E 13 26.14 -17.46 -41.08
N MET E 14 27.13 -17.89 -41.86
CA MET E 14 27.27 -17.41 -43.23
C MET E 14 26.06 -17.80 -44.08
N ASP E 15 25.37 -16.79 -44.65
CA ASP E 15 24.23 -17.02 -45.57
C ASP E 15 24.03 -15.93 -46.62
N PRO E 16 24.62 -16.13 -47.81
CA PRO E 16 24.27 -15.36 -49.01
C PRO E 16 22.95 -15.86 -49.62
N THR E 17 22.61 -17.12 -49.34
CA THR E 17 21.37 -17.77 -49.81
C THR E 17 20.25 -17.68 -48.79
N GLY E 18 20.57 -17.82 -47.50
CA GLY E 18 19.59 -17.65 -46.42
C GLY E 18 19.06 -16.24 -46.50
N LYS E 19 18.15 -16.03 -47.45
CA LYS E 19 17.87 -14.71 -48.06
C LYS E 19 17.12 -13.76 -47.12
N LEU E 20 17.73 -12.62 -46.75
CA LEU E 20 17.13 -11.68 -45.78
C LEU E 20 16.51 -12.42 -44.58
N ASN E 21 17.35 -13.15 -43.87
CA ASN E 21 16.91 -14.41 -43.25
C ASN E 21 15.50 -14.38 -42.61
N LEU E 22 15.32 -13.59 -41.56
CA LEU E 22 14.00 -13.43 -40.93
C LEU E 22 13.59 -11.98 -40.88
N THR E 23 12.35 -11.72 -41.28
CA THR E 23 11.75 -10.41 -41.10
C THR E 23 10.43 -10.57 -40.37
N LEU E 24 10.20 -9.72 -39.38
CA LEU E 24 9.01 -9.75 -38.54
C LEU E 24 8.50 -8.34 -38.30
N GLU E 25 7.32 -8.27 -37.69
CA GLU E 25 6.64 -6.99 -37.55
C GLU E 25 6.22 -6.87 -36.09
N GLY E 26 6.01 -5.64 -35.66
CA GLY E 26 5.73 -5.35 -34.27
C GLY E 26 5.21 -3.94 -34.15
N VAL E 27 4.96 -3.49 -32.94
CA VAL E 27 4.40 -2.16 -32.68
C VAL E 27 5.41 -1.40 -31.84
N PHE E 28 5.34 -0.09 -31.86
CA PHE E 28 6.19 0.75 -31.03
C PHE E 28 5.38 1.13 -29.81
N ALA E 29 6.00 1.19 -28.64
CA ALA E 29 5.25 1.36 -27.39
C ALA E 29 4.55 2.69 -27.21
N GLY E 30 5.29 3.73 -26.85
CA GLY E 30 4.64 4.94 -26.35
C GLY E 30 5.28 5.36 -25.07
N VAL E 31 5.68 4.36 -24.29
CA VAL E 31 6.61 4.60 -23.22
C VAL E 31 7.89 5.17 -23.85
N ALA E 32 8.26 4.61 -25.02
CA ALA E 32 9.51 4.91 -25.72
C ALA E 32 9.40 6.08 -26.71
N GLU E 33 10.40 6.22 -27.59
CA GLU E 33 10.50 7.34 -28.57
C GLU E 33 10.35 7.08 -30.09
N ILE E 34 10.45 5.83 -30.53
CA ILE E 34 10.18 5.46 -31.95
C ILE E 34 11.40 5.63 -32.88
N THR E 35 12.60 5.82 -32.33
CA THR E 35 13.82 5.80 -33.17
C THR E 35 14.21 4.33 -33.45
N PRO E 36 15.03 4.08 -34.48
CA PRO E 36 15.44 2.70 -34.80
C PRO E 36 16.57 2.26 -33.90
N ALA E 37 17.05 1.03 -34.09
CA ALA E 37 18.19 0.51 -33.30
C ALA E 37 18.70 -0.82 -33.82
N GLU E 38 19.83 -1.23 -33.27
CA GLU E 38 20.58 -2.34 -33.83
C GLU E 38 21.37 -2.97 -32.72
N GLY E 39 21.55 -4.28 -32.76
CA GLY E 39 22.29 -4.93 -31.70
C GLY E 39 22.22 -6.44 -31.73
N LYS E 40 23.10 -7.06 -30.94
CA LYS E 40 23.03 -8.49 -30.73
C LYS E 40 21.72 -8.80 -30.00
N LEU E 41 21.18 -9.99 -30.25
CA LEU E 41 19.97 -10.43 -29.59
C LEU E 41 20.30 -11.16 -28.30
N MET E 42 19.78 -10.64 -27.19
CA MET E 42 19.90 -11.27 -25.88
C MET E 42 18.52 -11.45 -25.21
N GLN E 43 18.20 -12.71 -24.88
CA GLN E 43 17.00 -13.00 -24.10
C GLN E 43 17.29 -12.87 -22.61
N SER E 44 16.41 -12.17 -21.91
CA SER E 44 16.50 -12.09 -20.46
C SER E 44 15.15 -12.44 -19.78
N HIS E 45 15.25 -13.24 -18.71
CA HIS E 45 14.14 -13.66 -17.85
C HIS E 45 13.43 -12.46 -17.30
N PRO E 46 12.10 -12.46 -17.29
CA PRO E 46 11.42 -11.27 -16.75
C PRO E 46 11.81 -10.90 -15.31
N LEU E 47 12.21 -11.88 -14.51
CA LEU E 47 12.69 -11.65 -13.13
C LEU E 47 14.03 -10.91 -13.05
N TYR E 48 14.78 -10.88 -14.16
CA TYR E 48 16.01 -10.14 -14.22
C TYR E 48 15.72 -8.68 -14.09
N LEU E 49 14.67 -8.20 -14.73
CA LEU E 49 14.35 -6.78 -14.64
C LEU E 49 13.59 -6.48 -13.36
N CYS E 50 14.28 -6.69 -12.24
CA CYS E 50 13.70 -6.57 -10.92
C CYS E 50 14.65 -5.77 -10.07
N ASN E 51 14.06 -5.01 -9.15
CA ASN E 51 14.82 -4.09 -8.33
C ASN E 51 15.60 -4.95 -7.33
N ALA E 52 16.91 -4.76 -7.20
CA ALA E 52 17.76 -4.44 -8.34
C ALA E 52 18.63 -5.68 -8.44
N SER E 53 18.05 -6.75 -8.98
CA SER E 53 18.80 -7.96 -9.32
C SER E 53 20.22 -7.63 -9.80
N ASP E 54 21.03 -8.67 -9.96
CA ASP E 54 22.41 -8.47 -10.41
C ASP E 54 22.47 -8.13 -11.91
N ASP E 55 23.02 -6.96 -12.21
CA ASP E 55 23.31 -6.58 -13.60
C ASP E 55 24.29 -7.59 -14.17
N ASP E 56 23.96 -8.16 -15.32
CA ASP E 56 24.85 -9.11 -16.00
C ASP E 56 26.07 -8.40 -16.60
N ASN E 57 25.98 -7.08 -16.74
CA ASN E 57 27.05 -6.26 -17.29
C ASN E 57 27.48 -6.73 -18.67
N LEU E 58 26.52 -6.76 -19.58
CA LEU E 58 26.76 -7.03 -20.99
C LEU E 58 27.34 -5.78 -21.61
N GLU E 59 27.97 -5.98 -22.75
CA GLU E 59 28.45 -4.85 -23.49
C GLU E 59 27.24 -4.09 -24.01
N PRO E 60 27.09 -2.83 -23.57
CA PRO E 60 25.93 -2.03 -23.99
C PRO E 60 25.70 -2.04 -25.50
N GLY E 61 24.44 -1.98 -25.90
CA GLY E 61 24.06 -1.89 -27.30
C GLY E 61 23.37 -3.13 -27.86
N PHE E 62 23.29 -4.19 -27.06
CA PHE E 62 22.46 -5.39 -27.35
C PHE E 62 20.98 -5.10 -27.28
N ILE E 63 20.21 -5.98 -27.90
CA ILE E 63 18.76 -5.85 -27.88
C ILE E 63 18.19 -7.01 -27.09
N SER E 64 17.43 -6.69 -26.05
CA SER E 64 16.91 -7.75 -25.21
C SER E 64 15.52 -8.11 -25.66
N ILE E 65 15.29 -9.42 -25.69
CA ILE E 65 13.95 -10.00 -25.86
C ILE E 65 13.44 -10.56 -24.51
N VAL E 66 12.30 -10.06 -24.06
CA VAL E 66 11.67 -10.56 -22.84
C VAL E 66 10.34 -11.21 -23.18
N LYS E 67 10.27 -12.52 -22.99
CA LYS E 67 9.03 -13.28 -23.14
C LYS E 67 8.18 -13.20 -21.85
N LEU E 68 7.19 -12.32 -21.83
CA LEU E 68 6.23 -12.27 -20.73
C LEU E 68 5.47 -13.58 -20.52
N GLU E 69 5.00 -13.73 -19.29
CA GLU E 69 4.30 -14.96 -18.87
C GLU E 69 2.91 -14.59 -18.45
N SER E 70 2.07 -15.60 -18.25
CA SER E 70 0.69 -15.34 -17.84
C SER E 70 0.69 -14.50 -16.59
N PRO E 71 0.03 -13.33 -16.60
CA PRO E 71 0.07 -12.42 -15.45
C PRO E 71 -0.90 -12.87 -14.37
N ARG E 72 -1.33 -14.11 -14.47
CA ARG E 72 -2.40 -14.68 -13.68
C ARG E 72 -1.85 -15.92 -12.95
N ARG E 73 -1.09 -16.74 -13.68
CA ARG E 73 -0.39 -17.88 -13.11
C ARG E 73 0.91 -17.45 -12.46
N ALA E 74 1.43 -16.31 -12.84
CA ALA E 74 2.77 -15.91 -12.44
C ALA E 74 2.70 -15.03 -11.24
N PRO E 75 3.71 -15.15 -10.36
CA PRO E 75 3.87 -14.25 -9.22
C PRO E 75 3.61 -12.77 -9.52
N ARG E 76 3.11 -12.07 -8.52
CA ARG E 76 3.01 -10.64 -8.52
C ARG E 76 4.37 -10.07 -8.95
N PRO E 77 4.37 -9.24 -10.00
CA PRO E 77 5.64 -8.76 -10.56
C PRO E 77 6.36 -7.74 -9.66
N CYS E 78 7.68 -7.85 -9.55
CA CYS E 78 8.53 -6.97 -8.74
C CYS E 78 8.49 -5.48 -9.12
N LEU E 79 8.19 -5.20 -10.39
CA LEU E 79 8.13 -3.83 -10.91
C LEU E 79 7.04 -3.71 -11.96
N SER E 80 6.58 -2.49 -12.20
CA SER E 80 5.72 -2.22 -13.37
C SER E 80 6.50 -2.52 -14.66
N LEU E 81 5.78 -2.74 -15.73
CA LEU E 81 6.39 -3.17 -16.99
C LEU E 81 7.13 -2.02 -17.65
N ALA E 82 6.60 -0.82 -17.42
CA ALA E 82 7.28 0.40 -17.78
C ALA E 82 8.62 0.46 -17.06
N SER E 83 8.59 0.42 -15.73
CA SER E 83 9.80 0.38 -14.91
C SER E 83 10.81 -0.65 -15.44
N LYS E 84 10.30 -1.79 -15.91
CA LYS E 84 11.14 -2.89 -16.40
C LYS E 84 11.80 -2.50 -17.70
N ALA E 85 11.03 -1.84 -18.54
CA ALA E 85 11.51 -1.38 -19.81
C ALA E 85 12.62 -0.36 -19.61
N ARG E 86 12.40 0.59 -18.70
CA ARG E 86 13.45 1.51 -18.31
C ARG E 86 14.71 0.77 -17.86
N MET E 87 14.58 -0.11 -16.87
CA MET E 87 15.73 -0.81 -16.33
C MET E 87 16.56 -1.46 -17.42
N ALA E 88 15.91 -2.20 -18.31
CA ALA E 88 16.63 -2.95 -19.35
C ALA E 88 17.57 -2.04 -20.12
N GLY E 89 17.14 -0.79 -20.35
CA GLY E 89 17.95 0.19 -21.09
C GLY E 89 19.06 0.84 -20.26
N GLU E 90 18.71 1.32 -19.07
CA GLU E 90 19.69 1.76 -18.07
C GLU E 90 20.81 0.73 -17.88
N ARG E 91 20.50 -0.51 -18.16
CA ARG E 91 21.44 -1.61 -18.05
C ARG E 91 22.12 -2.00 -19.34
N GLY E 92 21.91 -1.26 -20.43
CA GLY E 92 22.69 -1.48 -21.63
C GLY E 92 21.93 -1.63 -22.93
N ALA E 93 20.63 -1.85 -22.88
CA ALA E 93 19.98 -2.37 -24.05
C ALA E 93 19.69 -1.24 -25.02
N SER E 94 20.04 -1.46 -26.27
CA SER E 94 19.82 -0.50 -27.34
C SER E 94 18.35 -0.48 -27.69
N ALA E 95 17.75 -1.67 -27.82
CA ALA E 95 16.30 -1.78 -27.80
C ALA E 95 15.78 -2.84 -26.86
N VAL E 96 14.50 -2.72 -26.51
CA VAL E 96 13.79 -3.70 -25.68
C VAL E 96 12.60 -4.33 -26.42
N LEU E 97 12.65 -5.65 -26.63
CA LEU E 97 11.55 -6.38 -27.27
C LEU E 97 10.74 -7.22 -26.28
N PHE E 98 9.46 -6.89 -26.12
CA PHE E 98 8.55 -7.65 -25.27
C PHE E 98 7.67 -8.62 -26.07
N ASP E 99 7.91 -9.93 -25.96
CA ASP E 99 6.93 -10.92 -26.47
C ASP E 99 5.72 -11.06 -25.55
N ILE E 100 4.60 -10.49 -25.97
CA ILE E 100 3.40 -10.41 -25.11
C ILE E 100 2.26 -11.40 -25.39
N THR E 101 2.57 -12.41 -26.18
CA THR E 101 1.63 -13.46 -26.45
C THR E 101 0.81 -13.84 -25.21
N GLU E 102 1.50 -14.14 -24.12
CA GLU E 102 0.85 -14.64 -22.90
C GLU E 102 0.30 -13.56 -21.96
N ASP E 103 0.50 -12.29 -22.27
CA ASP E 103 0.10 -11.21 -21.36
C ASP E 103 -0.29 -10.03 -22.21
N ARG E 104 -1.21 -10.31 -23.10
CA ARG E 104 -1.84 -9.35 -23.99
C ARG E 104 -2.01 -7.96 -23.39
N ALA E 105 -2.45 -7.89 -22.15
CA ALA E 105 -2.76 -6.60 -21.52
C ALA E 105 -1.53 -5.69 -21.33
N ALA E 106 -0.34 -6.26 -21.49
CA ALA E 106 0.88 -5.48 -21.41
C ALA E 106 0.76 -4.23 -22.25
N ALA E 107 0.17 -4.38 -23.45
CA ALA E 107 0.05 -3.27 -24.39
C ALA E 107 -0.46 -2.04 -23.69
N GLU E 108 -1.57 -2.14 -22.98
CA GLU E 108 -2.15 -0.96 -22.32
C GLU E 108 -1.33 -0.45 -21.11
N GLN E 109 -0.40 -1.27 -20.63
CA GLN E 109 0.52 -0.84 -19.55
C GLN E 109 1.73 -0.09 -20.11
N LEU E 110 2.19 -0.49 -21.29
CA LEU E 110 3.30 0.16 -21.95
C LEU E 110 2.77 1.21 -22.92
N GLN E 111 1.84 2.01 -22.42
CA GLN E 111 1.08 2.91 -23.27
C GLN E 111 1.41 4.34 -22.87
N GLN E 112 1.15 4.70 -21.61
CA GLN E 112 1.39 6.06 -21.14
C GLN E 112 2.86 6.47 -21.32
N PRO E 113 3.09 7.67 -21.91
CA PRO E 113 4.47 8.05 -22.21
C PRO E 113 5.29 8.50 -21.01
N LEU E 114 6.53 8.02 -20.93
CA LEU E 114 7.57 8.68 -20.13
C LEU E 114 8.86 8.86 -20.95
N GLY E 115 8.74 8.76 -22.28
CA GLY E 115 9.79 9.19 -23.22
C GLY E 115 11.17 8.63 -23.01
N LEU E 116 11.39 7.39 -23.47
CA LEU E 116 12.64 6.68 -23.21
C LEU E 116 13.53 6.68 -24.43
N THR E 117 14.77 7.15 -24.24
CA THR E 117 15.75 7.26 -25.34
C THR E 117 15.83 5.93 -26.12
N TRP E 118 15.68 4.81 -25.42
CA TRP E 118 15.67 3.48 -26.05
C TRP E 118 14.25 3.13 -26.51
N PRO E 119 14.14 2.46 -27.65
CA PRO E 119 12.83 2.08 -28.16
C PRO E 119 12.37 0.76 -27.55
N VAL E 120 11.07 0.62 -27.31
CA VAL E 120 10.54 -0.69 -26.90
C VAL E 120 9.42 -1.13 -27.86
N VAL E 121 9.50 -2.36 -28.28
CA VAL E 121 8.66 -2.87 -29.33
C VAL E 121 7.90 -4.14 -28.93
N LEU E 122 6.57 -4.08 -29.05
CA LEU E 122 5.69 -5.16 -28.65
C LEU E 122 5.49 -6.09 -29.82
N ILE E 123 5.39 -7.40 -29.57
CA ILE E 123 5.24 -8.40 -30.65
C ILE E 123 4.47 -9.66 -30.24
N TRP E 124 3.41 -10.01 -30.99
CA TRP E 124 2.51 -11.11 -30.61
C TRP E 124 2.53 -12.35 -31.52
N GLY E 125 1.59 -13.24 -31.26
CA GLY E 125 1.47 -14.56 -31.88
C GLY E 125 2.46 -14.95 -32.98
N ASN E 126 2.14 -14.50 -34.19
CA ASN E 126 2.71 -15.00 -35.47
C ASN E 126 4.23 -14.90 -35.53
N ASP E 127 4.69 -13.67 -35.41
CA ASP E 127 6.09 -13.35 -35.55
C ASP E 127 6.90 -13.81 -34.35
N ALA E 128 6.49 -13.34 -33.17
CA ALA E 128 7.05 -13.75 -31.89
C ALA E 128 7.31 -15.25 -31.85
N GLU E 129 6.32 -16.03 -32.24
CA GLU E 129 6.47 -17.47 -32.20
C GLU E 129 7.74 -17.96 -32.90
N LYS E 130 8.13 -17.26 -33.96
CA LYS E 130 9.32 -17.63 -34.75
C LYS E 130 10.63 -17.13 -34.16
N LEU E 131 10.56 -15.98 -33.49
CA LEU E 131 11.71 -15.45 -32.79
C LEU E 131 12.15 -16.34 -31.62
N MET E 132 11.17 -16.89 -30.91
CA MET E 132 11.41 -17.85 -29.87
C MET E 132 11.79 -19.21 -30.47
N GLU E 133 11.22 -19.54 -31.63
CA GLU E 133 11.65 -20.71 -32.42
C GLU E 133 13.14 -20.58 -32.58
N PHE E 134 13.57 -19.35 -32.83
CA PHE E 134 14.98 -19.07 -32.95
C PHE E 134 15.72 -19.18 -31.61
N VAL E 135 15.38 -18.27 -30.71
CA VAL E 135 16.09 -18.13 -29.41
C VAL E 135 16.09 -19.39 -28.55
N TYR E 136 15.04 -20.20 -28.60
CA TYR E 136 14.99 -21.38 -27.74
C TYR E 136 16.17 -22.26 -28.11
N LYS E 137 16.72 -22.97 -27.12
CA LYS E 137 17.60 -24.15 -27.35
C LYS E 137 17.22 -24.69 -28.73
N ASN E 138 18.22 -24.89 -29.60
CA ASN E 138 18.08 -24.85 -31.09
C ASN E 138 17.77 -23.45 -31.70
N GLN E 139 18.41 -22.41 -31.18
CA GLN E 139 19.35 -22.49 -30.07
C GLN E 139 19.51 -21.12 -29.44
N LYS E 140 20.35 -21.02 -28.41
CA LYS E 140 21.05 -19.78 -28.23
C LYS E 140 21.97 -19.64 -29.46
N ALA E 141 21.33 -19.27 -30.58
CA ALA E 141 22.04 -19.09 -31.83
C ALA E 141 22.35 -17.62 -31.95
N HIS E 142 23.63 -17.26 -31.92
CA HIS E 142 24.01 -15.86 -32.11
C HIS E 142 23.21 -15.21 -33.26
N VAL E 143 22.81 -13.98 -33.03
CA VAL E 143 22.06 -13.23 -34.01
C VAL E 143 22.32 -11.75 -33.83
N ARG E 144 21.90 -11.01 -34.84
CA ARG E 144 22.11 -9.60 -34.93
C ARG E 144 20.76 -9.04 -35.38
N ILE E 145 20.23 -8.05 -34.66
CA ILE E 145 18.89 -7.52 -34.93
C ILE E 145 18.92 -6.07 -35.34
N GLU E 146 18.19 -5.78 -36.40
CA GLU E 146 17.97 -4.41 -36.82
C GLU E 146 16.52 -4.15 -36.58
N LEU E 147 16.27 -3.06 -35.88
CA LEU E 147 14.94 -2.61 -35.61
C LEU E 147 14.84 -1.47 -36.59
N LYS E 148 14.43 -1.86 -37.78
CA LYS E 148 14.28 -0.96 -38.90
C LYS E 148 13.00 -0.18 -38.63
N GLU E 149 13.11 1.14 -38.55
CA GLU E 149 12.02 2.02 -38.06
C GLU E 149 10.77 1.83 -38.96
N PRO E 150 9.77 2.74 -38.91
CA PRO E 150 8.55 2.35 -39.68
C PRO E 150 8.76 2.03 -41.17
N PRO E 151 7.66 1.94 -41.95
CA PRO E 151 7.82 1.91 -43.42
C PRO E 151 7.56 3.28 -44.08
N GLN F 3 -15.47 18.92 -25.48
CA GLN F 3 -14.40 19.93 -25.23
C GLN F 3 -14.77 20.79 -24.02
N LYS F 4 -15.69 21.74 -24.22
CA LYS F 4 -16.05 22.73 -23.19
C LYS F 4 -17.51 22.65 -22.75
N ALA F 5 -17.84 23.36 -21.67
CA ALA F 5 -19.16 23.29 -21.03
C ALA F 5 -19.74 24.67 -20.68
N ILE F 6 -20.96 24.94 -21.16
CA ILE F 6 -21.69 26.15 -20.76
C ILE F 6 -22.56 25.73 -19.56
N ILE F 7 -22.79 26.68 -18.66
CA ILE F 7 -23.40 26.35 -17.38
C ILE F 7 -24.33 27.46 -16.97
N ARG F 8 -25.62 27.15 -16.95
CA ARG F 8 -26.60 28.14 -16.56
C ARG F 8 -26.83 28.07 -15.07
N VAL F 9 -27.02 29.22 -14.44
CA VAL F 9 -27.31 29.30 -13.01
C VAL F 9 -28.57 30.14 -12.78
N ILE F 10 -29.70 29.45 -12.57
CA ILE F 10 -31.00 30.10 -12.43
C ILE F 10 -31.51 30.01 -10.99
N PRO F 11 -31.43 31.12 -10.23
CA PRO F 11 -32.11 31.14 -8.94
C PRO F 11 -33.62 30.99 -9.11
N LEU F 12 -34.27 30.25 -8.21
CA LEU F 12 -35.75 30.12 -8.25
C LEU F 12 -36.45 31.43 -7.83
N LYS F 13 -35.72 32.53 -8.04
CA LYS F 13 -36.22 33.91 -8.04
C LYS F 13 -35.41 34.56 -9.20
N MET F 14 -35.95 35.30 -10.18
CA MET F 14 -37.17 36.14 -10.20
C MET F 14 -36.69 37.63 -10.17
N ASP F 15 -35.86 37.99 -11.16
CA ASP F 15 -35.56 39.41 -11.46
C ASP F 15 -35.31 39.59 -12.97
N PRO F 16 -35.86 40.66 -13.58
CA PRO F 16 -35.80 40.84 -15.05
C PRO F 16 -34.52 41.51 -15.55
N THR F 17 -33.87 42.29 -14.67
CA THR F 17 -32.61 42.97 -14.96
C THR F 17 -31.42 42.15 -14.44
N GLY F 18 -31.60 41.49 -13.29
CA GLY F 18 -30.65 40.46 -12.83
C GLY F 18 -30.55 39.33 -13.83
N LYS F 19 -31.53 39.26 -14.74
CA LYS F 19 -31.44 38.57 -16.03
C LYS F 19 -30.59 37.29 -16.00
N LEU F 20 -31.21 36.25 -15.46
CA LEU F 20 -30.64 34.90 -15.41
C LEU F 20 -29.14 34.99 -15.01
N ASN F 21 -28.90 35.34 -13.74
CA ASN F 21 -27.67 36.08 -13.30
C ASN F 21 -26.25 35.57 -13.59
N LEU F 22 -26.00 34.26 -13.60
CA LEU F 22 -24.66 33.73 -13.94
C LEU F 22 -24.71 32.75 -15.13
N THR F 23 -23.82 32.96 -16.09
CA THR F 23 -23.51 31.95 -17.11
C THR F 23 -22.00 31.81 -17.07
N LEU F 24 -21.53 30.58 -16.99
CA LEU F 24 -20.11 30.37 -16.84
C LEU F 24 -19.66 29.20 -17.70
N GLU F 25 -18.35 29.00 -17.73
CA GLU F 25 -17.69 28.13 -18.67
C GLU F 25 -16.86 27.15 -17.86
N GLY F 26 -16.62 25.97 -18.42
CA GLY F 26 -15.90 24.90 -17.73
C GLY F 26 -15.43 23.88 -18.72
N VAL F 27 -14.78 22.82 -18.25
CA VAL F 27 -14.24 21.78 -19.12
C VAL F 27 -14.96 20.47 -18.78
N PHE F 28 -14.98 19.53 -19.71
CA PHE F 28 -15.52 18.19 -19.47
C PHE F 28 -14.37 17.29 -19.06
N ALA F 29 -14.62 16.38 -18.13
CA ALA F 29 -13.57 15.55 -17.55
C ALA F 29 -13.69 14.08 -17.98
N GLY F 30 -12.54 13.49 -18.34
CA GLY F 30 -12.47 12.22 -19.05
C GLY F 30 -12.83 11.00 -18.24
N VAL F 31 -12.94 11.17 -16.92
CA VAL F 31 -13.51 10.12 -16.07
C VAL F 31 -14.93 9.84 -16.50
N ALA F 32 -15.65 10.91 -16.80
CA ALA F 32 -17.07 10.89 -17.13
C ALA F 32 -17.31 10.61 -18.61
N GLU F 33 -18.56 10.87 -19.02
CA GLU F 33 -18.94 10.83 -20.42
C GLU F 33 -19.05 12.29 -20.83
N ILE F 34 -19.60 12.55 -22.02
CA ILE F 34 -20.09 13.88 -22.34
C ILE F 34 -21.57 13.81 -22.69
N THR F 35 -22.39 14.01 -21.67
CA THR F 35 -23.82 14.16 -21.85
C THR F 35 -24.24 15.34 -20.96
N PRO F 36 -25.40 15.95 -21.27
CA PRO F 36 -25.84 17.11 -20.51
C PRO F 36 -26.47 16.72 -19.18
N ALA F 37 -26.87 17.72 -18.40
CA ALA F 37 -27.57 17.46 -17.13
C ALA F 37 -28.15 18.72 -16.50
N GLU F 38 -29.02 18.50 -15.52
CA GLU F 38 -29.85 19.52 -14.95
C GLU F 38 -30.13 19.15 -13.52
N GLY F 39 -30.24 20.13 -12.63
CA GLY F 39 -30.56 19.84 -11.25
C GLY F 39 -30.42 21.00 -10.32
N LYS F 40 -30.91 20.82 -9.09
CA LYS F 40 -30.73 21.77 -8.02
C LYS F 40 -29.24 21.82 -7.66
N LEU F 41 -28.77 23.00 -7.26
CA LEU F 41 -27.36 23.18 -6.90
C LEU F 41 -27.19 22.87 -5.43
N MET F 42 -26.32 21.89 -5.14
CA MET F 42 -25.92 21.56 -3.78
C MET F 42 -24.40 21.57 -3.62
N GLN F 43 -23.91 22.40 -2.70
CA GLN F 43 -22.50 22.40 -2.32
C GLN F 43 -22.25 21.33 -1.27
N SER F 44 -21.23 20.51 -1.48
CA SER F 44 -20.81 19.53 -0.49
C SER F 44 -19.29 19.62 -0.18
N HIS F 45 -18.98 19.58 1.12
CA HIS F 45 -17.62 19.60 1.67
C HIS F 45 -16.81 18.44 1.11
N PRO F 46 -15.52 18.68 0.77
CA PRO F 46 -14.78 17.57 0.15
C PRO F 46 -14.68 16.34 1.03
N LEU F 47 -14.74 16.52 2.35
CA LEU F 47 -14.75 15.43 3.33
C LEU F 47 -16.02 14.57 3.31
N TYR F 48 -17.10 15.10 2.74
CA TYR F 48 -18.33 14.33 2.59
C TYR F 48 -18.08 13.16 1.67
N LEU F 49 -17.34 13.39 0.59
CA LEU F 49 -17.07 12.30 -0.37
C LEU F 49 -15.92 11.42 0.12
N CYS F 50 -16.16 10.77 1.27
CA CYS F 50 -15.16 9.95 1.96
C CYS F 50 -15.75 8.63 2.37
N ASN F 51 -14.87 7.61 2.40
CA ASN F 51 -15.20 6.19 2.65
C ASN F 51 -16.26 5.96 3.72
N ALA F 52 -16.10 6.64 4.85
CA ALA F 52 -17.05 6.54 5.93
C ALA F 52 -17.65 7.93 6.17
N SER F 53 -18.63 8.29 5.35
CA SER F 53 -19.49 9.41 5.68
C SER F 53 -20.96 9.04 5.58
N ASP F 54 -21.81 9.81 6.27
CA ASP F 54 -23.24 9.62 6.21
C ASP F 54 -23.76 10.21 4.92
N ASP F 55 -24.39 9.36 4.12
CA ASP F 55 -25.17 9.82 2.98
C ASP F 55 -26.23 10.77 3.55
N ASP F 56 -26.32 11.97 3.04
CA ASP F 56 -27.35 12.91 3.49
C ASP F 56 -28.73 12.55 2.91
N ASN F 57 -28.75 11.65 1.93
CA ASN F 57 -29.99 11.14 1.33
C ASN F 57 -30.86 12.27 0.80
N LEU F 58 -30.27 13.05 -0.11
CA LEU F 58 -30.97 14.12 -0.81
C LEU F 58 -31.87 13.51 -1.88
N GLU F 59 -32.82 14.32 -2.34
CA GLU F 59 -33.64 14.05 -3.53
C GLU F 59 -32.73 13.78 -4.73
N PRO F 60 -32.68 12.52 -5.24
CA PRO F 60 -31.83 12.25 -6.41
C PRO F 60 -32.10 13.20 -7.59
N GLY F 61 -31.03 13.58 -8.31
CA GLY F 61 -31.12 14.52 -9.45
C GLY F 61 -30.41 15.87 -9.30
N PHE F 62 -29.90 16.17 -8.09
CA PHE F 62 -29.16 17.43 -7.80
C PHE F 62 -27.78 17.49 -8.44
N ILE F 63 -27.23 18.70 -8.54
CA ILE F 63 -25.87 18.87 -9.03
C ILE F 63 -25.00 19.38 -7.88
N SER F 64 -23.94 18.65 -7.58
CA SER F 64 -23.08 19.05 -6.47
C SER F 64 -21.91 19.88 -6.98
N ILE F 65 -21.62 20.94 -6.24
CA ILE F 65 -20.42 21.74 -6.39
C ILE F 65 -19.43 21.46 -5.22
N VAL F 66 -18.23 21.01 -5.56
CA VAL F 66 -17.18 20.73 -4.57
C VAL F 66 -16.00 21.68 -4.78
N LYS F 67 -15.80 22.57 -3.83
CA LYS F 67 -14.64 23.48 -3.81
C LYS F 67 -13.41 22.82 -3.20
N LEU F 68 -12.52 22.32 -4.06
CA LEU F 68 -11.25 21.74 -3.61
C LEU F 68 -10.40 22.73 -2.81
N GLU F 69 -9.51 22.18 -1.99
CA GLU F 69 -8.62 22.98 -1.13
C GLU F 69 -7.19 22.68 -1.49
N SER F 70 -6.27 23.47 -0.92
CA SER F 70 -4.85 23.30 -1.20
C SER F 70 -4.46 21.89 -0.88
N PRO F 71 -3.95 21.14 -1.87
CA PRO F 71 -3.64 19.72 -1.64
C PRO F 71 -2.30 19.56 -0.89
N ARG F 72 -1.85 20.64 -0.29
CA ARG F 72 -0.52 20.78 0.26
C ARG F 72 -0.63 21.16 1.74
N ARG F 73 -1.55 22.07 2.06
CA ARG F 73 -1.84 22.39 3.45
C ARG F 73 -2.82 21.43 4.06
N ALA F 74 -3.60 20.78 3.22
CA ALA F 74 -4.80 20.11 3.72
C ALA F 74 -4.53 18.66 4.05
N PRO F 75 -5.22 18.16 5.09
CA PRO F 75 -5.23 16.73 5.40
C PRO F 75 -5.28 15.83 4.18
N ARG F 76 -4.57 14.73 4.28
CA ARG F 76 -4.39 13.80 3.20
C ARG F 76 -5.76 13.27 2.82
N PRO F 77 -6.10 13.31 1.53
CA PRO F 77 -7.47 13.01 1.14
C PRO F 77 -7.83 11.53 1.30
N CYS F 78 -9.02 11.30 1.87
CA CYS F 78 -9.55 9.96 2.16
C CYS F 78 -9.73 9.04 0.95
N LEU F 79 -9.89 9.63 -0.23
CA LEU F 79 -10.09 8.90 -1.48
C LEU F 79 -9.47 9.65 -2.65
N SER F 80 -9.18 8.93 -3.73
CA SER F 80 -8.81 9.60 -4.98
C SER F 80 -9.97 10.49 -5.45
N LEU F 81 -9.65 11.45 -6.30
CA LEU F 81 -10.63 12.43 -6.72
C LEU F 81 -11.61 11.80 -7.70
N ALA F 82 -11.11 10.82 -8.45
CA ALA F 82 -11.92 9.98 -9.29
C ALA F 82 -12.94 9.24 -8.42
N SER F 83 -12.43 8.47 -7.45
CA SER F 83 -13.27 7.78 -6.47
C SER F 83 -14.33 8.71 -5.86
N LYS F 84 -13.95 9.97 -5.62
CA LYS F 84 -14.87 10.96 -5.05
C LYS F 84 -15.96 11.34 -6.03
N ALA F 85 -15.57 11.49 -7.29
CA ALA F 85 -16.49 11.82 -8.34
C ALA F 85 -17.52 10.70 -8.49
N ARG F 86 -17.05 9.46 -8.51
CA ARG F 86 -17.94 8.30 -8.53
C ARG F 86 -18.92 8.36 -7.36
N MET F 87 -18.39 8.46 -6.14
CA MET F 87 -19.25 8.46 -4.95
C MET F 87 -20.38 9.48 -5.05
N ALA F 88 -20.05 10.73 -5.40
CA ALA F 88 -21.04 11.81 -5.46
C ALA F 88 -22.24 11.41 -6.30
N GLY F 89 -21.99 10.66 -7.38
CA GLY F 89 -23.05 10.18 -8.28
C GLY F 89 -23.82 8.98 -7.77
N GLU F 90 -23.09 7.93 -7.36
CA GLU F 90 -23.68 6.76 -6.69
C GLU F 90 -24.60 7.18 -5.55
N ARG F 91 -24.30 8.32 -4.95
CA ARG F 91 -24.98 8.73 -3.74
C ARG F 91 -26.10 9.70 -4.03
N GLY F 92 -25.92 10.48 -5.08
CA GLY F 92 -26.76 11.64 -5.29
C GLY F 92 -27.14 11.99 -6.72
N ALA F 93 -26.13 12.14 -7.57
CA ALA F 93 -26.39 12.77 -8.88
C ALA F 93 -25.33 12.81 -9.97
N SER F 94 -25.82 12.71 -11.21
CA SER F 94 -25.28 13.48 -12.34
C SER F 94 -25.91 14.85 -12.13
N ALA F 95 -25.15 15.93 -11.93
CA ALA F 95 -23.76 16.15 -12.34
C ALA F 95 -22.87 16.49 -11.14
N VAL F 96 -21.56 16.41 -11.37
CA VAL F 96 -20.54 16.79 -10.35
C VAL F 96 -19.65 17.93 -10.84
N LEU F 97 -19.68 19.06 -10.12
CA LEU F 97 -18.84 20.22 -10.45
C LEU F 97 -17.71 20.45 -9.45
N PHE F 98 -16.46 20.32 -9.93
CA PHE F 98 -15.27 20.55 -9.11
C PHE F 98 -14.66 21.93 -9.31
N ASP F 99 -14.76 22.81 -8.31
CA ASP F 99 -14.00 24.07 -8.32
C ASP F 99 -12.51 23.83 -7.97
N ILE F 100 -11.69 23.85 -9.03
CA ILE F 100 -10.28 23.43 -9.10
C ILE F 100 -9.25 24.57 -8.86
N THR F 101 -9.74 25.75 -8.53
CA THR F 101 -8.88 26.90 -8.28
C THR F 101 -7.65 26.59 -7.44
N GLU F 102 -7.88 26.04 -6.25
CA GLU F 102 -6.80 25.80 -5.26
C GLU F 102 -6.03 24.52 -5.47
N ASP F 103 -6.40 23.71 -6.45
CA ASP F 103 -5.78 22.40 -6.63
C ASP F 103 -5.78 22.09 -8.11
N ARG F 104 -5.21 23.03 -8.85
CA ARG F 104 -5.03 22.93 -10.29
C ARG F 104 -4.78 21.51 -10.80
N ALA F 105 -3.93 20.78 -10.10
CA ALA F 105 -3.49 19.46 -10.59
C ALA F 105 -4.62 18.45 -10.68
N ALA F 106 -5.75 18.76 -10.05
CA ALA F 106 -6.91 17.90 -10.11
C ALA F 106 -7.18 17.48 -11.55
N ALA F 107 -7.03 18.43 -12.47
CA ALA F 107 -7.31 18.19 -13.88
C ALA F 107 -6.66 16.90 -14.35
N GLU F 108 -5.36 16.75 -14.14
CA GLU F 108 -4.65 15.54 -14.60
C GLU F 108 -5.00 14.26 -13.82
N GLN F 109 -5.65 14.41 -12.66
CA GLN F 109 -6.18 13.26 -11.90
C GLN F 109 -7.54 12.81 -12.41
N LEU F 110 -8.36 13.78 -12.84
CA LEU F 110 -9.68 13.48 -13.39
C LEU F 110 -9.62 13.39 -14.90
N GLN F 111 -8.63 12.65 -15.37
CA GLN F 111 -8.25 12.63 -16.77
C GLN F 111 -8.50 11.23 -17.31
N GLN F 112 -7.82 10.23 -16.74
CA GLN F 112 -7.94 8.84 -17.22
C GLN F 112 -9.39 8.34 -17.16
N PRO F 113 -9.88 7.74 -18.26
CA PRO F 113 -11.29 7.33 -18.27
C PRO F 113 -11.63 6.08 -17.46
N LEU F 114 -12.73 6.16 -16.70
CA LEU F 114 -13.48 4.97 -16.26
C LEU F 114 -14.98 5.09 -16.58
N GLY F 115 -15.35 6.00 -17.49
CA GLY F 115 -16.70 6.06 -18.07
C GLY F 115 -17.88 6.09 -17.11
N LEU F 116 -18.18 7.28 -16.57
CA LEU F 116 -19.22 7.45 -15.56
C LEU F 116 -20.49 8.03 -16.16
N THR F 117 -21.61 7.34 -15.96
CA THR F 117 -22.92 7.75 -16.48
C THR F 117 -23.19 9.25 -16.18
N TRP F 118 -22.73 9.72 -15.03
CA TRP F 118 -22.84 11.13 -14.65
C TRP F 118 -21.65 11.94 -15.19
N PRO F 119 -21.91 13.18 -15.62
CA PRO F 119 -20.85 14.02 -16.16
C PRO F 119 -20.10 14.75 -15.04
N VAL F 120 -18.79 14.94 -15.21
CA VAL F 120 -18.02 15.75 -14.27
C VAL F 120 -17.32 16.90 -15.01
N VAL F 121 -17.48 18.10 -14.45
CA VAL F 121 -17.06 19.33 -15.10
C VAL F 121 -16.17 20.18 -14.19
N LEU F 122 -14.97 20.45 -14.68
CA LEU F 122 -13.96 21.22 -13.95
C LEU F 122 -14.16 22.70 -14.22
N ILE F 123 -13.91 23.55 -13.22
CA ILE F 123 -14.11 24.99 -13.39
C ILE F 123 -13.19 25.83 -12.51
N TRP F 124 -12.47 26.76 -13.10
CA TRP F 124 -11.43 27.44 -12.35
C TRP F 124 -11.51 28.95 -12.34
N GLY F 125 -10.40 29.57 -11.90
CA GLY F 125 -10.31 30.95 -11.51
C GLY F 125 -11.58 31.76 -11.50
N ASN F 126 -11.84 32.42 -12.64
CA ASN F 126 -12.77 33.54 -12.65
C ASN F 126 -14.26 33.25 -12.68
N ASP F 127 -14.70 32.20 -13.40
CA ASP F 127 -16.10 31.80 -13.35
C ASP F 127 -16.41 31.23 -11.97
N ALA F 128 -15.66 30.19 -11.60
CA ALA F 128 -15.74 29.57 -10.27
C ALA F 128 -15.76 30.62 -9.15
N GLU F 129 -14.87 31.60 -9.22
CA GLU F 129 -14.80 32.67 -8.20
C GLU F 129 -16.15 33.36 -7.99
N LYS F 130 -16.95 33.47 -9.05
CA LYS F 130 -18.29 34.09 -8.99
C LYS F 130 -19.38 33.13 -8.47
N LEU F 131 -19.25 31.84 -8.78
CA LEU F 131 -20.18 30.80 -8.29
C LEU F 131 -20.11 30.70 -6.76
N MET F 132 -18.90 30.78 -6.24
CA MET F 132 -18.69 30.80 -4.79
C MET F 132 -19.04 32.16 -4.18
N GLU F 133 -18.83 33.23 -4.96
CA GLU F 133 -19.38 34.55 -4.61
C GLU F 133 -20.87 34.38 -4.38
N PHE F 134 -21.51 33.59 -5.26
CA PHE F 134 -22.95 33.30 -5.17
C PHE F 134 -23.30 32.35 -4.03
N VAL F 135 -22.32 31.76 -3.35
CA VAL F 135 -22.67 30.76 -2.37
C VAL F 135 -22.17 30.91 -0.91
N TYR F 136 -21.21 31.80 -0.57
CA TYR F 136 -21.15 32.31 0.83
C TYR F 136 -22.45 33.04 0.82
N LYS F 137 -23.33 32.59 1.72
CA LYS F 137 -24.54 31.82 1.39
C LYS F 137 -25.52 32.13 0.22
N ASN F 138 -25.60 33.37 -0.31
CA ASN F 138 -24.92 34.55 0.23
C ASN F 138 -25.49 34.82 1.63
N GLN F 139 -26.79 34.99 1.60
CA GLN F 139 -27.72 34.03 2.19
C GLN F 139 -28.43 33.55 0.91
N LYS F 140 -29.23 32.49 0.97
CA LYS F 140 -30.01 31.99 -0.20
C LYS F 140 -30.00 33.00 -1.37
N ALA F 141 -29.45 32.67 -2.56
CA ALA F 141 -29.10 31.33 -3.07
C ALA F 141 -30.39 30.54 -3.33
N HIS F 142 -30.34 29.20 -3.41
CA HIS F 142 -31.49 28.35 -3.81
C HIS F 142 -31.58 28.44 -5.33
N VAL F 143 -31.18 27.40 -6.06
CA VAL F 143 -30.90 27.57 -7.48
C VAL F 143 -31.09 26.28 -8.27
N ARG F 144 -31.08 26.44 -9.59
CA ARG F 144 -31.28 25.37 -10.54
C ARG F 144 -30.20 25.51 -11.63
N ILE F 145 -29.50 24.42 -11.93
CA ILE F 145 -28.37 24.46 -12.87
C ILE F 145 -28.63 23.61 -14.10
N GLU F 146 -28.32 24.18 -15.26
CA GLU F 146 -28.34 23.47 -16.53
C GLU F 146 -26.92 23.40 -17.07
N LEU F 147 -26.58 22.21 -17.55
CA LEU F 147 -25.34 21.98 -18.27
C LEU F 147 -25.55 21.46 -19.69
N LYS F 148 -25.00 22.15 -20.68
CA LYS F 148 -25.08 21.73 -22.11
C LYS F 148 -23.90 22.28 -22.93
N GLU F 149 -23.54 21.57 -24.00
CA GLU F 149 -22.49 21.96 -24.97
C GLU F 149 -22.95 22.70 -26.26
N PRO F 150 -22.05 23.51 -26.87
CA PRO F 150 -22.36 24.16 -28.16
C PRO F 150 -21.97 23.25 -29.34
#